data_6YVV
#
_entry.id   6YVV
#
loop_
_entity.id
_entity.type
_entity.pdbx_description
1 polymer 'Structural maintenance of chromosomes protein 2,Structural maintenance of chromosomes protein 2'
2 polymer 'Structural maintenance of chromosomes protein 4'
3 polymer 'Condensin complex subunit 2,Brn1'
4 polymer 'Condensin complex subunit 1,Ycs4'
#
loop_
_entity_poly.entity_id
_entity_poly.type
_entity_poly.pdbx_seq_one_letter_code
_entity_poly.pdbx_strand_id
1 'polypeptide(L)'
;MKVEELIIDGFKSYATRTVITDWDPQFNAITGLNGSGKSNILDAICFVLGIASMSTVRASSLQDLIYKRGQAGVTKASVT
IVFDNTDKSNSPIGFTNSPQISVTRQVVLGGTSKYLINGHRAPQQSVLQLFQSVQLNINNPNFLIMQGKITKVLNMKPSE
ILSLIEEAAGTKMFEDRREKAERTMSKKETKLQENRTLLTEEIEPKLEKLRNEKRMFLEFQSTQTDLEKTERIVVSYEYY
NIKHKHTSIRETLENGETRMKMLNEFVKKTSEEIDSLNEDVEEIKLQKEKELHKEGTISKLENKENGLLNEISRLKTSLS
IKVENLNDTTEKSKALESEIASSSAKLIEKKSAYANTEKDYKMVQEQLSKQRDLYKRKEELVSTLTTGISSTGAADGGYN
AQLAKAKTELNEVSLAIKKSSMKMELLKKELLTIEPKLKEATKDNELNVKHVKQCQETCDKLRARLVEYGFDPSRIKDLK
QREDKLKSHYYQTCKNSEYLKRRVTNLEFNYTKPYPNFEASFVHGVVGQLFQIDNDNIRYATALQTCAGGRLFNVVVQDS
QTATQLLERGRLRKRVTIIPLDKIYTRPISSQVLDLAKKIAPGKVELAINLIRFDESITKAMEFIFGNSLICEDPETAKK
ITFHPKIRARSITLQGDVYDPEGTLSGGSRNTSESLLVDIQKYNQIQKQIETIQADLNHVTEELQTQYATSQKTKTIQSD
LNLSLHKLDLAKRNLDANPSSQIIARNEEILRDIGECENEIKTKQMSLKKCQEEVSTIEKDMKEYDSDKGSKLNELKKEL
KLLAKELEEQESESERKYDLFQNLELETEQLSSELDSNKTLLHNHLKSIESLKLENSDLEGKIRGVEDDLVTVQTELNEE
KKRLMDIDDELNELETLIKKKQDEKKSSELELQKLVHDLNKYKSNTNNMEKIIEDLRQKHEFLEDFDLVRNIVKQNEGID
LDTYRERSKQLNEKFQELRKKVNPNIMNMIENVEKKEAALKTMIKTIEKDKMKIQETISKLNEYKRETLVKTWEKVTLDF
GNIFADLLPNSFAKLVPCEGKDVTQGLEVKVKLGNIWKESLIELSGGQRSLIALSLIMALLQFRPAPMYILDEVDAALDL
SHTQNIGHLIKTRFKGSQFIVVSLKEGMFANANRVFRTRFQDGTSVVSIM(UNK)(UNK)(UNK)(UNK)(UNK)(UNK)
(UNK)(UNK)
;
A
2 'polypeptide(L)'
;MSDSPLSKRQKRKSAQEPELSLDQGDAEEDSQVENRVNLSENTPEPDLPALEASYSKSYTPRKLVLSSGENRYAFSQPTN
STTTSLHVPNLQPPKTSSRGRDHKSYSQSPPRSPGRSPTRRLELLQLSPVKNSRVELQKIYDRHQSSSKQQSRLFINELV
LENFKSYAGKQVVGPFHTSFSAVVGPNGSGKSNVIDSMLFVFGFRANKMRQDRLSDLIHKSEAFPSLQSCSVAVHFQYVI
DESSGTSRIDEEKPGLIITRKAFKNNSSKYYINEKESSYTEVTKLLKNEGIDLDHKRFLILQGEVENIAQMKPKAEKESD
DGLLEYLEDIIGTANYKPLIEERMGQIENLNEVCLEKENRFEIVDREKNSLESGKETALEFLEKEKQLTLLRSKLFQFKL
LQSNSKLASTLEKISSSNKDLEDEKMKFQESLKKVDEIKAQRKEIKDRISSCSSKEKTLVLERRELEGTRVSLEERTKNL
VSKMEKAEKTLKSTKHSISEAENMLEELRGQQTEHETEIKDLTQLLEKERSILDDIKLSLKDKTKNISAEIIRHEKELEP
WDLQLQEKESQIQLAESELSLLEETQAKLKKNVETLEEKILAKKTHKQELQDLILDLKKKLNSLKDERSQGEKNFTSAHL
KLKEMQKVLNAHRQRAMEARSSLSKAQNKSKVLTALSRLQKSGRINGFHGRLGDLGVIDDSFDVAISTACPRLDDVVVDT
VECAQHCIDYLRKNKLGYARFILLDRLRQFNLQPISTPENVPRLFDLVKPKNPKFSNAFYSVLRDTLVAQNLKQANNVAY
GKKRFRVVTVDGKLIDISGTMSGGGNHVAKGLMKLGTNQSDKVDDYTPEEVDKIERELSERENNFRVASDTVHEMEEELK
KLRDHEPDLESQISKAEMEADSLASELTLAEQQVKEAEMAYVKAVSDKAQLNVVMKNLERLRGEYNDLQSETKTKKEKIK
GLQDEIMKIGGIKLQMQNSKVESVCQKLDILVAKLKKVKSASKKSGGDVVKFQKLLQNSERDVELSSDELKVIEEQLKHT
KLALAENDTNMNETLNLKVELKEQSEQLKEQMEDMEESINEFKSIEIEMKNKLEKLNSLLTYIKSEITQQEKGLNELSIR
DVTHTLGMLDDNKMDSVKEDVKNNQELDQEYRSCETQDESEIKDAETSCDNYHPMNIDETSDEVSRGIPRLSEDELRELD
VELIESKINELSYYVEETNVDIGVLEEYARRLAEFKRRKLDLNNAVQKRDEVKEQLGILKKKRFDEFMAGFNIISMTLKE
MYQMITMGGNAELELVDSLDPFSEGVTFSVMPPKKSWRNITNLSGGEKTLSSLALVFALHKYKPTPLYVMDEIDAALDFR
NVSIVANYIKERTKNAQFIVISLRNNMFELAQQLVGVYKRDNRTKSTTIKNIDILNRT
;
B
3 'polypeptide(L)'
;MTTQLRYENNDDDERVEYNLFTNRSTMMANFEEWIKMATDNKINSRNSWNFALIDYFYDLDVLKDGENNINFQKASATLD
GCIKIYSSRVDSVTTETGKLLSGLAQRKTNGASNGDDSNGGNGEGLGGDSDEANIEIDPLTGMPISNDPDVNNTRRRVYN
RVLETTLVEFETIKMKELDQELIIDPLFKKALVDFDEGGAKSLLLNTLNIDNTARVIFDASIKDTQNVGQGKLQRKEEEL
IERDSLVDDENEPSQSLISTRNDSTVNDSVISAPSMEDEILSLGMDFIKFDQIAVCEISGSIEQLRNVVEDINQAKDFIE
NVNNRFDNFLTEEELQAAVPDNAEDDSDGFDMGMQQELCYPDENHDNTSHDEQDDDNVNSTTGSIFEKDLMAYFDENLNR
NWRGREHWKVRNFKKANLVNKESDLLEETRTTIGDTTDKNTTDDKSMDTKKKHKQKKVLEIDFFKTDDSFEDKVFASKGR
TKIDMPIKNRKNDTHYLLPDDFHFSTDRITRLFIKPGQKMSLFSHRKHTRGDVSSGLFEKSTVSANHSNNDIPTIADEHF
WADNYERKEQEEKEKEQSKEVGDVVGGALDNPFEDDMDGVDFNQAFEGTDDNEEASVKLDLQDDEDHKFPIRENKVTYSR
VSKKVDVRRLKKNVWRSINNLIQEHDSRKNREQSSNDSETHTEDESTKELKFSDIIQGISKMYSDDTLKDISTSFCFICL
LHLANEHGLQITHTENYNDLIVNYEDLATTQAAS(UNK)(UNK)(UNK)(UNK)(UNK)(UNK)(UNK)(UNK)(UNK)
(UNK)(UNK)(UNK)(UNK)(UNK)(UNK)(UNK)(UNK)(UNK)(UNK)
;
C
4 'polypeptide(L)'
;MSGFSLSEYLTKFQTTDRESYPRLQDPSRELNVIIDQLAVSPEQIDASPDSLEALIDLCHDFPHLTPKLQTQLSYLISSS
LSNLSKDIKANLSSNVNFTEIGGLIPQWKRHLEEYGYLIQVLLTFLQDELHKVSSQSTNLNRSAKNSKNDSANVELFKRD
CNQMENLLESITKLLEINLSKIFQTTPEKDLFIGLFTRPLFVLLEIEPVTKVSSLKMFIQRILAMCVKNHGQSSSIQSSL
MTNLTYFLHLSVFNAELLKLLNDEYNYPQLTEDILKEISTRVFNAKDTTGPKAISNFLIKLSELSPGIMLRQMNLVITLL
NNSSITLRCSVVEACGNIVAELAQDPQTMEHYKQQIAVLIELLEERFQDSNPYVRTKAIQGCSKICDLSSKFNKSKAKFT
SLAVRSLQDRSSLVRRNSVKLLSKLLLKHPFKAIHGSQLRLSEWEEYLKGSESQLNSTLKKVESQETLNDTIERSLIEEE
VEQDEGQCRTELEGSFNKSAELSRIENEVENINATNTSVLMKLKLMIVYYKDAISFIKEIHKSIELISNLLFSKNRNEVL
ESMDFLVLADAFDIELSEFGIKKMLHLVWMKGTNDEGTSISVHLIECYKQLFLTAPDSCNMQEKAAHIAKNLINLSIGAS
IADLASLEQLLGMMYEQKLIDQHVINILWAIYNSASKASMQKEQNVNNRDSEKGFSKEQIHGSIIILGMLSLADNEIALK
GLESLLNIGLGAVGLKDLTLCRYSCLALERMVPKRSTIITKAINQELEDVAVKKLYAIIINYTKDNEYYPMCEQALSALF
TISSKPDILATDLIREKTMMTFGKPEEEDSILSLEQSSRVVSLSQLLFIVGQVAIKTLVYLEKCEAEFKKRKIEAETRNG
KVKNQGADVTNTTQDNGGDKELEMIGGTNEDDFTDAIQFVKENELLFGEKSILGKFCPIVEEIVSNSSRFSDPMLQRTAT
LCLEKLMCLSSKYCEKSLPLLITVMEKSPDPTIRSNAVLGLGDMAVCFNNLVDENTDYLYRRLHDENLMVQRTCLMTVTF
LILAGQVKVKGQLGEMAKCLDNPDQGISDMCRLFFTELASKDNAIYNGFIDIFSNLSSDDLLGKESFKKIIKFLLTFIDK
ERHQKQLNEKLVGRLRKCETQKQWDDIAFVLNNLPYKNEDVTALLEQGFKVVSAKE(UNK)(UNK)(UNK)(UNK)
(UNK)(UNK)(UNK)(UNK)(UNK)
;
D
#
# COMPACT_ATOMS: atom_id res chain seq x y z
N MET A 1 13.21 30.30 83.03
CA MET A 1 14.54 30.19 82.45
C MET A 1 15.15 31.58 82.22
N LYS A 2 16.33 31.79 82.78
CA LYS A 2 17.03 33.07 82.68
C LYS A 2 18.44 32.81 82.14
N VAL A 3 18.76 33.42 80.99
CA VAL A 3 20.06 33.27 80.37
C VAL A 3 21.03 34.19 81.11
N GLU A 4 21.81 33.62 82.03
CA GLU A 4 22.80 34.38 82.78
C GLU A 4 24.22 33.89 82.55
N GLU A 5 24.41 32.85 81.73
CA GLU A 5 25.73 32.32 81.43
C GLU A 5 25.82 31.99 79.95
N LEU A 6 26.94 32.35 79.33
CA LEU A 6 27.16 32.11 77.91
C LEU A 6 28.60 31.67 77.72
N ILE A 7 28.80 30.48 77.15
CA ILE A 7 30.12 29.92 76.90
C ILE A 7 30.18 29.54 75.42
N ILE A 8 30.94 30.29 74.65
CA ILE A 8 31.12 30.04 73.22
C ILE A 8 32.60 29.90 72.95
N ASP A 9 33.02 28.73 72.50
CA ASP A 9 34.43 28.46 72.22
C ASP A 9 34.52 27.49 71.05
N GLY A 10 35.52 27.70 70.20
CA GLY A 10 35.73 26.83 69.05
C GLY A 10 34.72 27.06 67.94
N PHE A 11 34.65 28.29 67.43
CA PHE A 11 33.73 28.62 66.35
C PHE A 11 34.45 29.37 65.24
N LYS A 12 33.69 29.87 64.27
CA LYS A 12 34.30 30.60 63.15
C LYS A 12 34.96 31.89 63.60
N SER A 13 34.43 32.52 64.64
CA SER A 13 34.99 33.76 65.19
C SER A 13 35.52 33.61 66.60
N TYR A 14 34.79 32.93 67.48
CA TYR A 14 35.20 32.76 68.88
C TYR A 14 36.26 31.68 68.98
N ALA A 15 37.46 32.03 68.50
CA ALA A 15 38.59 31.12 68.56
C ALA A 15 39.16 31.02 69.97
N THR A 16 39.09 32.10 70.75
CA THR A 16 39.58 32.13 72.12
C THR A 16 38.42 32.25 73.09
N ARG A 17 38.70 31.90 74.35
CA ARG A 17 37.69 31.96 75.40
C ARG A 17 37.58 33.39 75.92
N THR A 18 36.45 34.03 75.66
CA THR A 18 36.21 35.40 76.09
C THR A 18 35.29 35.40 77.31
N VAL A 19 35.66 36.16 78.33
CA VAL A 19 34.87 36.23 79.56
C VAL A 19 33.57 36.97 79.25
N ILE A 20 32.46 36.25 79.28
CA ILE A 20 31.14 36.82 79.02
C ILE A 20 30.28 36.49 80.24
N THR A 21 30.12 37.45 81.13
CA THR A 21 29.34 37.25 82.36
C THR A 21 28.69 38.58 82.72
N ASP A 22 28.20 38.67 83.96
CA ASP A 22 27.55 39.88 84.48
C ASP A 22 26.34 40.26 83.63
N TRP A 23 25.46 39.28 83.41
CA TRP A 23 24.25 39.49 82.63
C TRP A 23 23.14 40.02 83.53
N ASP A 24 22.43 41.03 83.04
CA ASP A 24 21.34 41.61 83.81
C ASP A 24 20.09 40.76 83.67
N PRO A 25 19.46 40.34 84.78
CA PRO A 25 18.27 39.50 84.70
C PRO A 25 16.99 40.23 84.30
N GLN A 26 17.08 41.49 83.89
CA GLN A 26 15.90 42.27 83.51
C GLN A 26 15.97 42.78 82.07
N PHE A 27 17.13 43.21 81.61
CA PHE A 27 17.28 43.74 80.26
C PHE A 27 18.70 43.48 79.79
N ASN A 28 18.83 42.84 78.62
CA ASN A 28 20.13 42.53 78.04
C ASN A 28 20.21 43.16 76.66
N ALA A 29 21.21 44.00 76.44
CA ALA A 29 21.42 44.69 75.16
C ALA A 29 22.86 44.42 74.70
N ILE A 30 23.01 43.54 73.72
CA ILE A 30 24.31 43.21 73.16
C ILE A 30 24.48 44.06 71.90
N THR A 31 25.16 45.19 72.04
CA THR A 31 25.37 46.14 70.96
C THR A 31 26.82 46.10 70.49
N GLY A 32 27.14 46.95 69.52
CA GLY A 32 28.47 47.06 68.98
C GLY A 32 28.45 47.00 67.46
N LEU A 33 29.63 47.22 66.88
CA LEU A 33 29.80 47.20 65.44
C LEU A 33 30.14 45.82 64.89
N ASN A 34 30.54 44.88 65.76
CA ASN A 34 30.89 43.53 65.33
C ASN A 34 29.61 42.75 65.06
N GLY A 35 29.11 42.90 63.84
CA GLY A 35 27.87 42.23 63.48
C GLY A 35 28.05 40.73 63.28
N SER A 36 29.13 40.34 62.61
CA SER A 36 29.37 38.91 62.36
C SER A 36 29.70 38.17 63.65
N GLY A 37 30.47 38.80 64.53
CA GLY A 37 30.80 38.17 65.81
C GLY A 37 29.57 37.94 66.67
N LYS A 38 28.62 38.87 66.61
CA LYS A 38 27.38 38.70 67.37
C LYS A 38 26.47 37.68 66.69
N SER A 39 26.43 37.66 65.36
CA SER A 39 25.59 36.71 64.65
C SER A 39 26.12 35.28 64.75
N ASN A 40 27.42 35.11 65.03
CA ASN A 40 27.96 33.78 65.20
C ASN A 40 27.33 33.06 66.39
N ILE A 41 26.91 33.80 67.41
CA ILE A 41 26.25 33.19 68.56
C ILE A 41 24.93 32.56 68.14
N LEU A 42 24.09 33.32 67.42
CA LEU A 42 22.84 32.77 66.93
C LEU A 42 23.08 31.65 65.92
N ASP A 43 24.14 31.75 65.14
CA ASP A 43 24.48 30.67 64.22
C ASP A 43 24.78 29.38 64.97
N ALA A 44 25.58 29.46 66.03
CA ALA A 44 25.89 28.28 66.83
C ALA A 44 24.63 27.75 67.52
N ILE A 45 23.77 28.64 68.01
CA ILE A 45 22.56 28.21 68.69
C ILE A 45 21.64 27.46 67.72
N CYS A 46 21.45 28.00 66.51
CA CYS A 46 20.59 27.35 65.54
C CYS A 46 21.21 26.08 64.99
N PHE A 47 22.55 26.01 64.96
CA PHE A 47 23.20 24.75 64.59
C PHE A 47 22.99 23.69 65.66
N VAL A 48 22.99 24.09 66.93
CA VAL A 48 22.64 23.17 68.00
C VAL A 48 21.20 22.71 67.86
N LEU A 49 20.30 23.64 67.55
CA LEU A 49 18.89 23.30 67.36
C LEU A 49 18.63 22.57 66.05
N GLY A 50 19.61 22.55 65.14
CA GLY A 50 19.43 21.83 63.88
C GLY A 50 18.60 22.57 62.84
N ILE A 51 18.58 23.89 62.88
CA ILE A 51 17.83 24.67 61.91
C ILE A 51 18.70 24.88 60.67
N ALA A 52 18.16 24.54 59.51
CA ALA A 52 18.87 24.68 58.24
C ALA A 52 17.96 25.26 57.17
N SER A 53 17.19 26.29 57.54
CA SER A 53 16.25 26.95 56.64
C SER A 53 16.50 28.44 56.60
N MET A 54 17.77 28.83 56.48
CA MET A 54 18.17 30.22 56.42
C MET A 54 19.25 30.39 55.36
N SER A 55 19.17 31.50 54.62
CA SER A 55 20.13 31.74 53.53
C SER A 55 21.56 31.87 54.05
N THR A 56 21.72 32.26 55.31
CA THR A 56 23.04 32.42 55.91
C THR A 56 23.42 31.26 56.84
N VAL A 57 22.55 30.27 56.98
CA VAL A 57 22.84 29.14 57.87
C VAL A 57 22.93 27.85 57.06
N ARG A 58 22.18 27.78 55.95
CA ARG A 58 22.14 26.58 55.15
C ARG A 58 23.40 26.48 54.29
N ALA A 59 24.08 25.34 54.40
CA ALA A 59 25.30 25.09 53.65
C ALA A 59 25.24 23.71 53.03
N SER A 60 26.10 23.49 52.03
CA SER A 60 26.12 22.20 51.35
C SER A 60 26.64 21.09 52.25
N SER A 61 27.57 21.41 53.15
CA SER A 61 28.14 20.44 54.07
C SER A 61 28.14 21.01 55.48
N LEU A 62 28.08 20.10 56.46
CA LEU A 62 28.10 20.50 57.86
C LEU A 62 29.49 20.95 58.32
N GLN A 63 30.51 20.81 57.48
CA GLN A 63 31.85 21.23 57.85
C GLN A 63 32.06 22.73 57.72
N ASP A 64 31.16 23.43 57.01
CA ASP A 64 31.34 24.86 56.79
C ASP A 64 31.15 25.67 58.06
N LEU A 65 30.35 25.16 59.01
CA LEU A 65 30.11 25.88 60.25
C LEU A 65 31.30 25.83 61.22
N ILE A 66 32.30 25.02 60.94
CA ILE A 66 33.50 24.94 61.77
C ILE A 66 34.42 26.09 61.39
N TYR A 67 35.40 26.39 62.25
CA TYR A 67 36.32 27.49 62.00
C TYR A 67 37.08 27.26 60.69
N LYS A 68 36.89 28.18 59.75
CA LYS A 68 37.53 28.11 58.43
C LYS A 68 37.25 26.79 57.74
N ARG A 69 36.00 26.33 57.83
CA ARG A 69 35.57 25.06 57.27
C ARG A 69 36.37 23.88 57.80
N GLY A 70 36.90 24.02 59.00
CA GLY A 70 37.67 22.94 59.61
C GLY A 70 38.96 22.61 58.88
N GLN A 71 39.64 23.62 58.34
CA GLN A 71 40.87 23.38 57.60
C GLN A 71 41.98 24.36 57.98
N ALA A 72 41.92 24.93 59.18
CA ALA A 72 42.93 25.88 59.67
C ALA A 72 43.33 25.54 61.09
N GLY A 73 43.56 24.25 61.34
CA GLY A 73 43.95 23.78 62.66
C GLY A 73 42.80 23.37 63.55
N VAL A 74 41.72 24.16 63.54
CA VAL A 74 40.53 23.87 64.35
C VAL A 74 39.64 22.97 63.49
N THR A 75 39.86 21.66 63.60
CA THR A 75 39.12 20.68 62.82
C THR A 75 37.88 20.17 63.53
N LYS A 76 37.50 20.78 64.65
CA LYS A 76 36.33 20.36 65.40
C LYS A 76 35.72 21.58 66.09
N ALA A 77 34.41 21.53 66.31
CA ALA A 77 33.68 22.60 66.97
C ALA A 77 32.86 22.00 68.10
N SER A 78 33.14 22.44 69.33
CA SER A 78 32.45 21.94 70.51
C SER A 78 31.91 23.12 71.30
N VAL A 79 30.60 23.19 71.46
CA VAL A 79 29.94 24.25 72.20
C VAL A 79 29.14 23.63 73.35
N THR A 80 28.92 24.40 74.40
CA THR A 80 28.20 23.95 75.58
C THR A 80 27.20 25.02 75.99
N ILE A 81 25.94 24.63 76.10
CA ILE A 81 24.86 25.54 76.50
C ILE A 81 24.33 25.08 77.86
N VAL A 82 24.16 26.03 78.76
CA VAL A 82 23.67 25.76 80.11
C VAL A 82 22.38 26.57 80.29
N PHE A 83 21.24 25.89 80.24
CA PHE A 83 19.93 26.53 80.38
C PHE A 83 19.43 26.32 81.80
N ASP A 84 19.10 27.42 82.48
CA ASP A 84 18.58 27.33 83.84
C ASP A 84 17.20 26.68 83.82
N ASN A 85 17.03 25.62 84.59
CA ASN A 85 15.80 24.84 84.62
C ASN A 85 15.18 24.84 86.01
N THR A 86 15.11 26.02 86.64
CA THR A 86 14.48 26.11 87.95
C THR A 86 12.96 26.01 87.85
N ASP A 87 12.39 26.39 86.71
CA ASP A 87 10.95 26.34 86.51
C ASP A 87 10.57 24.90 86.17
N LYS A 88 9.99 24.20 87.15
CA LYS A 88 9.59 22.81 86.93
C LYS A 88 8.34 22.70 86.06
N SER A 89 7.57 23.78 85.92
CA SER A 89 6.36 23.73 85.11
C SER A 89 6.69 23.63 83.63
N ASN A 90 7.52 24.56 83.13
CA ASN A 90 7.91 24.56 81.73
C ASN A 90 8.87 23.44 81.37
N SER A 91 9.46 22.78 82.35
CA SER A 91 10.39 21.69 82.07
C SER A 91 9.64 20.48 81.53
N PRO A 92 10.26 19.71 80.64
CA PRO A 92 9.60 18.51 80.11
C PRO A 92 9.44 17.45 81.19
N ILE A 93 8.53 16.51 80.92
CA ILE A 93 8.26 15.43 81.86
C ILE A 93 9.40 14.43 81.83
N GLY A 94 9.81 13.97 83.01
CA GLY A 94 10.89 13.01 83.11
C GLY A 94 12.28 13.58 83.10
N PHE A 95 12.42 14.91 83.08
CA PHE A 95 13.72 15.57 83.07
C PHE A 95 13.79 16.68 84.10
N THR A 96 13.02 16.56 85.17
CA THR A 96 12.99 17.57 86.24
C THR A 96 14.06 17.33 87.30
N ASN A 97 14.89 16.30 87.14
CA ASN A 97 15.91 16.02 88.14
C ASN A 97 17.09 16.97 88.03
N SER A 98 17.51 17.28 86.82
CA SER A 98 18.66 18.16 86.63
C SER A 98 18.24 19.61 86.82
N PRO A 99 18.84 20.34 87.77
CA PRO A 99 18.46 21.76 87.94
C PRO A 99 18.85 22.64 86.77
N GLN A 100 19.84 22.25 85.98
CA GLN A 100 20.28 23.02 84.81
C GLN A 100 20.54 22.06 83.66
N ILE A 101 19.93 22.35 82.51
CA ILE A 101 20.10 21.51 81.34
C ILE A 101 21.40 21.86 80.65
N SER A 102 22.27 20.86 80.46
CA SER A 102 23.56 21.04 79.81
C SER A 102 23.53 20.32 78.47
N VAL A 103 23.69 21.08 77.39
CA VAL A 103 23.68 20.55 76.02
C VAL A 103 25.07 20.76 75.44
N THR A 104 25.77 19.67 75.16
CA THR A 104 27.12 19.71 74.60
C THR A 104 27.05 19.26 73.15
N ARG A 105 27.21 20.20 72.23
CA ARG A 105 27.15 19.93 70.80
C ARG A 105 28.56 19.91 70.24
N GLN A 106 29.01 18.74 69.79
CA GLN A 106 30.34 18.56 69.24
C GLN A 106 30.25 18.01 67.82
N VAL A 107 31.05 18.59 66.93
CA VAL A 107 31.10 18.15 65.53
C VAL A 107 32.57 18.06 65.12
N VAL A 108 32.92 16.98 64.43
CA VAL A 108 34.29 16.74 63.98
C VAL A 108 34.30 16.54 62.47
N LEU A 109 35.49 16.27 61.92
CA LEU A 109 35.60 16.04 60.48
C LEU A 109 34.81 14.80 60.07
N GLY A 110 34.11 14.91 58.95
CA GLY A 110 33.30 13.81 58.44
C GLY A 110 31.85 14.18 58.25
N GLY A 111 31.31 15.01 59.13
CA GLY A 111 29.94 15.44 59.05
C GLY A 111 28.98 14.80 60.04
N THR A 112 29.49 14.12 61.07
CA THR A 112 28.65 13.47 62.05
C THR A 112 28.30 14.46 63.16
N SER A 113 27.01 14.52 63.50
CA SER A 113 26.51 15.41 64.53
C SER A 113 26.24 14.63 65.81
N LYS A 114 26.65 15.19 66.94
CA LYS A 114 26.47 14.57 68.24
C LYS A 114 25.29 15.18 68.96
N TYR A 115 24.63 14.36 69.78
CA TYR A 115 23.48 14.79 70.58
C TYR A 115 23.72 14.42 72.04
N LEU A 116 23.61 15.40 72.93
CA LEU A 116 23.85 15.19 74.36
C LEU A 116 22.82 15.98 75.14
N ILE A 117 22.05 15.28 75.97
CA ILE A 117 21.05 15.88 76.84
C ILE A 117 21.38 15.42 78.26
N ASN A 118 22.05 16.28 79.02
CA ASN A 118 22.48 15.98 80.39
C ASN A 118 23.36 14.73 80.45
N GLY A 119 24.14 14.51 79.39
CA GLY A 119 25.04 13.37 79.36
C GLY A 119 24.46 12.11 78.76
N HIS A 120 23.47 12.22 77.89
CA HIS A 120 22.84 11.06 77.26
C HIS A 120 22.53 11.38 75.81
N ARG A 121 22.72 10.39 74.94
CA ARG A 121 22.39 10.56 73.54
C ARG A 121 20.89 10.63 73.34
N ALA A 122 20.48 11.21 72.21
CA ALA A 122 19.06 11.39 71.93
C ALA A 122 18.81 11.52 70.43
N PRO A 123 17.90 10.72 69.87
CA PRO A 123 17.57 10.87 68.45
C PRO A 123 16.83 12.17 68.15
N GLN A 124 16.49 12.39 66.88
CA GLN A 124 15.82 13.63 66.51
C GLN A 124 14.40 13.69 67.02
N GLN A 125 13.73 12.54 67.13
CA GLN A 125 12.34 12.54 67.61
C GLN A 125 12.28 12.90 69.10
N SER A 126 13.24 12.43 69.89
CA SER A 126 13.25 12.75 71.31
C SER A 126 13.46 14.24 71.54
N VAL A 127 14.43 14.84 70.84
CA VAL A 127 14.67 16.26 71.00
C VAL A 127 13.52 17.06 70.41
N LEU A 128 12.85 16.54 69.38
CA LEU A 128 11.69 17.22 68.84
C LEU A 128 10.54 17.25 69.84
N GLN A 129 10.30 16.12 70.52
CA GLN A 129 9.28 16.09 71.57
C GLN A 129 9.67 17.00 72.74
N LEU A 130 10.96 17.03 73.09
CA LEU A 130 11.41 17.91 74.16
C LEU A 130 11.21 19.37 73.80
N PHE A 131 11.38 19.71 72.52
CA PHE A 131 11.16 21.08 72.08
C PHE A 131 9.67 21.40 72.05
N GLN A 132 8.83 20.46 71.60
CA GLN A 132 7.39 20.68 71.60
C GLN A 132 6.86 20.84 73.02
N SER A 133 7.49 20.18 73.99
CA SER A 133 7.10 20.35 75.38
C SER A 133 7.38 21.77 75.89
N VAL A 134 8.29 22.49 75.25
CA VAL A 134 8.59 23.87 75.59
C VAL A 134 8.08 24.81 74.50
N GLN A 135 7.14 24.35 73.69
CA GLN A 135 6.52 25.14 72.62
C GLN A 135 7.57 25.64 71.62
N LEU A 136 8.23 24.69 70.96
CA LEU A 136 9.23 24.97 69.94
C LEU A 136 8.89 24.13 68.70
N ASN A 137 8.22 24.74 67.74
CA ASN A 137 7.80 24.10 66.50
C ASN A 137 8.65 24.62 65.35
N ILE A 138 8.27 24.27 64.13
CA ILE A 138 8.97 24.70 62.93
C ILE A 138 8.20 25.77 62.17
N ASN A 139 6.87 25.62 62.07
CA ASN A 139 6.02 26.53 61.32
C ASN A 139 5.23 27.47 62.23
N ASN A 140 5.84 27.95 63.31
CA ASN A 140 5.18 28.76 64.32
C ASN A 140 6.05 29.96 64.64
N PRO A 141 5.45 31.07 65.12
CA PRO A 141 6.26 32.25 65.49
C PRO A 141 7.21 32.02 66.66
N ASN A 142 7.31 30.77 67.13
CA ASN A 142 8.25 30.39 68.18
C ASN A 142 9.66 30.26 67.62
N PHE A 143 10.53 29.56 68.34
CA PHE A 143 11.99 29.55 68.13
C PHE A 143 12.51 30.98 68.02
N LEU A 144 12.39 31.67 69.16
CA LEU A 144 12.77 33.06 69.38
C LEU A 144 14.14 33.43 68.80
N ILE A 145 15.02 32.43 68.63
CA ILE A 145 16.36 32.69 68.13
C ILE A 145 16.32 33.47 66.83
N MET A 146 15.32 33.20 65.99
CA MET A 146 15.11 33.97 64.76
C MET A 146 13.69 33.78 64.25
N GLN A 147 12.94 34.88 64.11
CA GLN A 147 11.56 34.81 63.65
C GLN A 147 11.42 34.91 62.15
N GLY A 148 12.45 35.40 61.45
CA GLY A 148 12.40 35.57 60.01
C GLY A 148 12.63 37.01 59.62
N LYS A 149 12.02 37.40 58.50
CA LYS A 149 12.11 38.76 57.97
C LYS A 149 10.72 39.37 57.80
N ILE A 150 9.88 39.21 58.82
CA ILE A 150 8.53 39.75 58.77
C ILE A 150 8.53 41.27 58.84
N THR A 151 9.56 41.88 59.44
CA THR A 151 9.59 43.33 59.60
C THR A 151 9.67 44.03 58.25
N LYS A 152 10.43 43.47 57.31
CA LYS A 152 10.49 44.05 55.97
C LYS A 152 9.23 43.78 55.16
N VAL A 153 8.63 42.60 55.34
CA VAL A 153 7.36 42.31 54.67
C VAL A 153 6.24 43.15 55.25
N LEU A 154 6.37 43.59 56.51
CA LEU A 154 5.34 44.42 57.14
C LEU A 154 5.18 45.77 56.45
N ASN A 155 6.18 46.21 55.68
CA ASN A 155 6.07 47.45 54.95
C ASN A 155 5.30 47.23 53.65
N MET A 156 4.40 48.17 53.35
CA MET A 156 3.48 48.07 52.20
C MET A 156 2.73 46.74 52.23
N LYS A 157 1.93 46.57 53.27
CA LYS A 157 1.19 45.32 53.45
C LYS A 157 -0.31 45.56 53.38
N PRO A 158 -1.04 44.71 52.69
CA PRO A 158 -2.51 44.76 52.75
C PRO A 158 -3.04 44.17 54.04
N SER A 159 -4.36 44.06 54.16
CA SER A 159 -4.98 43.47 55.35
C SER A 159 -4.76 41.97 55.43
N GLU A 160 -4.18 41.35 54.40
CA GLU A 160 -3.96 39.90 54.43
C GLU A 160 -2.95 39.52 55.50
N ILE A 161 -1.87 40.29 55.64
CA ILE A 161 -0.86 40.00 56.66
C ILE A 161 -1.46 40.15 58.05
N LEU A 162 -2.30 41.17 58.25
CA LEU A 162 -2.93 41.35 59.56
C LEU A 162 -3.92 40.23 59.85
N SER A 163 -4.67 39.78 58.84
CA SER A 163 -5.60 38.67 59.05
C SER A 163 -4.85 37.39 59.39
N LEU A 164 -3.73 37.13 58.72
CA LEU A 164 -2.93 35.95 59.06
C LEU A 164 -2.27 36.08 60.43
N ILE A 165 -1.89 37.29 60.83
CA ILE A 165 -1.36 37.50 62.18
C ILE A 165 -2.43 37.18 63.22
N GLU A 166 -3.67 37.62 62.97
CA GLU A 166 -4.75 37.29 63.89
C GLU A 166 -5.06 35.80 63.87
N GLU A 167 -4.99 35.16 62.71
CA GLU A 167 -5.25 33.73 62.62
C GLU A 167 -4.14 32.89 63.23
N ALA A 168 -2.93 33.46 63.37
CA ALA A 168 -1.87 32.75 64.08
C ALA A 168 -2.31 32.34 65.48
N ALA A 169 -3.11 33.18 66.13
CA ALA A 169 -3.78 32.80 67.36
C ALA A 169 -5.16 32.21 67.13
N GLY A 170 -5.80 32.53 66.00
CA GLY A 170 -7.09 31.97 65.66
C GLY A 170 -7.02 30.55 65.14
N THR A 171 -6.17 30.32 64.13
CA THR A 171 -5.97 29.00 63.52
C THR A 171 -7.28 28.43 63.00
N LYS A 172 -7.84 29.11 62.00
CA LYS A 172 -9.09 28.69 61.39
C LYS A 172 -8.93 28.07 60.01
N MET A 173 -7.90 28.47 59.24
CA MET A 173 -7.72 27.90 57.91
C MET A 173 -7.29 26.45 57.97
N PHE A 174 -6.45 26.09 58.94
CA PHE A 174 -6.06 24.69 59.11
C PHE A 174 -7.26 23.82 59.43
N GLU A 175 -8.15 24.31 60.30
CA GLU A 175 -9.37 23.58 60.61
C GLU A 175 -10.23 23.41 59.37
N ASP A 176 -10.34 24.47 58.56
CA ASP A 176 -11.14 24.38 57.33
C ASP A 176 -10.58 23.34 56.37
N ARG A 177 -9.26 23.34 56.19
CA ARG A 177 -8.64 22.36 55.30
C ARG A 177 -8.82 20.94 55.82
N ARG A 178 -8.62 20.74 57.13
CA ARG A 178 -8.80 19.41 57.71
C ARG A 178 -10.23 18.93 57.57
N GLU A 179 -11.20 19.82 57.80
CA GLU A 179 -12.60 19.43 57.68
C GLU A 179 -12.99 19.17 56.23
N LYS A 180 -12.41 19.91 55.28
CA LYS A 180 -12.66 19.61 53.87
C LYS A 180 -12.10 18.24 53.50
N ALA A 181 -10.89 17.93 53.98
CA ALA A 181 -10.31 16.61 53.72
C ALA A 181 -11.17 15.50 54.33
N GLU A 182 -11.66 15.72 55.55
CA GLU A 182 -12.49 14.72 56.21
C GLU A 182 -13.84 14.56 55.49
N ARG A 183 -14.39 15.66 54.97
CA ARG A 183 -15.64 15.57 54.21
C ARG A 183 -15.43 14.81 52.91
N THR A 184 -14.30 15.04 52.24
CA THR A 184 -13.99 14.26 51.04
C THR A 184 -13.82 12.79 51.37
N MET A 185 -13.15 12.48 52.49
CA MET A 185 -12.99 11.09 52.89
C MET A 185 -14.34 10.43 53.20
N SER A 186 -15.24 11.17 53.84
CA SER A 186 -16.56 10.62 54.14
C SER A 186 -17.36 10.41 52.86
N LYS A 187 -17.28 11.36 51.91
CA LYS A 187 -17.97 11.19 50.64
C LYS A 187 -17.41 10.01 49.86
N LYS A 188 -16.12 9.73 50.00
CA LYS A 188 -15.54 8.55 49.35
C LYS A 188 -16.00 7.27 50.04
N GLU A 189 -16.11 7.30 51.38
CA GLU A 189 -16.55 6.11 52.11
C GLU A 189 -18.04 5.86 51.98
N THR A 190 -18.81 6.85 51.53
CA THR A 190 -20.22 6.61 51.26
C THR A 190 -20.44 5.52 50.22
N LYS A 191 -19.52 5.40 49.25
CA LYS A 191 -19.64 4.32 48.27
C LYS A 191 -19.47 2.96 48.92
N LEU A 192 -18.48 2.82 49.81
CA LEU A 192 -18.30 1.56 50.52
C LEU A 192 -19.48 1.27 51.44
N GLN A 193 -20.06 2.31 52.05
CA GLN A 193 -21.25 2.12 52.87
C GLN A 193 -22.42 1.61 52.04
N GLU A 194 -22.61 2.19 50.85
CA GLU A 194 -23.67 1.72 49.96
C GLU A 194 -23.41 0.29 49.51
N ASN A 195 -22.15 -0.06 49.28
CA ASN A 195 -21.80 -1.44 48.94
C ASN A 195 -22.15 -2.39 50.08
N ARG A 196 -21.86 -1.99 51.31
CA ARG A 196 -22.22 -2.82 52.47
C ARG A 196 -23.73 -2.98 52.57
N THR A 197 -24.48 -1.90 52.35
CA THR A 197 -25.94 -1.99 52.41
C THR A 197 -26.47 -2.92 51.33
N LEU A 198 -25.90 -2.84 50.12
CA LEU A 198 -26.32 -3.74 49.05
C LEU A 198 -25.99 -5.19 49.37
N LEU A 199 -24.82 -5.43 49.97
CA LEU A 199 -24.46 -6.79 50.36
C LEU A 199 -25.43 -7.33 51.42
N THR A 200 -25.80 -6.50 52.39
CA THR A 200 -26.75 -6.93 53.41
C THR A 200 -28.13 -7.18 52.80
N GLU A 201 -28.55 -6.34 51.85
CA GLU A 201 -29.84 -6.53 51.20
C GLU A 201 -29.85 -7.78 50.33
N GLU A 202 -28.70 -8.17 49.79
CA GLU A 202 -28.60 -9.42 49.02
C GLU A 202 -28.50 -10.63 49.93
N ILE A 203 -27.96 -10.46 51.13
CA ILE A 203 -27.86 -11.57 52.08
C ILE A 203 -29.22 -11.85 52.74
N GLU A 204 -30.01 -10.81 52.99
CA GLU A 204 -31.30 -10.96 53.67
C GLU A 204 -32.21 -12.03 53.09
N PRO A 205 -32.43 -12.12 51.77
CA PRO A 205 -33.37 -13.15 51.26
C PRO A 205 -32.94 -14.57 51.57
N LYS A 206 -31.65 -14.84 51.68
CA LYS A 206 -31.19 -16.18 52.06
C LYS A 206 -31.71 -16.55 53.45
N LEU A 207 -31.51 -15.67 54.43
CA LEU A 207 -32.01 -15.94 55.77
C LEU A 207 -33.54 -15.93 55.81
N GLU A 208 -34.18 -15.14 54.96
CA GLU A 208 -35.64 -15.16 54.89
C GLU A 208 -36.14 -16.52 54.43
N LYS A 209 -35.54 -17.05 53.37
CA LYS A 209 -35.91 -18.38 52.88
C LYS A 209 -35.59 -19.45 53.91
N LEU A 210 -34.48 -19.28 54.64
CA LEU A 210 -34.15 -20.24 55.68
C LEU A 210 -35.19 -20.24 56.79
N ARG A 211 -35.64 -19.05 57.21
CA ARG A 211 -36.68 -18.97 58.23
C ARG A 211 -37.99 -19.55 57.72
N ASN A 212 -38.32 -19.31 56.45
CA ASN A 212 -39.53 -19.89 55.88
C ASN A 212 -39.47 -21.40 55.86
N GLU A 213 -38.31 -21.96 55.48
CA GLU A 213 -38.16 -23.41 55.47
C GLU A 213 -38.22 -23.98 56.89
N LYS A 214 -37.65 -23.28 57.86
CA LYS A 214 -37.73 -23.74 59.25
C LYS A 214 -39.16 -23.73 59.76
N ARG A 215 -39.92 -22.68 59.42
CA ARG A 215 -41.32 -22.63 59.82
C ARG A 215 -42.14 -23.74 59.15
N MET A 216 -41.87 -24.00 57.87
CA MET A 216 -42.57 -25.08 57.18
C MET A 216 -42.24 -26.43 57.81
N PHE A 217 -40.97 -26.65 58.16
CA PHE A 217 -40.58 -27.90 58.80
C PHE A 217 -41.23 -28.04 60.18
N LEU A 218 -41.31 -26.94 60.93
CA LEU A 218 -41.97 -26.99 62.23
C LEU A 218 -43.45 -27.30 62.09
N GLU A 219 -44.11 -26.71 61.10
CA GLU A 219 -45.52 -27.00 60.86
C GLU A 219 -45.73 -28.45 60.46
N PHE A 220 -44.84 -28.97 59.60
CA PHE A 220 -44.94 -30.37 59.20
C PHE A 220 -44.72 -31.30 60.38
N GLN A 221 -43.76 -30.97 61.25
CA GLN A 221 -43.53 -31.80 62.44
C GLN A 221 -44.72 -31.76 63.38
N SER A 222 -45.35 -30.59 63.54
CA SER A 222 -46.53 -30.49 64.39
C SER A 222 -47.68 -31.30 63.81
N THR A 223 -47.87 -31.24 62.49
CA THR A 223 -48.93 -32.04 61.86
C THR A 223 -48.66 -33.53 62.01
N GLN A 224 -47.40 -33.94 61.87
CA GLN A 224 -47.05 -35.35 62.04
C GLN A 224 -47.27 -35.80 63.48
N THR A 225 -46.94 -34.94 64.45
CA THR A 225 -47.17 -35.28 65.85
C THR A 225 -48.66 -35.41 66.15
N ASP A 226 -49.47 -34.50 65.59
CA ASP A 226 -50.91 -34.59 65.78
C ASP A 226 -51.47 -35.86 65.16
N LEU A 227 -51.01 -36.21 63.97
CA LEU A 227 -51.47 -37.44 63.32
C LEU A 227 -51.06 -38.67 64.12
N GLU A 228 -49.84 -38.66 64.67
CA GLU A 228 -49.38 -39.80 65.48
C GLU A 228 -50.19 -39.92 66.76
N LYS A 229 -50.51 -38.78 67.38
CA LYS A 229 -51.34 -38.81 68.59
C LYS A 229 -52.74 -39.33 68.28
N THR A 230 -53.31 -38.91 67.15
CA THR A 230 -54.63 -39.42 66.75
C THR A 230 -54.58 -40.92 66.48
N GLU A 231 -53.53 -41.39 65.81
CA GLU A 231 -53.41 -42.82 65.54
C GLU A 231 -53.23 -43.61 66.83
N ARG A 232 -52.46 -43.07 67.78
CA ARG A 232 -52.29 -43.75 69.06
C ARG A 232 -53.59 -43.80 69.83
N ILE A 233 -54.38 -42.71 69.80
CA ILE A 233 -55.67 -42.72 70.48
C ILE A 233 -56.61 -43.73 69.84
N VAL A 234 -56.60 -43.81 68.51
CA VAL A 234 -57.45 -44.77 67.81
C VAL A 234 -57.02 -46.20 68.16
N VAL A 235 -55.72 -46.45 68.23
CA VAL A 235 -55.23 -47.79 68.56
C VAL A 235 -55.60 -48.15 70.00
N SER A 236 -55.51 -47.19 70.92
CA SER A 236 -55.90 -47.44 72.31
C SER A 236 -57.39 -47.72 72.41
N TYR A 237 -58.22 -46.98 71.66
CA TYR A 237 -59.65 -47.23 71.68
C TYR A 237 -59.98 -48.61 71.10
N GLU A 238 -59.29 -49.00 70.03
CA GLU A 238 -59.52 -50.32 69.44
C GLU A 238 -59.08 -51.43 70.38
N TYR A 239 -57.99 -51.21 71.11
CA TYR A 239 -57.53 -52.23 72.07
C TYR A 239 -58.48 -52.33 73.26
N TYR A 240 -59.01 -51.19 73.72
CA TYR A 240 -59.97 -51.22 74.83
C TYR A 240 -61.29 -51.83 74.41
N ASN A 241 -61.70 -51.64 73.15
CA ASN A 241 -62.96 -52.22 72.68
C ASN A 241 -62.84 -53.73 72.48
N ILE A 242 -61.64 -54.22 72.18
CA ILE A 242 -61.44 -55.66 71.97
C ILE A 242 -61.06 -56.32 73.29
N MET A 929 -55.02 -62.53 67.88
CA MET A 929 -54.88 -61.39 67.00
C MET A 929 -54.49 -60.13 67.77
N GLU A 930 -54.51 -60.23 69.10
CA GLU A 930 -54.15 -59.10 69.95
C GLU A 930 -52.66 -58.84 70.00
N LYS A 931 -51.83 -59.75 69.48
CA LYS A 931 -50.39 -59.54 69.51
C LYS A 931 -49.98 -58.35 68.64
N ILE A 932 -50.54 -58.25 67.44
CA ILE A 932 -50.21 -57.13 66.56
C ILE A 932 -50.74 -55.83 67.15
N ILE A 933 -51.90 -55.87 67.80
CA ILE A 933 -52.46 -54.67 68.40
C ILE A 933 -51.59 -54.20 69.57
N GLU A 934 -51.07 -55.14 70.36
CA GLU A 934 -50.19 -54.78 71.46
C GLU A 934 -48.84 -54.29 70.97
N ASP A 935 -48.34 -54.85 69.86
CA ASP A 935 -47.06 -54.42 69.32
C ASP A 935 -47.15 -53.06 68.66
N LEU A 936 -48.29 -52.74 68.04
CA LEU A 936 -48.45 -51.44 67.39
C LEU A 936 -48.58 -50.32 68.40
N ARG A 937 -49.14 -50.59 69.57
CA ARG A 937 -49.30 -49.58 70.61
C ARG A 937 -47.98 -49.31 71.33
N ASP A 962 -64.94 -43.97 61.80
CA ASP A 962 -64.55 -42.58 61.52
C ASP A 962 -63.47 -42.53 60.44
N THR A 963 -63.91 -42.55 59.17
CA THR A 963 -62.97 -42.49 58.06
C THR A 963 -62.36 -41.10 57.89
N TYR A 964 -63.04 -40.06 58.38
CA TYR A 964 -62.49 -38.70 58.24
C TYR A 964 -61.21 -38.54 59.04
N ARG A 965 -61.15 -39.11 60.25
CA ARG A 965 -59.94 -39.03 61.04
C ARG A 965 -58.78 -39.75 60.38
N GLU A 966 -59.04 -40.94 59.82
CA GLU A 966 -57.99 -41.68 59.13
C GLU A 966 -57.52 -40.93 57.88
N ARG A 967 -58.45 -40.32 57.15
CA ARG A 967 -58.07 -39.55 55.97
C ARG A 967 -57.22 -38.35 56.36
N SER A 968 -57.60 -37.64 57.43
CA SER A 968 -56.81 -36.51 57.88
C SER A 968 -55.43 -36.94 58.34
N LYS A 969 -55.34 -38.09 59.04
CA LYS A 969 -54.04 -38.59 59.47
C LYS A 969 -53.17 -38.96 58.28
N GLN A 970 -53.75 -39.60 57.26
CA GLN A 970 -52.98 -39.94 56.07
C GLN A 970 -52.52 -38.69 55.33
N LEU A 971 -53.38 -37.67 55.25
CA LEU A 971 -52.98 -36.42 54.60
C LEU A 971 -51.86 -35.74 55.37
N ASN A 972 -51.94 -35.73 56.70
CA ASN A 972 -50.88 -35.13 57.50
C ASN A 972 -49.57 -35.90 57.34
N GLU A 973 -49.65 -37.23 57.28
CA GLU A 973 -48.44 -38.03 57.08
C GLU A 973 -47.82 -37.76 55.72
N LYS A 974 -48.65 -37.66 54.68
CA LYS A 974 -48.14 -37.37 53.34
C LYS A 974 -47.51 -35.97 53.29
N PHE A 975 -48.13 -35.00 53.97
CA PHE A 975 -47.59 -33.65 53.99
C PHE A 975 -46.25 -33.62 54.74
N GLN A 976 -46.15 -34.35 55.86
CA GLN A 976 -44.89 -34.40 56.59
C GLN A 976 -43.81 -35.13 55.80
N GLU A 977 -44.18 -36.13 55.00
CA GLU A 977 -43.20 -36.84 54.19
C GLU A 977 -42.75 -36.01 53.01
N LEU A 978 -43.63 -35.19 52.45
CA LEU A 978 -43.30 -34.35 51.29
C LEU A 978 -42.70 -33.01 51.69
N ARG A 979 -42.72 -32.66 52.97
CA ARG A 979 -42.19 -31.39 53.46
C ARG A 979 -41.20 -31.63 54.59
N LYS A 980 -40.26 -32.56 54.37
CA LYS A 980 -39.27 -32.87 55.40
C LYS A 980 -38.42 -31.67 55.75
N LYS A 981 -37.69 -31.15 54.77
CA LYS A 981 -36.83 -29.97 54.94
C LYS A 981 -35.83 -30.20 56.09
N VAL A 982 -34.95 -31.18 55.89
CA VAL A 982 -33.97 -31.54 56.89
C VAL A 982 -33.00 -30.38 57.09
N ASN A 983 -32.97 -29.82 58.29
CA ASN A 983 -32.07 -28.71 58.62
C ASN A 983 -31.70 -28.81 60.09
N PRO A 984 -30.74 -29.69 60.43
CA PRO A 984 -30.36 -29.84 61.85
C PRO A 984 -29.58 -28.67 62.41
N ASN A 985 -29.24 -27.68 61.59
CA ASN A 985 -28.45 -26.52 62.03
C ASN A 985 -29.32 -25.31 62.31
N ILE A 986 -30.53 -25.52 62.84
CA ILE A 986 -31.44 -24.41 63.13
C ILE A 986 -30.83 -23.46 64.15
N MET A 987 -30.07 -23.99 65.11
CA MET A 987 -29.40 -23.13 66.08
C MET A 987 -28.37 -22.24 65.40
N ASN A 988 -27.56 -22.81 64.50
CA ASN A 988 -26.61 -22.00 63.75
C ASN A 988 -27.32 -20.98 62.88
N MET A 989 -28.48 -21.36 62.34
CA MET A 989 -29.25 -20.44 61.50
C MET A 989 -29.73 -19.23 62.32
N ILE A 990 -30.29 -19.50 63.50
CA ILE A 990 -30.78 -18.39 64.33
C ILE A 990 -29.62 -17.56 64.87
N GLU A 991 -28.46 -18.19 65.10
CA GLU A 991 -27.29 -17.43 65.51
C GLU A 991 -26.81 -16.51 64.40
N ASN A 992 -26.78 -16.99 63.16
CA ASN A 992 -26.43 -16.14 62.03
C ASN A 992 -27.46 -15.03 61.85
N VAL A 993 -28.74 -15.33 62.10
CA VAL A 993 -29.79 -14.32 61.97
C VAL A 993 -29.59 -13.20 62.98
N GLU A 994 -29.35 -13.57 64.25
CA GLU A 994 -29.16 -12.55 65.27
C GLU A 994 -27.85 -11.79 65.06
N LYS A 995 -26.82 -12.44 64.53
CA LYS A 995 -25.59 -11.74 64.22
C LYS A 995 -25.80 -10.72 63.09
N LYS A 996 -26.57 -11.10 62.07
CA LYS A 996 -26.88 -10.17 60.99
C LYS A 996 -27.72 -9.01 61.52
N GLU A 997 -28.66 -9.29 62.43
CA GLU A 997 -29.47 -8.21 63.00
C GLU A 997 -28.62 -7.25 63.80
N ALA A 998 -27.67 -7.78 64.59
CA ALA A 998 -26.77 -6.92 65.35
C ALA A 998 -25.90 -6.08 64.42
N ALA A 999 -25.37 -6.69 63.36
CA ALA A 999 -24.56 -5.94 62.41
C ALA A 999 -25.37 -4.83 61.75
N LEU A 1000 -26.61 -5.13 61.36
CA LEU A 1000 -27.45 -4.13 60.71
C LEU A 1000 -27.78 -2.99 61.66
N LYS A 1001 -28.14 -3.31 62.91
CA LYS A 1001 -28.49 -2.24 63.85
C LYS A 1001 -27.27 -1.39 64.19
N THR A 1002 -26.09 -2.01 64.29
CA THR A 1002 -24.87 -1.22 64.52
C THR A 1002 -24.55 -0.34 63.32
N MET A 1003 -24.79 -0.84 62.10
CA MET A 1003 -24.54 -0.02 60.92
C MET A 1003 -25.48 1.16 60.85
N ILE A 1004 -26.77 0.96 61.15
CA ILE A 1004 -27.71 2.08 61.16
C ILE A 1004 -27.38 3.07 62.27
N LYS A 1005 -26.94 2.56 63.43
CA LYS A 1005 -26.57 3.46 64.52
C LYS A 1005 -25.34 4.28 64.17
N THR A 1006 -24.39 3.68 63.45
CA THR A 1006 -23.23 4.45 62.99
C THR A 1006 -23.63 5.48 61.96
N ILE A 1007 -24.54 5.12 61.04
CA ILE A 1007 -25.01 6.07 60.04
C ILE A 1007 -25.67 7.27 60.70
N GLU A 1008 -26.59 7.02 61.65
CA GLU A 1008 -27.25 8.14 62.31
C GLU A 1008 -26.27 8.91 63.19
N LYS A 1009 -25.27 8.24 63.77
CA LYS A 1009 -24.27 8.94 64.57
C LYS A 1009 -23.48 9.93 63.72
N ASP A 1010 -23.01 9.49 62.55
CA ASP A 1010 -22.26 10.41 61.70
C ASP A 1010 -23.17 11.49 61.10
N LYS A 1011 -24.43 11.15 60.82
CA LYS A 1011 -25.36 12.16 60.31
C LYS A 1011 -25.58 13.26 61.33
N MET A 1012 -25.72 12.90 62.61
CA MET A 1012 -25.85 13.92 63.66
C MET A 1012 -24.54 14.65 63.87
N LYS A 1013 -23.41 13.94 63.77
CA LYS A 1013 -22.11 14.54 64.02
C LYS A 1013 -21.78 15.60 62.97
N ILE A 1014 -22.22 15.40 61.74
CA ILE A 1014 -21.95 16.38 60.68
C ILE A 1014 -22.55 17.74 61.05
N GLN A 1015 -23.86 17.76 61.34
CA GLN A 1015 -24.51 19.02 61.68
C GLN A 1015 -24.03 19.57 63.02
N GLU A 1016 -23.72 18.69 63.98
CA GLU A 1016 -23.19 19.17 65.25
C GLU A 1016 -21.84 19.86 65.07
N THR A 1017 -20.98 19.29 64.23
CA THR A 1017 -19.68 19.90 63.97
C THR A 1017 -19.84 21.20 63.19
N ILE A 1018 -20.82 21.26 62.28
CA ILE A 1018 -21.06 22.51 61.55
C ILE A 1018 -21.49 23.61 62.51
N SER A 1019 -22.44 23.29 63.40
CA SER A 1019 -22.91 24.29 64.36
C SER A 1019 -21.80 24.70 65.32
N LYS A 1020 -21.00 23.75 65.78
CA LYS A 1020 -19.89 24.08 66.67
C LYS A 1020 -18.85 24.92 65.94
N LEU A 1021 -18.59 24.64 64.66
CA LEU A 1021 -17.70 25.47 63.87
C LEU A 1021 -18.19 26.91 63.82
N ASN A 1022 -19.47 27.10 63.48
CA ASN A 1022 -20.02 28.46 63.40
C ASN A 1022 -19.92 29.18 64.74
N GLU A 1023 -20.31 28.49 65.82
CA GLU A 1023 -20.30 29.11 67.14
C GLU A 1023 -18.89 29.49 67.57
N TYR A 1024 -17.95 28.54 67.46
CA TYR A 1024 -16.58 28.82 67.86
C TYR A 1024 -15.96 29.91 67.00
N LYS A 1025 -16.28 29.93 65.69
CA LYS A 1025 -15.76 30.96 64.81
C LYS A 1025 -16.25 32.34 65.26
N ARG A 1026 -17.55 32.48 65.51
CA ARG A 1026 -18.08 33.77 65.94
C ARG A 1026 -17.49 34.19 67.29
N GLU A 1027 -17.40 33.25 68.23
CA GLU A 1027 -16.89 33.58 69.56
C GLU A 1027 -15.44 34.00 69.51
N THR A 1028 -14.59 33.22 68.82
CA THR A 1028 -13.19 33.58 68.70
C THR A 1028 -13.01 34.87 67.92
N LEU A 1029 -13.88 35.13 66.94
CA LEU A 1029 -13.79 36.37 66.17
C LEU A 1029 -14.04 37.58 67.07
N VAL A 1030 -15.12 37.56 67.84
CA VAL A 1030 -15.39 38.70 68.72
C VAL A 1030 -14.34 38.80 69.81
N LYS A 1031 -13.85 37.65 70.30
CA LYS A 1031 -12.84 37.66 71.36
C LYS A 1031 -11.54 38.30 70.88
N THR A 1032 -11.08 37.92 69.68
CA THR A 1032 -9.85 38.53 69.18
C THR A 1032 -10.06 39.98 68.80
N TRP A 1033 -11.21 40.31 68.17
CA TRP A 1033 -11.49 41.69 67.78
C TRP A 1033 -11.55 42.60 69.00
N GLU A 1034 -11.88 42.06 70.17
CA GLU A 1034 -11.77 42.87 71.38
C GLU A 1034 -10.35 42.89 71.92
N LYS A 1035 -9.77 41.70 72.15
CA LYS A 1035 -8.53 41.60 72.92
C LYS A 1035 -7.34 42.17 72.17
N VAL A 1036 -7.11 41.74 70.93
CA VAL A 1036 -5.92 42.20 70.23
C VAL A 1036 -6.05 43.67 69.88
N THR A 1037 -7.27 44.15 69.65
CA THR A 1037 -7.46 45.58 69.39
C THR A 1037 -7.13 46.40 70.63
N LEU A 1038 -7.64 45.98 71.80
CA LEU A 1038 -7.32 46.70 73.03
C LEU A 1038 -5.82 46.67 73.32
N ASP A 1039 -5.19 45.51 73.11
CA ASP A 1039 -3.76 45.39 73.38
C ASP A 1039 -2.94 46.26 72.43
N PHE A 1040 -3.28 46.27 71.14
CA PHE A 1040 -2.56 47.09 70.18
C PHE A 1040 -2.76 48.57 70.48
N GLY A 1041 -3.97 48.97 70.86
CA GLY A 1041 -4.20 50.36 71.23
C GLY A 1041 -3.40 50.77 72.45
N ASN A 1042 -3.37 49.92 73.48
CA ASN A 1042 -2.60 50.24 74.67
C ASN A 1042 -1.11 50.32 74.37
N ILE A 1043 -0.60 49.41 73.53
CA ILE A 1043 0.82 49.41 73.20
C ILE A 1043 1.17 50.64 72.38
N PHE A 1044 0.30 51.02 71.44
CA PHE A 1044 0.57 52.21 70.62
C PHE A 1044 0.48 53.48 71.45
N ALA A 1045 -0.38 53.49 72.48
CA ALA A 1045 -0.46 54.66 73.35
C ALA A 1045 0.71 54.74 74.33
N ASP A 1046 1.25 53.59 74.75
CA ASP A 1046 2.36 53.58 75.69
C ASP A 1046 3.68 53.88 74.99
N LEU A 1047 3.92 53.24 73.85
CA LEU A 1047 5.19 53.42 73.15
C LEU A 1047 5.29 54.82 72.53
N LEU A 1048 4.36 55.14 71.61
CA LEU A 1048 4.34 56.45 70.98
C LEU A 1048 3.49 57.39 71.82
N PRO A 1049 4.06 58.42 72.43
CA PRO A 1049 3.25 59.31 73.27
C PRO A 1049 2.27 60.13 72.45
N ASN A 1050 1.07 60.31 72.99
CA ASN A 1050 0.01 61.10 72.37
C ASN A 1050 -0.33 60.56 70.97
N SER A 1051 -0.78 59.31 70.95
CA SER A 1051 -1.15 58.65 69.70
C SER A 1051 -2.13 57.53 70.01
N PHE A 1052 -2.77 57.02 68.96
CA PHE A 1052 -3.74 55.93 69.11
C PHE A 1052 -3.93 55.27 67.75
N ALA A 1053 -3.68 53.97 67.68
CA ALA A 1053 -3.89 53.18 66.47
C ALA A 1053 -4.84 52.04 66.76
N LYS A 1054 -5.74 51.76 65.83
CA LYS A 1054 -6.78 50.76 66.02
C LYS A 1054 -6.93 49.91 64.78
N LEU A 1055 -7.75 48.87 64.89
CA LEU A 1055 -8.05 47.96 63.79
C LEU A 1055 -9.45 48.24 63.30
N VAL A 1056 -9.56 48.66 62.03
CA VAL A 1056 -10.84 49.06 61.45
C VAL A 1056 -11.04 48.32 60.14
N PRO A 1057 -12.26 47.87 59.81
CA PRO A 1057 -12.50 47.27 58.50
C PRO A 1057 -12.10 48.19 57.36
N CYS A 1058 -11.83 47.62 56.18
CA CYS A 1058 -11.31 48.38 55.05
C CYS A 1058 -12.31 49.45 54.60
N GLU A 1059 -13.47 49.02 54.09
CA GLU A 1059 -14.51 49.95 53.65
C GLU A 1059 -15.85 49.28 53.91
N GLY A 1060 -16.43 49.57 55.08
CA GLY A 1060 -17.71 48.97 55.46
C GLY A 1060 -17.71 47.46 55.45
N LYS A 1061 -16.56 46.84 55.72
CA LYS A 1061 -16.44 45.39 55.69
C LYS A 1061 -16.63 44.80 57.08
N ASP A 1062 -16.47 43.50 57.18
CA ASP A 1062 -16.60 42.77 58.44
C ASP A 1062 -15.24 42.28 58.91
N VAL A 1063 -15.22 41.71 60.11
CA VAL A 1063 -13.97 41.19 60.66
C VAL A 1063 -13.52 39.96 59.88
N THR A 1064 -14.45 39.21 59.29
CA THR A 1064 -14.09 38.04 58.49
C THR A 1064 -13.36 38.45 57.21
N GLN A 1065 -13.77 39.55 56.60
CA GLN A 1065 -13.15 39.99 55.35
C GLN A 1065 -11.73 40.46 55.59
N GLY A 1066 -11.52 41.34 56.57
CA GLY A 1066 -10.20 41.84 56.88
C GLY A 1066 -10.27 43.17 57.58
N LEU A 1067 -9.20 43.48 58.30
CA LEU A 1067 -9.07 44.72 59.06
C LEU A 1067 -7.71 45.35 58.79
N GLU A 1068 -7.70 46.67 58.64
CA GLU A 1068 -6.48 47.43 58.46
C GLU A 1068 -6.19 48.25 59.72
N VAL A 1069 -4.99 48.83 59.76
CA VAL A 1069 -4.51 49.56 60.93
C VAL A 1069 -4.63 51.05 60.64
N LYS A 1070 -5.38 51.75 61.49
CA LYS A 1070 -5.48 53.21 61.43
C LYS A 1070 -4.60 53.80 62.51
N VAL A 1071 -3.63 54.63 62.11
CA VAL A 1071 -2.64 55.16 63.03
C VAL A 1071 -2.89 56.64 63.24
N LYS A 1072 -2.14 57.23 64.18
CA LYS A 1072 -2.26 58.65 64.50
C LYS A 1072 -0.87 59.22 64.71
N LEU A 1073 -0.39 60.00 63.75
CA LEU A 1073 0.87 60.71 63.88
C LEU A 1073 0.61 62.00 64.65
N GLY A 1074 1.02 62.03 65.91
CA GLY A 1074 0.74 63.18 66.74
C GLY A 1074 -0.74 63.39 66.95
N ASN A 1075 -1.29 64.43 66.32
CA ASN A 1075 -2.73 64.71 66.37
C ASN A 1075 -3.38 64.59 64.99
N ILE A 1076 -2.73 63.91 64.05
CA ILE A 1076 -3.22 63.75 62.69
C ILE A 1076 -3.47 62.27 62.43
N TRP A 1077 -4.73 61.92 62.17
CA TRP A 1077 -5.09 60.54 61.90
C TRP A 1077 -4.60 60.14 60.50
N LYS A 1078 -3.72 59.15 60.44
CA LYS A 1078 -3.17 58.64 59.19
C LYS A 1078 -3.76 57.27 58.90
N GLU A 1079 -4.13 57.06 57.64
CA GLU A 1079 -4.78 55.84 57.19
C GLU A 1079 -3.77 54.75 56.82
N SER A 1080 -2.90 55.04 55.86
CA SER A 1080 -1.93 54.09 55.36
C SER A 1080 -0.53 54.40 55.92
N LEU A 1081 0.35 53.41 55.80
CA LEU A 1081 1.71 53.55 56.30
C LEU A 1081 2.63 54.29 55.33
N ILE A 1082 2.15 54.64 54.14
CA ILE A 1082 2.99 55.35 53.18
C ILE A 1082 3.24 56.78 53.65
N GLU A 1083 2.32 57.34 54.42
CA GLU A 1083 2.50 58.70 54.95
C GLU A 1083 3.50 58.77 56.09
N LEU A 1084 3.96 57.62 56.59
CA LEU A 1084 4.93 57.57 57.67
C LEU A 1084 6.33 57.34 57.12
N SER A 1085 7.33 57.87 57.83
CA SER A 1085 8.71 57.69 57.43
C SER A 1085 9.16 56.26 57.70
N GLY A 1086 10.32 55.91 57.13
CA GLY A 1086 10.84 54.56 57.32
C GLY A 1086 11.10 54.23 58.77
N GLY A 1087 11.54 55.22 59.56
CA GLY A 1087 11.75 54.99 60.98
C GLY A 1087 10.47 54.64 61.70
N GLN A 1088 9.38 55.35 61.40
CA GLN A 1088 8.10 55.05 62.02
C GLN A 1088 7.56 53.70 61.56
N ARG A 1089 7.81 53.33 60.30
CA ARG A 1089 7.40 52.00 59.84
C ARG A 1089 8.16 50.90 60.57
N SER A 1090 9.47 51.07 60.73
CA SER A 1090 10.24 50.10 61.51
C SER A 1090 9.78 50.06 62.96
N LEU A 1091 9.41 51.21 63.51
CA LEU A 1091 8.93 51.25 64.89
C LEU A 1091 7.62 50.49 65.05
N ILE A 1092 6.68 50.70 64.12
CA ILE A 1092 5.39 50.00 64.23
C ILE A 1092 5.57 48.52 63.94
N ALA A 1093 6.54 48.16 63.08
CA ALA A 1093 6.83 46.75 62.86
C ALA A 1093 7.39 46.10 64.12
N LEU A 1094 8.30 46.79 64.81
CA LEU A 1094 8.82 46.28 66.07
C LEU A 1094 7.71 46.15 67.11
N SER A 1095 6.81 47.14 67.17
CA SER A 1095 5.70 47.06 68.12
C SER A 1095 4.81 45.88 67.80
N LEU A 1096 4.54 45.63 66.52
CA LEU A 1096 3.68 44.51 66.15
C LEU A 1096 4.33 43.17 66.45
N ILE A 1097 5.63 43.04 66.16
CA ILE A 1097 6.30 41.77 66.45
C ILE A 1097 6.52 41.58 67.94
N MET A 1098 6.51 42.65 68.74
CA MET A 1098 6.55 42.51 70.18
C MET A 1098 5.18 42.16 70.76
N ALA A 1099 4.10 42.66 70.14
CA ALA A 1099 2.76 42.31 70.57
C ALA A 1099 2.33 40.94 70.09
N LEU A 1100 2.99 40.39 69.06
CA LEU A 1100 2.61 39.08 68.54
C LEU A 1100 3.18 37.94 69.36
N LEU A 1101 4.35 38.14 69.96
CA LEU A 1101 4.99 37.07 70.72
C LEU A 1101 4.28 36.75 72.03
N GLN A 1102 3.31 37.57 72.45
CA GLN A 1102 2.59 37.30 73.69
C GLN A 1102 1.63 36.13 73.56
N PHE A 1103 1.29 35.74 72.32
CA PHE A 1103 0.40 34.60 72.13
C PHE A 1103 1.10 33.29 72.46
N ARG A 1104 2.39 33.19 72.14
CA ARG A 1104 3.22 32.03 72.45
C ARG A 1104 4.32 32.48 73.40
N PRO A 1105 4.04 32.52 74.71
CA PRO A 1105 5.04 33.02 75.65
C PRO A 1105 6.20 32.05 75.85
N ALA A 1106 7.33 32.61 76.24
CA ALA A 1106 8.54 31.84 76.50
C ALA A 1106 9.29 32.49 77.64
N PRO A 1107 9.99 31.71 78.48
CA PRO A 1107 10.74 32.30 79.60
C PRO A 1107 11.90 33.18 79.15
N MET A 1108 12.25 33.18 77.87
CA MET A 1108 13.32 34.01 77.36
C MET A 1108 12.96 34.48 75.96
N TYR A 1109 13.66 35.51 75.49
CA TYR A 1109 13.49 36.00 74.13
C TYR A 1109 14.78 36.65 73.66
N ILE A 1110 15.09 36.48 72.38
CA ILE A 1110 16.27 37.04 71.75
C ILE A 1110 15.84 37.72 70.46
N LEU A 1111 16.10 39.03 70.36
CA LEU A 1111 15.76 39.81 69.19
C LEU A 1111 17.02 40.13 68.41
N ASP A 1112 16.95 39.98 67.09
CA ASP A 1112 18.14 40.02 66.24
C ASP A 1112 17.91 40.94 65.04
N GLU A 1113 18.45 42.15 65.11
CA GLU A 1113 18.61 43.04 63.97
C GLU A 1113 17.28 43.34 63.27
N VAL A 1114 16.40 44.01 64.02
CA VAL A 1114 15.17 44.55 63.46
C VAL A 1114 15.05 46.05 63.64
N ASP A 1115 15.93 46.70 64.40
CA ASP A 1115 15.88 48.14 64.62
C ASP A 1115 16.67 48.82 63.51
N ALA A 1116 15.96 49.25 62.47
CA ALA A 1116 16.61 49.87 61.32
C ALA A 1116 16.90 51.35 61.57
N ALA A 1117 15.85 52.13 61.79
CA ALA A 1117 15.98 53.58 61.92
C ALA A 1117 15.15 54.09 63.10
N LEU A 1118 15.29 53.43 64.25
CA LEU A 1118 14.59 53.88 65.45
C LEU A 1118 15.15 55.22 65.92
N ASP A 1119 14.34 55.94 66.69
CA ASP A 1119 14.72 57.22 67.25
C ASP A 1119 15.20 57.06 68.69
N LEU A 1120 15.79 58.13 69.22
CA LEU A 1120 16.34 58.09 70.57
C LEU A 1120 15.24 57.96 71.61
N SER A 1121 14.32 58.93 71.65
CA SER A 1121 13.24 58.89 72.64
C SER A 1121 12.35 57.67 72.45
N HIS A 1122 12.16 57.22 71.20
CA HIS A 1122 11.37 56.03 70.97
C HIS A 1122 12.05 54.79 71.55
N THR A 1123 13.37 54.69 71.39
CA THR A 1123 14.10 53.57 71.99
C THR A 1123 14.05 53.66 73.51
N GLN A 1124 14.11 54.87 74.07
CA GLN A 1124 13.98 55.04 75.51
C GLN A 1124 12.62 54.55 76.00
N ASN A 1125 11.55 54.92 75.29
CA ASN A 1125 10.21 54.47 75.66
C ASN A 1125 10.07 52.96 75.53
N ILE A 1126 10.67 52.38 74.49
CA ILE A 1126 10.63 50.93 74.31
C ILE A 1126 11.33 50.23 75.47
N GLY A 1127 12.51 50.73 75.85
CA GLY A 1127 13.21 50.15 76.98
C GLY A 1127 12.45 50.29 78.28
N HIS A 1128 11.82 51.44 78.48
CA HIS A 1128 11.03 51.65 79.70
C HIS A 1128 9.84 50.70 79.74
N LEU A 1129 9.16 50.50 78.61
CA LEU A 1129 8.03 49.57 78.58
C LEU A 1129 8.49 48.14 78.79
N ILE A 1130 9.66 47.78 78.26
CA ILE A 1130 10.19 46.44 78.47
C ILE A 1130 10.54 46.23 79.94
N LYS A 1131 11.12 47.25 80.57
CA LYS A 1131 11.50 47.11 81.98
C LYS A 1131 10.29 47.14 82.90
N THR A 1132 9.20 47.79 82.49
CA THR A 1132 8.01 47.91 83.32
C THR A 1132 6.92 46.92 82.95
N ARG A 1133 6.49 46.94 81.68
CA ARG A 1133 5.37 46.10 81.26
C ARG A 1133 5.79 44.65 81.00
N PHE A 1134 7.00 44.45 80.49
CA PHE A 1134 7.47 43.12 80.13
C PHE A 1134 8.25 42.44 81.24
N LYS A 1135 7.92 42.73 82.50
CA LYS A 1135 8.58 42.07 83.62
C LYS A 1135 8.31 40.58 83.61
N GLY A 1136 9.24 39.81 84.17
CA GLY A 1136 9.13 38.37 84.20
C GLY A 1136 9.59 37.67 82.95
N SER A 1137 10.19 38.39 82.01
CA SER A 1137 10.67 37.80 80.75
C SER A 1137 12.11 38.25 80.53
N GLN A 1138 13.00 37.30 80.29
CA GLN A 1138 14.42 37.58 80.10
C GLN A 1138 14.66 37.94 78.63
N PHE A 1139 14.93 39.22 78.37
CA PHE A 1139 15.03 39.74 77.01
C PHE A 1139 16.48 40.07 76.67
N ILE A 1140 16.92 39.56 75.52
CA ILE A 1140 18.20 39.94 74.92
C ILE A 1140 17.89 40.59 73.58
N VAL A 1141 18.56 41.70 73.28
CA VAL A 1141 18.35 42.42 72.03
C VAL A 1141 19.71 42.76 71.43
N VAL A 1142 19.87 42.49 70.14
CA VAL A 1142 21.09 42.82 69.39
C VAL A 1142 20.74 43.96 68.45
N SER A 1143 21.29 45.14 68.71
CA SER A 1143 20.98 46.32 67.93
C SER A 1143 21.78 46.34 66.63
N LEU A 1144 21.08 46.69 65.53
CA LEU A 1144 21.76 46.81 64.24
C LEU A 1144 22.46 48.14 64.10
N LYS A 1145 21.76 49.24 64.41
CA LYS A 1145 22.33 50.58 64.36
C LYS A 1145 22.64 51.04 65.77
N GLU A 1146 23.83 51.59 65.97
CA GLU A 1146 24.25 52.05 67.28
C GLU A 1146 23.69 53.44 67.58
N GLY A 1147 24.08 53.98 68.73
CA GLY A 1147 23.60 55.29 69.14
C GLY A 1147 22.18 55.31 69.66
N MET A 1148 21.60 54.16 69.96
CA MET A 1148 20.23 54.06 70.45
C MET A 1148 20.21 53.26 71.75
N PHE A 1149 19.03 53.23 72.37
CA PHE A 1149 18.80 52.50 73.62
C PHE A 1149 19.76 52.99 74.72
N ALA A 1150 19.62 54.27 75.05
CA ALA A 1150 20.46 54.89 76.07
C ALA A 1150 19.93 54.66 77.48
N ASN A 1151 18.77 54.05 77.64
CA ASN A 1151 18.18 53.78 78.95
C ASN A 1151 18.36 52.33 79.39
N ALA A 1152 19.17 51.55 78.68
CA ALA A 1152 19.39 50.16 79.05
C ALA A 1152 20.23 50.06 80.31
N ASN A 1153 19.84 49.14 81.20
CA ASN A 1153 20.58 48.96 82.44
C ASN A 1153 21.94 48.31 82.20
N ARG A 1154 22.05 47.45 81.19
CA ARG A 1154 23.31 46.78 80.86
C ARG A 1154 23.49 46.83 79.36
N VAL A 1155 24.54 47.49 78.91
CA VAL A 1155 24.84 47.64 77.48
C VAL A 1155 26.12 46.86 77.21
N PHE A 1156 25.98 45.69 76.60
CA PHE A 1156 27.11 44.85 76.25
C PHE A 1156 27.76 45.39 74.99
N ARG A 1157 28.89 46.07 75.15
CA ARG A 1157 29.62 46.66 74.02
C ARG A 1157 30.51 45.59 73.40
N THR A 1158 29.94 44.82 72.48
CA THR A 1158 30.67 43.77 71.80
C THR A 1158 31.43 44.35 70.62
N ARG A 1159 32.74 44.11 70.57
CA ARG A 1159 33.60 44.64 69.52
C ARG A 1159 34.48 43.54 68.95
N PHE A 1160 34.86 43.72 67.69
CA PHE A 1160 35.69 42.77 66.97
C PHE A 1160 37.16 43.03 67.26
N GLN A 1161 37.87 42.00 67.71
CA GLN A 1161 39.26 42.14 68.10
C GLN A 1161 39.90 40.76 68.16
N ASP A 1162 41.10 40.63 67.59
CA ASP A 1162 41.79 39.34 67.45
C ASP A 1162 40.88 38.30 66.80
N GLY A 1163 40.06 38.74 65.84
CA GLY A 1163 39.16 37.85 65.15
C GLY A 1163 37.97 37.36 65.95
N THR A 1164 37.87 37.73 67.22
CA THR A 1164 36.77 37.29 68.07
C THR A 1164 36.00 38.49 68.59
N SER A 1165 35.04 38.24 69.48
CA SER A 1165 34.20 39.28 70.06
C SER A 1165 34.59 39.47 71.52
N VAL A 1166 34.85 40.72 71.90
CA VAL A 1166 35.23 41.05 73.27
C VAL A 1166 34.37 42.21 73.75
N VAL A 1167 34.08 42.20 75.05
CA VAL A 1167 33.26 43.25 75.66
C VAL A 1167 34.11 44.07 76.62
N UNK A 1171 -56.83 -49.86 76.78
CA UNK A 1171 -57.22 -50.10 78.17
C UNK A 1171 -57.17 -48.80 78.98
N UNK A 1172 -56.04 -48.57 79.62
CA UNK A 1172 -55.86 -47.37 80.43
C UNK A 1172 -55.58 -46.16 79.55
N UNK A 1173 -54.90 -46.39 78.43
CA UNK A 1173 -54.56 -45.33 77.50
C UNK A 1173 -55.81 -44.73 76.86
N UNK A 1174 -56.77 -45.59 76.53
CA UNK A 1174 -58.02 -45.15 75.93
C UNK A 1174 -58.85 -44.34 76.92
N UNK A 1175 -58.73 -44.67 78.19
CA UNK A 1175 -59.45 -43.95 79.24
C UNK A 1175 -58.77 -42.61 79.54
N UNK A 1176 -57.44 -42.58 79.43
CA UNK A 1176 -56.68 -41.37 79.67
C UNK A 1176 -56.86 -40.37 78.53
N UNK A 1177 -56.97 -40.89 77.32
CA UNK A 1177 -57.15 -40.04 76.14
C UNK A 1177 -58.57 -39.47 76.10
N UNK A 1178 -59.56 -40.35 76.24
CA UNK A 1178 -60.95 -39.93 76.22
C UNK A 1178 -61.40 -39.44 77.60
N GLN B 151 -42.70 -11.82 -58.42
CA GLN B 151 -43.20 -10.83 -57.47
C GLN B 151 -42.68 -9.44 -57.81
N SER B 152 -43.54 -8.44 -57.68
CA SER B 152 -43.17 -7.07 -57.98
C SER B 152 -42.65 -6.37 -56.72
N ARG B 153 -42.01 -5.22 -56.93
CA ARG B 153 -41.45 -4.43 -55.84
C ARG B 153 -41.89 -2.98 -55.98
N LEU B 154 -41.91 -2.29 -54.85
CA LEU B 154 -42.35 -0.89 -54.80
C LEU B 154 -41.18 0.04 -55.04
N PHE B 155 -41.44 1.13 -55.77
CA PHE B 155 -40.40 2.11 -56.06
C PHE B 155 -41.05 3.47 -56.32
N ILE B 156 -40.23 4.50 -56.21
CA ILE B 156 -40.67 5.90 -56.30
C ILE B 156 -40.58 6.37 -57.74
N ASN B 157 -41.56 7.16 -58.17
CA ASN B 157 -41.58 7.73 -59.50
C ASN B 157 -41.10 9.18 -59.52
N GLU B 158 -41.71 10.04 -58.70
CA GLU B 158 -41.37 11.45 -58.70
C GLU B 158 -41.68 12.05 -57.34
N LEU B 159 -41.20 13.28 -57.14
CA LEU B 159 -41.42 14.03 -55.91
C LEU B 159 -42.11 15.35 -56.24
N VAL B 160 -42.87 15.86 -55.27
CA VAL B 160 -43.58 17.14 -55.41
C VAL B 160 -43.31 17.97 -54.16
N LEU B 161 -42.96 19.24 -54.37
CA LEU B 161 -42.71 20.17 -53.28
C LEU B 161 -43.58 21.41 -53.45
N GLU B 162 -44.06 21.95 -52.33
CA GLU B 162 -44.90 23.14 -52.34
C GLU B 162 -44.49 24.05 -51.19
N ASN B 163 -43.90 25.20 -51.54
CA ASN B 163 -43.49 26.23 -50.59
C ASN B 163 -42.47 25.69 -49.58
N PHE B 164 -41.43 25.03 -50.09
CA PHE B 164 -40.37 24.54 -49.24
C PHE B 164 -39.43 25.68 -48.85
N LYS B 165 -38.56 25.38 -47.87
CA LYS B 165 -37.59 26.38 -47.41
C LYS B 165 -36.68 26.83 -48.55
N SER B 166 -36.29 25.89 -49.41
CA SER B 166 -35.45 26.21 -50.56
C SER B 166 -36.14 26.00 -51.89
N TYR B 167 -37.32 25.40 -51.92
CA TYR B 167 -38.09 25.17 -53.14
C TYR B 167 -39.38 25.97 -53.04
N ALA B 168 -39.33 27.22 -53.51
CA ALA B 168 -40.50 28.08 -53.48
C ALA B 168 -41.46 27.72 -54.60
N GLY B 169 -42.76 27.81 -54.30
CA GLY B 169 -43.77 27.47 -55.28
C GLY B 169 -43.87 25.97 -55.51
N LYS B 170 -44.61 25.63 -56.57
CA LYS B 170 -44.82 24.24 -56.92
C LYS B 170 -43.62 23.72 -57.73
N GLN B 171 -42.97 22.69 -57.22
CA GLN B 171 -41.82 22.06 -57.88
C GLN B 171 -42.14 20.59 -58.09
N VAL B 172 -42.28 20.20 -59.35
CA VAL B 172 -42.61 18.82 -59.73
C VAL B 172 -41.38 18.20 -60.37
N VAL B 173 -40.88 17.14 -59.75
CA VAL B 173 -39.73 16.42 -60.29
C VAL B 173 -40.20 15.44 -61.34
N GLY B 174 -39.35 15.21 -62.36
CA GLY B 174 -39.67 14.29 -63.41
C GLY B 174 -39.70 12.85 -62.92
N PRO B 175 -40.10 11.94 -63.80
CA PRO B 175 -40.17 10.53 -63.41
C PRO B 175 -38.79 9.91 -63.28
N PHE B 176 -38.65 9.02 -62.30
CA PHE B 176 -37.39 8.34 -62.05
C PHE B 176 -37.32 7.03 -62.83
N HIS B 177 -36.09 6.55 -63.01
CA HIS B 177 -35.89 5.30 -63.72
C HIS B 177 -36.26 4.12 -62.84
N THR B 178 -36.65 3.01 -63.49
CA THR B 178 -37.04 1.82 -62.76
C THR B 178 -35.86 1.06 -62.18
N SER B 179 -34.70 1.12 -62.84
CA SER B 179 -33.53 0.37 -62.41
C SER B 179 -32.61 1.21 -61.51
N PHE B 180 -32.12 2.33 -62.03
CA PHE B 180 -31.16 3.14 -61.29
C PHE B 180 -31.33 4.60 -61.67
N SER B 181 -31.29 5.48 -60.67
CA SER B 181 -31.39 6.92 -60.86
C SER B 181 -30.31 7.61 -60.04
N ALA B 182 -30.14 8.91 -60.28
CA ALA B 182 -29.12 9.68 -59.57
C ALA B 182 -29.47 11.15 -59.64
N VAL B 183 -29.41 11.82 -58.49
CA VAL B 183 -29.63 13.26 -58.39
C VAL B 183 -28.28 13.95 -58.22
N VAL B 184 -28.14 15.11 -58.86
CA VAL B 184 -26.86 15.82 -58.92
C VAL B 184 -27.12 17.32 -58.74
N GLY B 185 -26.25 17.95 -57.94
CA GLY B 185 -26.31 19.38 -57.74
C GLY B 185 -24.98 19.92 -57.24
N PRO B 186 -24.72 21.19 -57.50
CA PRO B 186 -23.46 21.80 -57.05
C PRO B 186 -23.36 21.85 -55.54
N ASN B 187 -22.18 22.24 -55.07
CA ASN B 187 -21.92 22.32 -53.64
C ASN B 187 -22.73 23.46 -53.02
N GLY B 188 -23.52 23.13 -51.99
CA GLY B 188 -24.35 24.12 -51.35
C GLY B 188 -25.50 24.62 -52.19
N SER B 189 -26.03 23.78 -53.07
CA SER B 189 -27.13 24.17 -53.94
C SER B 189 -28.50 23.88 -53.35
N GLY B 190 -28.57 23.07 -52.29
CA GLY B 190 -29.84 22.75 -51.67
C GLY B 190 -30.07 21.27 -51.46
N LYS B 191 -29.02 20.47 -51.65
CA LYS B 191 -29.15 19.03 -51.43
C LYS B 191 -29.42 18.72 -49.96
N SER B 192 -28.87 19.54 -49.05
CA SER B 192 -29.17 19.37 -47.64
C SER B 192 -30.65 19.53 -47.36
N ASN B 193 -31.32 20.46 -48.05
CA ASN B 193 -32.76 20.58 -47.91
C ASN B 193 -33.48 19.33 -48.40
N VAL B 194 -32.97 18.71 -49.47
CA VAL B 194 -33.57 17.49 -49.98
C VAL B 194 -33.44 16.36 -48.97
N ILE B 195 -32.25 16.21 -48.37
CA ILE B 195 -32.07 15.12 -47.40
C ILE B 195 -32.87 15.41 -46.13
N ASP B 196 -33.03 16.69 -45.78
CA ASP B 196 -33.85 17.03 -44.62
C ASP B 196 -35.32 16.71 -44.87
N SER B 197 -35.81 17.01 -46.08
CA SER B 197 -37.18 16.65 -46.42
C SER B 197 -37.37 15.14 -46.44
N MET B 198 -36.38 14.41 -46.96
CA MET B 198 -36.49 12.96 -46.99
C MET B 198 -36.50 12.37 -45.57
N LEU B 199 -35.71 12.96 -44.67
CA LEU B 199 -35.72 12.49 -43.29
C LEU B 199 -37.01 12.87 -42.56
N PHE B 200 -37.59 14.03 -42.91
CA PHE B 200 -38.83 14.47 -42.29
C PHE B 200 -40.03 13.69 -42.80
N VAL B 201 -39.97 13.16 -44.02
CA VAL B 201 -41.07 12.37 -44.56
C VAL B 201 -41.24 11.10 -43.75
N PHE B 202 -40.15 10.41 -43.45
CA PHE B 202 -40.18 9.16 -42.69
C PHE B 202 -40.18 9.40 -41.18
N GLY B 203 -40.28 10.65 -40.73
CA GLY B 203 -40.33 10.95 -39.33
C GLY B 203 -39.00 10.95 -38.60
N PHE B 204 -37.93 10.53 -39.26
CA PHE B 204 -36.60 10.49 -38.64
C PHE B 204 -36.04 11.90 -38.58
N ARG B 205 -36.38 12.63 -37.51
CA ARG B 205 -35.89 13.99 -37.35
C ARG B 205 -34.40 13.99 -37.01
N ALA B 206 -33.68 14.92 -37.61
CA ALA B 206 -32.24 15.02 -37.38
C ALA B 206 -31.95 15.54 -35.97
N ASN B 207 -30.73 15.31 -35.52
CA ASN B 207 -30.28 15.72 -34.20
C ASN B 207 -29.57 17.06 -34.21
N LYS B 208 -29.58 17.77 -35.34
CA LYS B 208 -28.96 19.09 -35.43
C LYS B 208 -29.92 20.21 -35.04
N MET B 209 -31.15 20.15 -35.53
CA MET B 209 -32.16 21.15 -35.20
C MET B 209 -32.98 20.69 -34.00
N ARG B 210 -33.43 21.67 -33.21
CA ARG B 210 -34.22 21.37 -32.03
C ARG B 210 -35.57 20.76 -32.43
N GLN B 211 -36.23 20.17 -31.44
CA GLN B 211 -37.50 19.50 -31.68
C GLN B 211 -38.61 20.52 -31.88
N ASP B 212 -39.65 20.12 -32.62
CA ASP B 212 -40.83 20.94 -32.89
C ASP B 212 -40.45 22.24 -33.59
N ARG B 213 -39.43 22.20 -34.44
CA ARG B 213 -39.01 23.37 -35.22
C ARG B 213 -39.14 23.10 -36.71
N LEU B 214 -40.20 22.37 -37.09
CA LEU B 214 -40.46 22.10 -38.50
C LEU B 214 -40.92 23.32 -39.27
N SER B 215 -41.23 24.42 -38.57
CA SER B 215 -41.65 25.64 -39.25
C SER B 215 -40.55 26.21 -40.15
N ASP B 216 -39.29 25.81 -39.93
CA ASP B 216 -38.21 26.23 -40.81
C ASP B 216 -38.34 25.62 -42.20
N LEU B 217 -39.11 24.55 -42.36
CA LEU B 217 -39.31 23.96 -43.67
C LEU B 217 -40.12 24.86 -44.59
N ILE B 218 -40.92 25.76 -44.02
CA ILE B 218 -41.68 26.71 -44.83
C ILE B 218 -40.73 27.75 -45.41
N HIS B 219 -41.06 28.26 -46.60
CA HIS B 219 -40.22 29.24 -47.26
C HIS B 219 -40.12 30.52 -46.43
N LYS B 220 -38.92 30.78 -45.92
CA LYS B 220 -38.65 31.97 -45.11
C LYS B 220 -37.47 32.70 -45.75
N SER B 221 -37.77 33.78 -46.47
CA SER B 221 -36.76 34.56 -47.17
C SER B 221 -37.10 36.04 -47.02
N GLU B 222 -36.41 36.88 -47.79
CA GLU B 222 -36.65 38.32 -47.72
C GLU B 222 -37.88 38.73 -48.52
N ALA B 223 -38.06 38.15 -49.72
CA ALA B 223 -39.21 38.49 -50.55
C ALA B 223 -40.50 37.84 -50.07
N PHE B 224 -40.41 36.73 -49.33
CA PHE B 224 -41.59 36.03 -48.81
C PHE B 224 -41.35 35.73 -47.33
N PRO B 225 -41.57 36.71 -46.46
CA PRO B 225 -41.36 36.47 -45.03
C PRO B 225 -42.42 35.60 -44.38
N SER B 226 -43.60 35.47 -44.99
CA SER B 226 -44.68 34.66 -44.42
C SER B 226 -45.53 34.13 -45.56
N LEU B 227 -45.64 32.81 -45.64
CA LEU B 227 -46.44 32.14 -46.65
C LEU B 227 -47.54 31.32 -45.98
N GLN B 228 -48.26 30.53 -46.79
CA GLN B 228 -49.40 29.78 -46.27
C GLN B 228 -48.95 28.55 -45.50
N SER B 229 -48.30 27.61 -46.18
CA SER B 229 -47.87 26.36 -45.56
C SER B 229 -46.92 25.63 -46.51
N CYS B 230 -46.26 24.61 -45.98
CA CYS B 230 -45.35 23.77 -46.73
C CYS B 230 -45.96 22.39 -46.94
N SER B 231 -45.55 21.72 -48.02
CA SER B 231 -46.00 20.35 -48.23
C SER B 231 -45.04 19.62 -49.15
N VAL B 232 -44.91 18.32 -48.93
CA VAL B 232 -44.11 17.43 -49.76
C VAL B 232 -44.92 16.20 -50.07
N ALA B 233 -44.72 15.62 -51.25
CA ALA B 233 -45.49 14.48 -51.71
C ALA B 233 -44.58 13.50 -52.44
N VAL B 234 -44.67 12.23 -52.06
CA VAL B 234 -43.90 11.17 -52.69
C VAL B 234 -44.85 10.09 -53.18
N HIS B 235 -44.57 9.55 -54.37
CA HIS B 235 -45.41 8.56 -55.00
C HIS B 235 -44.69 7.21 -55.05
N PHE B 236 -45.46 6.13 -54.92
CA PHE B 236 -44.93 4.78 -54.96
C PHE B 236 -45.77 3.93 -55.90
N GLN B 237 -45.11 3.02 -56.62
CA GLN B 237 -45.81 2.15 -57.55
C GLN B 237 -45.00 0.88 -57.74
N TYR B 238 -45.64 -0.12 -58.35
CA TYR B 238 -45.06 -1.44 -58.52
C TYR B 238 -44.24 -1.52 -59.79
N VAL B 239 -43.25 -2.42 -59.77
CA VAL B 239 -42.42 -2.69 -60.93
C VAL B 239 -41.92 -4.12 -60.85
N ILE B 240 -41.80 -4.78 -62.00
CA ILE B 240 -41.37 -6.17 -62.08
C ILE B 240 -39.99 -6.22 -62.72
N ASP B 241 -39.11 -7.06 -62.18
CA ASP B 241 -37.78 -7.27 -62.69
C ASP B 241 -37.70 -8.68 -63.26
N GLU B 242 -37.54 -8.79 -64.58
CA GLU B 242 -37.47 -10.07 -65.26
C GLU B 242 -36.00 -10.46 -65.47
N SER B 243 -35.79 -11.55 -66.20
CA SER B 243 -34.44 -12.02 -66.47
C SER B 243 -33.74 -11.11 -67.49
N SER B 244 -34.32 -10.99 -68.68
CA SER B 244 -33.74 -10.14 -69.71
C SER B 244 -34.11 -8.68 -69.47
N GLY B 245 -33.47 -7.80 -70.24
CA GLY B 245 -33.73 -6.37 -70.11
C GLY B 245 -35.10 -5.97 -70.60
N THR B 246 -35.98 -5.61 -69.66
CA THR B 246 -37.34 -5.19 -69.98
C THR B 246 -37.90 -4.44 -68.77
N SER B 247 -39.19 -4.12 -68.83
CA SER B 247 -39.85 -3.41 -67.73
C SER B 247 -41.32 -3.80 -67.73
N ARG B 248 -41.74 -4.51 -66.69
CA ARG B 248 -43.12 -4.94 -66.54
C ARG B 248 -43.72 -4.28 -65.31
N ILE B 249 -45.01 -3.92 -65.42
CA ILE B 249 -45.74 -3.25 -64.35
C ILE B 249 -47.03 -4.00 -64.11
N ASP B 250 -47.35 -4.25 -62.83
CA ASP B 250 -48.57 -4.95 -62.47
C ASP B 250 -49.77 -4.02 -62.33
N GLU B 251 -49.54 -2.76 -61.96
CA GLU B 251 -50.61 -1.78 -61.79
C GLU B 251 -50.18 -0.49 -62.46
N GLU B 252 -50.84 -0.16 -63.58
CA GLU B 252 -50.51 1.07 -64.30
C GLU B 252 -50.83 2.32 -63.49
N LYS B 253 -51.72 2.23 -62.52
CA LYS B 253 -52.06 3.37 -61.68
C LYS B 253 -51.03 3.52 -60.57
N PRO B 254 -50.84 4.74 -60.05
CA PRO B 254 -49.91 4.94 -58.93
C PRO B 254 -50.34 4.13 -57.71
N GLY B 255 -49.35 3.56 -57.02
CA GLY B 255 -49.62 2.71 -55.87
C GLY B 255 -50.07 3.48 -54.65
N LEU B 256 -49.19 4.31 -54.10
CA LEU B 256 -49.49 5.07 -52.90
C LEU B 256 -48.96 6.49 -53.05
N ILE B 257 -49.55 7.40 -52.28
CA ILE B 257 -49.14 8.81 -52.25
C ILE B 257 -49.00 9.22 -50.79
N ILE B 258 -47.79 9.52 -50.36
CA ILE B 258 -47.49 9.88 -48.98
C ILE B 258 -47.14 11.37 -48.94
N THR B 259 -47.90 12.13 -48.16
CA THR B 259 -47.64 13.56 -48.00
C THR B 259 -47.63 13.90 -46.52
N ARG B 260 -46.88 14.96 -46.18
CA ARG B 260 -46.80 15.44 -44.80
C ARG B 260 -46.65 16.95 -44.85
N LYS B 261 -47.71 17.67 -44.50
CA LYS B 261 -47.71 19.12 -44.52
C LYS B 261 -47.21 19.68 -43.19
N ALA B 262 -46.68 20.90 -43.25
CA ALA B 262 -46.16 21.60 -42.08
C ALA B 262 -46.95 22.89 -41.88
N PHE B 263 -47.28 23.18 -40.62
CA PHE B 263 -48.02 24.38 -40.27
C PHE B 263 -47.24 25.16 -39.23
N LYS B 264 -47.12 26.48 -39.46
CA LYS B 264 -46.21 27.33 -38.70
C LYS B 264 -46.50 27.34 -37.21
N ASN B 265 -47.66 26.85 -36.77
CA ASN B 265 -47.93 26.67 -35.36
C ASN B 265 -47.36 25.36 -34.83
N ASN B 266 -46.35 24.82 -35.52
CA ASN B 266 -45.72 23.55 -35.18
C ASN B 266 -46.72 22.41 -35.28
N SER B 267 -47.34 22.29 -36.45
CA SER B 267 -48.32 21.23 -36.70
C SER B 267 -47.90 20.38 -37.88
N SER B 268 -48.17 19.08 -37.79
CA SER B 268 -47.83 18.15 -38.85
C SER B 268 -48.88 17.04 -38.88
N LYS B 269 -49.02 16.41 -40.05
CA LYS B 269 -49.98 15.34 -40.23
C LYS B 269 -49.59 14.51 -41.44
N TYR B 270 -49.92 13.22 -41.39
CA TYR B 270 -49.61 12.28 -42.46
C TYR B 270 -50.85 12.02 -43.30
N TYR B 271 -50.68 12.04 -44.62
CA TYR B 271 -51.77 11.78 -45.56
C TYR B 271 -51.33 10.70 -46.53
N ILE B 272 -51.96 9.54 -46.47
CA ILE B 272 -51.73 8.46 -47.41
C ILE B 272 -52.92 8.40 -48.36
N ASN B 273 -52.64 8.35 -49.66
CA ASN B 273 -53.67 8.38 -50.69
C ASN B 273 -54.62 9.56 -50.47
N GLU B 274 -54.02 10.73 -50.25
CA GLU B 274 -54.71 12.01 -49.99
C GLU B 274 -55.74 11.90 -48.86
N LYS B 275 -55.61 10.87 -48.01
CA LYS B 275 -56.49 10.69 -46.86
C LYS B 275 -55.68 10.72 -45.58
N GLU B 276 -56.19 11.43 -44.58
CA GLU B 276 -55.47 11.59 -43.32
C GLU B 276 -55.29 10.25 -42.63
N SER B 277 -54.17 10.11 -41.92
CA SER B 277 -53.87 8.88 -41.20
C SER B 277 -52.85 9.17 -40.12
N SER B 278 -52.60 8.17 -39.28
CA SER B 278 -51.61 8.25 -38.23
C SER B 278 -50.28 7.66 -38.71
N TYR B 279 -49.33 7.51 -37.78
CA TYR B 279 -48.02 6.98 -38.13
C TYR B 279 -47.93 5.46 -37.94
N THR B 280 -48.64 4.91 -36.96
CA THR B 280 -48.55 3.48 -36.69
C THR B 280 -49.10 2.67 -37.86
N GLU B 281 -50.27 3.06 -38.37
CA GLU B 281 -50.87 2.31 -39.48
C GLU B 281 -50.01 2.38 -40.73
N VAL B 282 -49.47 3.56 -41.05
CA VAL B 282 -48.68 3.69 -42.27
C VAL B 282 -47.34 2.97 -42.13
N THR B 283 -46.74 2.98 -40.94
CA THR B 283 -45.49 2.26 -40.78
C THR B 283 -45.72 0.75 -40.77
N LYS B 284 -46.87 0.29 -40.28
CA LYS B 284 -47.18 -1.13 -40.37
C LYS B 284 -47.43 -1.54 -41.82
N LEU B 285 -48.11 -0.69 -42.59
CA LEU B 285 -48.32 -0.97 -44.00
C LEU B 285 -47.00 -0.98 -44.77
N LEU B 286 -46.08 -0.10 -44.40
CA LEU B 286 -44.76 -0.09 -45.04
C LEU B 286 -43.96 -1.34 -44.68
N LYS B 287 -44.02 -1.75 -43.41
CA LYS B 287 -43.34 -2.97 -42.99
C LYS B 287 -43.92 -4.21 -43.67
N ASN B 288 -45.23 -4.22 -43.90
CA ASN B 288 -45.85 -5.35 -44.61
C ASN B 288 -45.40 -5.42 -46.06
N GLU B 289 -45.06 -4.28 -46.66
CA GLU B 289 -44.61 -4.22 -48.04
C GLU B 289 -43.12 -4.48 -48.18
N GLY B 290 -42.44 -4.88 -47.11
CA GLY B 290 -41.02 -5.16 -47.16
C GLY B 290 -40.11 -3.99 -46.89
N ILE B 291 -40.64 -2.92 -46.30
CA ILE B 291 -39.85 -1.73 -45.96
C ILE B 291 -40.05 -1.49 -44.47
N ASP B 292 -39.15 -2.03 -43.64
CA ASP B 292 -39.25 -1.90 -42.20
C ASP B 292 -38.57 -0.60 -41.76
N LEU B 293 -39.32 0.26 -41.08
CA LEU B 293 -38.81 1.53 -40.59
C LEU B 293 -38.14 1.40 -39.22
N ASP B 294 -37.96 0.18 -38.72
CA ASP B 294 -37.30 0.00 -37.43
C ASP B 294 -35.82 0.38 -37.51
N HIS B 295 -35.17 0.09 -38.63
CA HIS B 295 -33.77 0.40 -38.84
C HIS B 295 -33.62 1.23 -40.11
N LYS B 296 -32.67 2.16 -40.11
CA LYS B 296 -32.43 3.03 -41.25
C LYS B 296 -31.50 2.33 -42.25
N ARG B 297 -32.01 1.23 -42.80
CA ARG B 297 -31.23 0.48 -43.78
C ARG B 297 -31.08 1.24 -45.09
N PHE B 298 -32.09 2.01 -45.48
CA PHE B 298 -32.04 2.75 -46.73
C PHE B 298 -31.18 4.01 -46.63
N LEU B 299 -30.91 4.49 -45.41
CA LEU B 299 -30.15 5.72 -45.22
C LEU B 299 -28.66 5.41 -45.14
N ILE B 300 -27.87 6.15 -45.91
CA ILE B 300 -26.41 6.05 -45.89
C ILE B 300 -25.88 7.47 -45.73
N LEU B 301 -25.30 7.76 -44.56
CA LEU B 301 -24.81 9.08 -44.24
C LEU B 301 -23.41 8.99 -43.64
N GLN B 302 -22.66 10.07 -43.78
CA GLN B 302 -21.32 10.12 -43.19
C GLN B 302 -21.35 10.03 -41.67
N GLY B 303 -22.50 10.31 -41.05
CA GLY B 303 -22.61 10.14 -39.61
C GLY B 303 -22.39 8.70 -39.17
N GLU B 304 -23.02 7.76 -39.87
CA GLU B 304 -22.79 6.35 -39.56
C GLU B 304 -21.35 5.95 -39.83
N VAL B 305 -20.72 6.54 -40.87
CA VAL B 305 -19.33 6.24 -41.17
C VAL B 305 -18.44 6.67 -40.02
N GLU B 306 -18.58 7.93 -39.57
CA GLU B 306 -17.76 8.42 -38.47
C GLU B 306 -18.10 7.76 -37.14
N ASN B 307 -19.32 7.23 -37.00
CA ASN B 307 -19.66 6.48 -35.79
C ASN B 307 -19.00 5.12 -35.79
N ILE B 308 -19.04 4.41 -36.92
CA ILE B 308 -18.37 3.11 -37.02
C ILE B 308 -16.86 3.28 -36.88
N ALA B 309 -16.32 4.37 -37.39
CA ALA B 309 -14.89 4.63 -37.24
C ALA B 309 -14.49 4.84 -35.79
N GLN B 310 -15.42 5.23 -34.92
CA GLN B 310 -15.17 5.40 -33.51
C GLN B 310 -15.96 4.42 -32.65
N MET B 311 -16.62 3.44 -33.27
CA MET B 311 -17.45 2.51 -32.53
C MET B 311 -16.57 1.52 -31.76
N LYS B 312 -16.81 1.44 -30.45
CA LYS B 312 -16.10 0.49 -29.61
C LYS B 312 -16.64 -0.92 -29.82
N PRO B 313 -15.86 -1.95 -29.47
CA PRO B 313 -16.39 -3.32 -29.59
C PRO B 313 -17.61 -3.57 -28.73
N LYS B 314 -17.69 -2.92 -27.57
CA LYS B 314 -18.84 -3.03 -26.69
C LYS B 314 -19.49 -1.66 -26.54
N ALA B 315 -20.74 -1.65 -26.06
CA ALA B 315 -21.49 -0.42 -25.84
C ALA B 315 -20.97 0.25 -24.57
N GLU B 316 -19.80 0.88 -24.70
CA GLU B 316 -19.21 1.57 -23.56
C GLU B 316 -19.99 2.83 -23.20
N LYS B 317 -20.52 3.53 -24.21
CA LYS B 317 -21.32 4.72 -23.96
C LYS B 317 -22.76 4.34 -23.63
N GLU B 318 -23.40 5.16 -22.81
CA GLU B 318 -24.78 4.88 -22.41
C GLU B 318 -25.77 5.01 -23.55
N SER B 319 -25.42 5.74 -24.60
CA SER B 319 -26.29 5.92 -25.76
C SER B 319 -25.71 5.37 -27.05
N ASP B 320 -24.40 5.50 -27.25
CA ASP B 320 -23.76 5.02 -28.47
C ASP B 320 -23.60 3.50 -28.40
N ASP B 321 -24.25 2.79 -29.32
CA ASP B 321 -24.16 1.34 -29.35
C ASP B 321 -22.83 0.90 -29.95
N GLY B 322 -22.24 -0.14 -29.37
CA GLY B 322 -20.98 -0.67 -29.84
C GLY B 322 -21.12 -1.51 -31.09
N LEU B 323 -19.99 -2.07 -31.53
CA LEU B 323 -19.98 -2.91 -32.71
C LEU B 323 -20.78 -4.19 -32.49
N LEU B 324 -20.73 -4.74 -31.27
CA LEU B 324 -21.53 -5.90 -30.95
C LEU B 324 -23.02 -5.60 -31.06
N GLU B 325 -23.46 -4.48 -30.45
CA GLU B 325 -24.85 -4.07 -30.60
C GLU B 325 -25.18 -3.72 -32.04
N TYR B 326 -24.20 -3.19 -32.79
CA TYR B 326 -24.44 -2.88 -34.20
C TYR B 326 -24.75 -4.14 -34.99
N LEU B 327 -23.91 -5.17 -34.86
CA LEU B 327 -24.21 -6.42 -35.54
C LEU B 327 -25.43 -7.11 -34.97
N GLU B 328 -25.80 -6.82 -33.72
CA GLU B 328 -27.05 -7.35 -33.17
C GLU B 328 -28.26 -6.75 -33.88
N ASP B 329 -28.28 -5.42 -34.03
CA ASP B 329 -29.32 -4.80 -34.85
C ASP B 329 -29.26 -5.28 -36.29
N ILE B 330 -28.06 -5.61 -36.79
CA ILE B 330 -27.93 -6.11 -38.15
C ILE B 330 -28.64 -7.45 -38.30
N ILE B 331 -28.33 -8.40 -37.41
CA ILE B 331 -28.90 -9.75 -37.52
C ILE B 331 -30.32 -9.84 -37.01
N GLY B 332 -30.89 -8.74 -36.50
CA GLY B 332 -32.26 -8.72 -36.06
C GLY B 332 -32.51 -9.28 -34.67
N THR B 333 -31.50 -9.83 -34.01
CA THR B 333 -31.64 -10.38 -32.66
C THR B 333 -31.11 -9.40 -31.61
N ALA B 334 -31.28 -8.10 -31.84
CA ALA B 334 -30.77 -7.10 -30.91
C ALA B 334 -31.56 -7.10 -29.61
N ASN B 335 -32.88 -7.01 -29.68
CA ASN B 335 -33.72 -6.97 -28.49
C ASN B 335 -34.00 -8.39 -28.01
N TYR B 336 -32.96 -9.19 -27.86
CA TYR B 336 -33.10 -10.54 -27.33
C TYR B 336 -32.05 -10.80 -26.25
N LYS B 337 -30.92 -10.11 -26.34
CA LYS B 337 -29.82 -10.30 -25.39
C LYS B 337 -30.03 -9.56 -24.07
N PRO B 338 -30.39 -8.27 -24.08
CA PRO B 338 -30.53 -7.57 -22.78
C PRO B 338 -31.66 -8.12 -21.92
N LEU B 339 -32.77 -8.53 -22.55
CA LEU B 339 -33.88 -9.08 -21.78
C LEU B 339 -33.47 -10.38 -21.07
N ILE B 340 -32.88 -11.31 -21.82
CA ILE B 340 -32.48 -12.58 -21.21
C ILE B 340 -31.34 -12.36 -20.23
N GLU B 341 -30.52 -11.32 -20.43
CA GLU B 341 -29.46 -11.03 -19.46
C GLU B 341 -30.04 -10.53 -18.15
N GLU B 342 -30.97 -9.59 -18.21
CA GLU B 342 -31.63 -9.12 -17.00
C GLU B 342 -32.39 -10.24 -16.31
N ARG B 343 -32.99 -11.15 -17.09
CA ARG B 343 -33.66 -12.29 -16.50
C ARG B 343 -32.68 -13.22 -15.80
N MET B 344 -31.60 -13.58 -16.48
CA MET B 344 -30.57 -14.44 -15.88
C MET B 344 -29.94 -13.80 -14.66
N GLY B 345 -30.00 -12.47 -14.54
CA GLY B 345 -29.54 -11.82 -13.33
C GLY B 345 -30.54 -11.87 -12.20
N GLN B 346 -31.76 -11.37 -12.46
CA GLN B 346 -32.75 -11.24 -11.40
C GLN B 346 -33.24 -12.60 -10.91
N ILE B 347 -33.57 -13.51 -11.84
CA ILE B 347 -34.04 -14.83 -11.44
C ILE B 347 -32.95 -15.60 -10.72
N GLU B 348 -31.68 -15.41 -11.11
CA GLU B 348 -30.60 -16.10 -10.40
C GLU B 348 -30.40 -15.53 -9.00
N ASN B 349 -30.55 -14.21 -8.83
CA ASN B 349 -30.51 -13.65 -7.49
C ASN B 349 -31.64 -14.17 -6.63
N LEU B 350 -32.84 -14.28 -7.20
CA LEU B 350 -33.96 -14.85 -6.47
C LEU B 350 -33.71 -16.31 -6.11
N ASN B 351 -33.09 -17.06 -7.04
CA ASN B 351 -32.75 -18.45 -6.75
C ASN B 351 -31.72 -18.55 -5.63
N GLU B 352 -30.75 -17.63 -5.61
CA GLU B 352 -29.75 -17.63 -4.55
C GLU B 352 -30.39 -17.35 -3.20
N VAL B 353 -31.28 -16.35 -3.13
CA VAL B 353 -31.88 -16.01 -1.84
C VAL B 353 -32.84 -17.10 -1.39
N CYS B 354 -33.55 -17.74 -2.33
CA CYS B 354 -34.44 -18.82 -1.93
C CYS B 354 -33.65 -20.06 -1.55
N LEU B 355 -32.47 -20.27 -2.14
CA LEU B 355 -31.62 -21.37 -1.71
C LEU B 355 -31.05 -21.12 -0.32
N GLU B 356 -30.74 -19.86 0.00
CA GLU B 356 -30.33 -19.53 1.35
C GLU B 356 -31.46 -19.78 2.35
N LYS B 357 -32.68 -19.39 1.98
CA LYS B 357 -33.83 -19.67 2.84
C LYS B 357 -34.05 -21.18 3.00
N GLU B 358 -33.85 -21.93 1.92
CA GLU B 358 -33.99 -23.39 2.00
C GLU B 358 -32.91 -24.01 2.87
N ASN B 359 -31.69 -23.45 2.84
CA ASN B 359 -30.64 -23.94 3.72
C ASN B 359 -30.95 -23.64 5.18
N ARG B 360 -31.52 -22.46 5.45
CA ARG B 360 -31.96 -22.17 6.81
C ARG B 360 -33.05 -23.12 7.26
N PHE B 361 -34.01 -23.40 6.37
CA PHE B 361 -35.07 -24.36 6.69
C PHE B 361 -34.51 -25.76 6.91
N GLU B 362 -33.47 -26.12 6.15
CA GLU B 362 -32.84 -27.43 6.33
C GLU B 362 -32.10 -27.52 7.65
N ILE B 363 -31.47 -26.42 8.07
CA ILE B 363 -30.84 -26.40 9.39
C ILE B 363 -31.89 -26.52 10.49
N VAL B 364 -33.03 -25.84 10.32
CA VAL B 364 -34.12 -25.96 11.28
C VAL B 364 -34.63 -27.40 11.34
N ASP B 365 -34.76 -28.04 10.17
CA ASP B 365 -35.20 -29.43 10.13
C ASP B 365 -34.18 -30.36 10.74
N ARG B 366 -32.89 -30.05 10.59
CA ARG B 366 -31.85 -30.87 11.23
C ARG B 366 -31.92 -30.74 12.75
N GLU B 367 -32.17 -29.54 13.26
CA GLU B 367 -32.37 -29.37 14.70
C GLU B 367 -33.61 -30.12 15.17
N LYS B 368 -34.68 -30.06 14.37
CA LYS B 368 -35.90 -30.80 14.72
C LYS B 368 -35.66 -32.30 14.73
N ASN B 369 -34.83 -32.79 13.81
CA ASN B 369 -34.50 -34.22 13.79
C ASN B 369 -33.61 -34.60 14.97
N SER B 370 -32.71 -33.69 15.37
CA SER B 370 -31.92 -33.94 16.57
C SER B 370 -32.79 -34.03 17.80
N LEU B 371 -33.83 -33.19 17.87
CA LEU B 371 -34.78 -33.29 18.98
C LEU B 371 -35.62 -34.57 18.87
N GLU B 372 -35.99 -34.95 17.65
CA GLU B 372 -36.78 -36.17 17.46
C GLU B 372 -35.97 -37.41 17.81
N SER B 373 -34.65 -37.33 17.72
CA SER B 373 -33.81 -38.46 18.12
C SER B 373 -34.05 -38.86 19.58
N GLY B 374 -34.44 -37.89 20.42
CA GLY B 374 -34.79 -38.19 21.79
C GLY B 374 -36.29 -38.31 21.99
N LYS B 375 -37.05 -37.60 21.15
CA LYS B 375 -38.51 -37.71 21.22
C LYS B 375 -38.97 -39.12 20.91
N GLU B 376 -38.31 -39.79 19.96
CA GLU B 376 -38.68 -41.17 19.63
C GLU B 376 -38.34 -42.12 20.76
N THR B 377 -37.21 -41.89 21.45
CA THR B 377 -36.88 -42.70 22.61
C THR B 377 -37.90 -42.49 23.73
N ALA B 378 -38.33 -41.24 23.93
CA ALA B 378 -39.36 -40.97 24.94
C ALA B 378 -40.67 -41.65 24.57
N LEU B 379 -41.03 -41.64 23.28
CA LEU B 379 -42.26 -42.30 22.85
C LEU B 379 -42.16 -43.81 23.02
N GLU B 380 -41.00 -44.40 22.74
CA GLU B 380 -40.82 -45.82 22.96
C GLU B 380 -40.89 -46.17 24.44
N PHE B 381 -40.34 -45.32 25.30
CA PHE B 381 -40.44 -45.53 26.74
C PHE B 381 -41.89 -45.44 27.20
N LEU B 382 -42.64 -44.50 26.65
CA LEU B 382 -44.05 -44.38 27.00
C LEU B 382 -44.85 -45.60 26.54
N GLU B 383 -44.53 -46.12 25.35
CA GLU B 383 -45.19 -47.32 24.87
C GLU B 383 -44.85 -48.53 25.74
N LYS B 384 -43.60 -48.64 26.16
CA LYS B 384 -43.20 -49.73 27.06
C LYS B 384 -43.91 -49.61 28.40
N GLU B 385 -44.06 -48.38 28.91
CA GLU B 385 -44.77 -48.18 30.16
C GLU B 385 -46.25 -48.54 30.02
N LYS B 386 -46.85 -48.20 28.87
CA LYS B 386 -48.24 -48.58 28.63
C LYS B 386 -48.40 -50.10 28.54
N GLN B 387 -47.46 -50.77 27.89
CA GLN B 387 -47.50 -52.23 27.82
C GLN B 387 -47.34 -52.85 29.21
N LEU B 388 -46.45 -52.28 30.02
CA LEU B 388 -46.27 -52.77 31.38
C LEU B 388 -47.52 -52.56 32.23
N THR B 389 -48.19 -51.41 32.04
CA THR B 389 -49.43 -51.17 32.76
C THR B 389 -50.53 -52.13 32.33
N LEU B 390 -50.61 -52.43 31.03
CA LEU B 390 -51.58 -53.41 30.55
C LEU B 390 -51.29 -54.79 31.13
N LEU B 391 -50.00 -55.18 31.20
CA LEU B 391 -49.65 -56.46 31.77
C LEU B 391 -49.99 -56.51 33.26
N ARG B 392 -49.76 -55.39 33.97
CA ARG B 392 -50.11 -55.34 35.39
C ARG B 392 -51.61 -55.42 35.59
N SER B 393 -52.39 -54.78 34.73
CA SER B 393 -53.85 -54.87 34.81
C SER B 393 -54.31 -56.30 34.54
N LYS B 394 -53.70 -56.97 33.56
CA LYS B 394 -54.06 -58.36 33.28
C LYS B 394 -53.72 -59.26 34.47
N LEU B 395 -52.56 -59.02 35.09
CA LEU B 395 -52.18 -59.82 36.26
C LEU B 395 -53.13 -59.57 37.42
N PHE B 396 -53.56 -58.32 37.62
CA PHE B 396 -54.50 -58.01 38.68
C PHE B 396 -55.85 -58.67 38.41
N GLN B 397 -56.29 -58.67 37.15
CA GLN B 397 -57.54 -59.34 36.81
C GLN B 397 -57.45 -60.84 37.04
N PHE B 398 -56.31 -61.44 36.69
CA PHE B 398 -56.12 -62.87 36.92
C PHE B 398 -56.09 -63.19 38.41
N LYS B 399 -55.50 -62.30 39.21
CA LYS B 399 -55.48 -62.52 40.65
C LYS B 399 -56.86 -62.36 41.27
N LEU B 400 -57.66 -61.41 40.77
CA LEU B 400 -59.01 -61.23 41.27
C LEU B 400 -59.95 -62.33 40.81
N LEU B 401 -59.67 -62.97 39.67
CA LEU B 401 -60.51 -64.06 39.19
C LEU B 401 -60.15 -65.39 39.83
N GLN B 402 -58.90 -65.56 40.26
CA GLN B 402 -58.50 -66.82 40.91
C GLN B 402 -59.06 -66.92 42.32
N SER B 403 -59.32 -65.78 42.97
CA SER B 403 -59.85 -65.77 44.32
C SER B 403 -61.36 -65.92 44.37
N ASN B 404 -62.02 -66.07 43.22
CA ASN B 404 -63.47 -66.23 43.18
C ASN B 404 -63.87 -67.66 43.54
N SER B 1160 -59.16 -55.97 25.57
CA SER B 1160 -57.87 -56.38 26.11
C SER B 1160 -57.97 -56.70 27.59
N GLU B 1161 -58.53 -55.78 28.36
CA GLU B 1161 -58.68 -56.00 29.80
C GLU B 1161 -59.76 -57.03 30.08
N ILE B 1162 -60.95 -56.86 29.49
CA ILE B 1162 -62.04 -57.81 29.72
C ILE B 1162 -61.70 -59.16 29.09
N LYS B 1163 -60.99 -59.16 27.97
CA LYS B 1163 -60.61 -60.42 27.34
C LYS B 1163 -59.65 -61.21 28.23
N ASP B 1164 -58.67 -60.52 28.82
CA ASP B 1164 -57.74 -61.20 29.72
C ASP B 1164 -58.41 -61.60 31.03
N ALA B 1165 -59.39 -60.82 31.48
CA ALA B 1165 -60.09 -61.16 32.71
C ALA B 1165 -60.99 -62.38 32.53
N GLU B 1166 -61.68 -62.48 31.40
CA GLU B 1166 -62.56 -63.62 31.15
C GLU B 1166 -61.76 -64.89 30.90
N THR B 1167 -60.59 -64.77 30.28
CA THR B 1167 -59.76 -65.93 29.99
C THR B 1167 -58.93 -66.39 31.17
N SER B 1168 -59.06 -65.74 32.32
CA SER B 1168 -58.30 -66.12 33.52
C SER B 1168 -59.01 -67.21 34.31
N CYS B 1169 -60.25 -66.95 34.72
CA CYS B 1169 -61.02 -67.93 35.48
C CYS B 1169 -62.51 -67.72 35.28
N LEU B 1191 -57.02 -73.79 28.39
CA LEU B 1191 -58.20 -73.54 29.22
C LEU B 1191 -58.04 -72.27 30.05
N SER B 1192 -58.84 -72.15 31.11
CA SER B 1192 -58.77 -70.97 31.96
C SER B 1192 -57.86 -71.22 33.16
N GLU B 1193 -58.16 -72.26 33.95
CA GLU B 1193 -57.36 -72.54 35.13
C GLU B 1193 -55.95 -72.96 34.76
N ASP B 1194 -55.80 -73.73 33.68
CA ASP B 1194 -54.47 -74.15 33.25
C ASP B 1194 -53.62 -72.96 32.82
N GLU B 1195 -54.19 -72.07 32.00
CA GLU B 1195 -53.46 -70.88 31.57
C GLU B 1195 -53.22 -69.92 32.72
N LEU B 1196 -54.05 -69.96 33.77
CA LEU B 1196 -53.86 -69.07 34.90
C LEU B 1196 -52.76 -69.59 35.83
N ARG B 1197 -52.69 -70.90 36.02
CA ARG B 1197 -51.73 -71.49 36.95
C ARG B 1197 -50.41 -71.88 36.29
N GLU B 1198 -50.33 -71.86 34.95
CA GLU B 1198 -49.12 -72.27 34.27
C GLU B 1198 -48.46 -71.16 33.47
N LEU B 1199 -48.93 -69.92 33.58
CA LEU B 1199 -48.36 -68.83 32.80
C LEU B 1199 -47.18 -68.17 33.52
N ASP B 1200 -46.23 -68.99 33.97
CA ASP B 1200 -44.97 -68.52 34.56
C ASP B 1200 -45.23 -67.47 35.66
N VAL B 1201 -45.90 -67.93 36.72
CA VAL B 1201 -46.27 -67.04 37.81
C VAL B 1201 -45.03 -66.36 38.40
N GLU B 1202 -43.95 -67.12 38.60
CA GLU B 1202 -42.72 -66.54 39.11
C GLU B 1202 -42.13 -65.54 38.11
N LEU B 1203 -42.10 -65.91 36.83
CA LEU B 1203 -41.62 -64.98 35.81
C LEU B 1203 -42.55 -63.79 35.66
N ILE B 1204 -43.86 -64.00 35.87
CA ILE B 1204 -44.80 -62.88 35.81
C ILE B 1204 -44.51 -61.89 36.93
N GLU B 1205 -44.27 -62.40 38.14
CA GLU B 1205 -43.94 -61.52 39.26
C GLU B 1205 -42.61 -60.81 39.02
N SER B 1206 -41.63 -61.52 38.45
CA SER B 1206 -40.35 -60.90 38.14
C SER B 1206 -40.50 -59.78 37.11
N LYS B 1207 -41.32 -60.01 36.09
CA LYS B 1207 -41.55 -58.98 35.08
C LYS B 1207 -42.31 -57.80 35.66
N ILE B 1208 -43.26 -58.05 36.57
CA ILE B 1208 -43.97 -56.97 37.23
C ILE B 1208 -43.02 -56.13 38.07
N ASN B 1209 -42.12 -56.79 38.80
CA ASN B 1209 -41.14 -56.06 39.60
C ASN B 1209 -40.18 -55.26 38.71
N GLU B 1210 -39.76 -55.83 37.59
CA GLU B 1210 -38.88 -55.11 36.67
C GLU B 1210 -39.59 -53.89 36.08
N LEU B 1211 -40.87 -54.04 35.74
CA LEU B 1211 -41.63 -52.90 35.21
C LEU B 1211 -41.81 -51.83 36.27
N SER B 1212 -42.07 -52.22 37.52
CA SER B 1212 -42.20 -51.25 38.59
C SER B 1212 -40.89 -50.52 38.84
N TYR B 1213 -39.76 -51.23 38.72
CA TYR B 1213 -38.46 -50.59 38.90
C TYR B 1213 -38.15 -49.65 37.74
N TYR B 1214 -38.51 -50.03 36.52
CA TYR B 1214 -38.24 -49.19 35.36
C TYR B 1214 -39.13 -47.95 35.35
N VAL B 1215 -40.37 -48.07 35.85
CA VAL B 1215 -41.27 -46.93 35.87
C VAL B 1215 -40.79 -45.88 36.87
N GLU B 1216 -40.34 -46.32 38.04
CA GLU B 1216 -39.85 -45.41 39.06
C GLU B 1216 -38.42 -44.95 38.74
N VAL B 1224 -44.65 -37.02 23.99
CA VAL B 1224 -43.86 -38.11 23.44
C VAL B 1224 -44.65 -38.83 22.35
N LEU B 1225 -45.86 -39.29 22.71
CA LEU B 1225 -46.69 -39.99 21.74
C LEU B 1225 -47.26 -39.06 20.68
N GLU B 1226 -47.34 -37.76 20.97
CA GLU B 1226 -47.87 -36.78 20.02
C GLU B 1226 -46.78 -36.11 19.20
N GLU B 1227 -45.55 -36.63 19.23
CA GLU B 1227 -44.47 -36.02 18.47
C GLU B 1227 -44.63 -36.22 16.96
N TYR B 1228 -45.34 -37.28 16.53
CA TYR B 1228 -45.57 -37.48 15.11
C TYR B 1228 -46.53 -36.43 14.56
N ALA B 1229 -47.48 -35.99 15.38
CA ALA B 1229 -48.43 -34.94 15.00
C ALA B 1229 -48.04 -33.58 15.57
N ARG B 1230 -46.76 -33.28 15.64
CA ARG B 1230 -46.24 -32.06 16.25
C ARG B 1230 -45.37 -31.31 15.24
N ARG B 1231 -44.63 -30.32 15.74
CA ARG B 1231 -43.78 -29.49 14.89
C ARG B 1231 -42.77 -30.32 14.10
N LEU B 1232 -42.49 -31.55 14.55
CA LEU B 1232 -41.62 -32.44 13.79
C LEU B 1232 -42.20 -32.70 12.41
N ALA B 1233 -43.50 -33.00 12.33
CA ALA B 1233 -44.15 -33.13 11.04
C ALA B 1233 -44.17 -31.81 10.30
N GLU B 1234 -44.36 -30.70 11.03
CA GLU B 1234 -44.29 -29.38 10.41
C GLU B 1234 -42.88 -29.10 9.89
N PHE B 1235 -41.86 -29.55 10.61
CA PHE B 1235 -40.49 -29.37 10.15
C PHE B 1235 -40.23 -30.21 8.89
N LYS B 1236 -40.77 -31.43 8.85
CA LYS B 1236 -40.63 -32.25 7.65
C LYS B 1236 -41.34 -31.62 6.46
N ARG B 1237 -42.52 -31.04 6.69
CA ARG B 1237 -43.23 -30.36 5.61
C ARG B 1237 -42.46 -29.14 5.14
N ARG B 1238 -41.85 -28.40 6.06
CA ARG B 1238 -41.04 -27.24 5.68
C ARG B 1238 -39.81 -27.67 4.88
N LYS B 1239 -39.19 -28.80 5.27
CA LYS B 1239 -38.05 -29.30 4.51
C LYS B 1239 -38.47 -29.75 3.11
N LEU B 1240 -39.65 -30.38 3.01
CA LEU B 1240 -40.15 -30.77 1.69
C LEU B 1240 -40.44 -29.54 0.83
N ASP B 1241 -41.00 -28.49 1.43
CA ASP B 1241 -41.27 -27.27 0.69
C ASP B 1241 -39.96 -26.61 0.25
N LEU B 1242 -38.94 -26.65 1.09
CA LEU B 1242 -37.64 -26.09 0.71
C LEU B 1242 -37.01 -26.89 -0.41
N ASN B 1243 -37.15 -28.23 -0.37
CA ASN B 1243 -36.64 -29.05 -1.46
C ASN B 1243 -37.38 -28.77 -2.76
N ASN B 1244 -38.69 -28.57 -2.69
CA ASN B 1244 -39.46 -28.23 -3.87
C ASN B 1244 -39.05 -26.86 -4.42
N ALA B 1245 -38.78 -25.90 -3.54
CA ALA B 1245 -38.32 -24.59 -3.97
C ALA B 1245 -36.95 -24.69 -4.64
N VAL B 1246 -36.06 -25.52 -4.09
CA VAL B 1246 -34.75 -25.70 -4.70
C VAL B 1246 -34.88 -26.37 -6.06
N GLN B 1247 -35.81 -27.33 -6.19
CA GLN B 1247 -36.04 -27.97 -7.48
C GLN B 1247 -36.58 -26.97 -8.50
N LYS B 1248 -37.50 -26.10 -8.07
CA LYS B 1248 -38.01 -25.07 -8.97
C LYS B 1248 -36.93 -24.08 -9.36
N ARG B 1249 -36.03 -23.76 -8.44
CA ARG B 1249 -34.92 -22.87 -8.76
C ARG B 1249 -33.99 -23.52 -9.78
N ASP B 1250 -33.68 -24.80 -9.60
CA ASP B 1250 -32.87 -25.52 -10.58
C ASP B 1250 -33.57 -25.58 -11.94
N GLU B 1251 -34.89 -25.75 -11.93
CA GLU B 1251 -35.64 -25.81 -13.18
C GLU B 1251 -35.60 -24.48 -13.92
N VAL B 1252 -35.81 -23.37 -13.20
CA VAL B 1252 -35.78 -22.08 -13.86
C VAL B 1252 -34.36 -21.71 -14.28
N LYS B 1253 -33.35 -22.18 -13.54
CA LYS B 1253 -31.97 -21.98 -13.97
C LYS B 1253 -31.68 -22.73 -15.27
N GLU B 1254 -32.16 -23.98 -15.38
CA GLU B 1254 -32.00 -24.73 -16.61
C GLU B 1254 -32.76 -24.08 -17.76
N GLN B 1255 -33.93 -23.52 -17.46
CA GLN B 1255 -34.69 -22.81 -18.49
C GLN B 1255 -33.94 -21.59 -19.00
N LEU B 1256 -33.36 -20.80 -18.08
CA LEU B 1256 -32.57 -19.65 -18.47
C LEU B 1256 -31.34 -20.08 -19.27
N GLY B 1257 -30.71 -21.18 -18.88
CA GLY B 1257 -29.55 -21.67 -19.62
C GLY B 1257 -29.93 -22.12 -21.03
N ILE B 1258 -31.09 -22.75 -21.17
CA ILE B 1258 -31.55 -23.16 -22.50
C ILE B 1258 -31.89 -21.94 -23.34
N LEU B 1259 -32.52 -20.92 -22.73
CA LEU B 1259 -32.84 -19.71 -23.47
C LEU B 1259 -31.60 -18.98 -23.93
N LYS B 1260 -30.57 -18.92 -23.08
CA LYS B 1260 -29.32 -18.27 -23.46
C LYS B 1260 -28.46 -19.13 -24.36
N LYS B 1261 -28.73 -20.43 -24.44
CA LYS B 1261 -27.96 -21.32 -25.31
C LYS B 1261 -28.45 -21.28 -26.74
N LYS B 1262 -29.75 -21.00 -26.94
CA LYS B 1262 -30.30 -20.96 -28.30
C LYS B 1262 -29.86 -19.71 -29.06
N ARG B 1263 -29.15 -18.79 -28.41
CA ARG B 1263 -28.79 -17.54 -29.07
C ARG B 1263 -27.51 -17.69 -29.91
N PHE B 1264 -26.44 -18.20 -29.30
CA PHE B 1264 -25.14 -18.16 -29.96
C PHE B 1264 -25.10 -19.03 -31.21
N ASP B 1265 -26.00 -19.98 -31.37
CA ASP B 1265 -26.03 -20.79 -32.58
C ASP B 1265 -26.24 -19.91 -33.81
N GLU B 1266 -27.42 -19.28 -33.92
CA GLU B 1266 -27.66 -18.38 -35.04
C GLU B 1266 -26.79 -17.14 -34.96
N PHE B 1267 -26.34 -16.75 -33.76
CA PHE B 1267 -25.39 -15.65 -33.65
C PHE B 1267 -24.14 -15.92 -34.48
N MET B 1268 -23.47 -17.04 -34.19
CA MET B 1268 -22.27 -17.41 -34.94
C MET B 1268 -22.59 -17.74 -36.40
N ALA B 1269 -23.77 -18.30 -36.66
CA ALA B 1269 -24.17 -18.57 -38.04
C ALA B 1269 -24.19 -17.29 -38.87
N GLY B 1270 -24.97 -16.30 -38.42
CA GLY B 1270 -25.00 -15.02 -39.11
C GLY B 1270 -23.66 -14.31 -39.12
N PHE B 1271 -22.88 -14.47 -38.04
CA PHE B 1271 -21.54 -13.89 -38.01
C PHE B 1271 -20.69 -14.43 -39.15
N ASN B 1272 -20.64 -15.76 -39.29
CA ASN B 1272 -19.85 -16.36 -40.37
C ASN B 1272 -20.41 -15.99 -41.74
N ILE B 1273 -21.74 -15.91 -41.86
CA ILE B 1273 -22.35 -15.56 -43.14
C ILE B 1273 -21.92 -14.17 -43.57
N ILE B 1274 -22.16 -13.17 -42.71
CA ILE B 1274 -21.77 -11.80 -43.05
C ILE B 1274 -20.26 -11.67 -43.20
N SER B 1275 -19.49 -12.47 -42.47
CA SER B 1275 -18.05 -12.45 -42.62
C SER B 1275 -17.64 -12.90 -44.01
N MET B 1276 -18.24 -13.99 -44.50
CA MET B 1276 -17.96 -14.45 -45.85
C MET B 1276 -18.38 -13.43 -46.89
N THR B 1277 -19.55 -12.80 -46.69
CA THR B 1277 -20.01 -11.79 -47.64
C THR B 1277 -19.05 -10.60 -47.70
N LEU B 1278 -18.62 -10.09 -46.54
CA LEU B 1278 -17.71 -8.96 -46.56
C LEU B 1278 -16.33 -9.35 -47.08
N LYS B 1279 -15.89 -10.59 -46.81
CA LYS B 1279 -14.61 -11.04 -47.35
C LYS B 1279 -14.64 -11.07 -48.87
N GLU B 1280 -15.68 -11.69 -49.45
CA GLU B 1280 -15.76 -11.76 -50.90
C GLU B 1280 -15.98 -10.37 -51.51
N MET B 1281 -16.71 -9.49 -50.83
CA MET B 1281 -16.89 -8.14 -51.33
C MET B 1281 -15.58 -7.36 -51.35
N TYR B 1282 -14.79 -7.48 -50.28
CA TYR B 1282 -13.51 -6.79 -50.24
C TYR B 1282 -12.51 -7.40 -51.21
N GLN B 1283 -12.64 -8.70 -51.49
CA GLN B 1283 -11.74 -9.33 -52.46
C GLN B 1283 -12.10 -8.97 -53.89
N MET B 1284 -13.39 -8.77 -54.18
CA MET B 1284 -13.78 -8.43 -55.54
C MET B 1284 -13.68 -6.93 -55.82
N ILE B 1285 -13.87 -6.10 -54.80
CA ILE B 1285 -13.87 -4.65 -55.01
C ILE B 1285 -12.46 -4.09 -54.94
N THR B 1286 -11.78 -4.28 -53.80
CA THR B 1286 -10.48 -3.67 -53.61
C THR B 1286 -9.38 -4.41 -54.34
N MET B 1287 -9.52 -5.73 -54.52
CA MET B 1287 -8.50 -6.57 -55.15
C MET B 1287 -7.16 -6.45 -54.43
N GLY B 1288 -7.20 -6.28 -53.10
CA GLY B 1288 -6.00 -6.13 -52.31
C GLY B 1288 -6.33 -5.93 -50.84
N GLY B 1289 -5.57 -6.58 -49.97
CA GLY B 1289 -5.87 -6.53 -48.55
C GLY B 1289 -7.12 -7.32 -48.21
N ASN B 1290 -7.58 -7.14 -46.98
CA ASN B 1290 -8.76 -7.86 -46.50
C ASN B 1290 -9.26 -7.19 -45.23
N ALA B 1291 -10.57 -6.96 -45.16
CA ALA B 1291 -11.21 -6.46 -43.96
C ALA B 1291 -11.97 -7.58 -43.28
N GLU B 1292 -11.99 -7.55 -41.95
CA GLU B 1292 -12.64 -8.63 -41.20
C GLU B 1292 -12.91 -8.18 -39.77
N LEU B 1293 -14.08 -8.54 -39.27
CA LEU B 1293 -14.43 -8.35 -37.87
C LEU B 1293 -14.20 -9.66 -37.12
N GLU B 1294 -13.51 -9.57 -35.98
CA GLU B 1294 -13.16 -10.74 -35.19
C GLU B 1294 -13.38 -10.45 -33.72
N LEU B 1295 -13.71 -11.50 -32.97
CA LEU B 1295 -13.80 -11.38 -31.52
C LEU B 1295 -12.42 -11.17 -30.92
N VAL B 1296 -12.36 -10.36 -29.87
CA VAL B 1296 -11.08 -10.15 -29.18
C VAL B 1296 -10.62 -11.46 -28.53
N ASP B 1297 -11.57 -12.22 -27.99
CA ASP B 1297 -11.30 -13.57 -27.51
C ASP B 1297 -11.63 -14.56 -28.64
N SER B 1298 -11.68 -15.85 -28.32
CA SER B 1298 -11.98 -16.87 -29.31
C SER B 1298 -13.12 -17.80 -28.95
N LEU B 1299 -13.55 -17.85 -27.69
CA LEU B 1299 -14.59 -18.79 -27.25
C LEU B 1299 -15.91 -18.10 -26.98
N ASP B 1300 -15.94 -17.08 -26.12
CA ASP B 1300 -17.19 -16.45 -25.72
C ASP B 1300 -17.48 -15.26 -26.62
N PRO B 1301 -18.54 -15.30 -27.44
CA PRO B 1301 -18.81 -14.16 -28.32
C PRO B 1301 -19.34 -12.93 -27.58
N PHE B 1302 -19.96 -13.13 -26.41
CA PHE B 1302 -20.52 -12.04 -25.63
C PHE B 1302 -19.66 -11.67 -24.43
N SER B 1303 -18.34 -11.92 -24.51
CA SER B 1303 -17.48 -11.64 -23.37
C SER B 1303 -17.07 -10.18 -23.30
N GLU B 1304 -16.37 -9.69 -24.31
CA GLU B 1304 -15.87 -8.31 -24.33
C GLU B 1304 -16.40 -7.52 -25.51
N GLY B 1305 -16.31 -8.05 -26.72
CA GLY B 1305 -16.77 -7.33 -27.90
C GLY B 1305 -16.03 -7.81 -29.12
N VAL B 1306 -16.43 -7.23 -30.26
CA VAL B 1306 -15.90 -7.59 -31.57
C VAL B 1306 -15.17 -6.39 -32.15
N THR B 1307 -13.91 -6.58 -32.52
CA THR B 1307 -13.13 -5.55 -33.18
C THR B 1307 -13.15 -5.76 -34.69
N PHE B 1308 -12.66 -4.77 -35.42
CA PHE B 1308 -12.67 -4.78 -36.88
C PHE B 1308 -11.30 -4.35 -37.38
N SER B 1309 -10.62 -5.25 -38.10
CA SER B 1309 -9.30 -4.98 -38.64
C SER B 1309 -9.36 -4.91 -40.16
N VAL B 1310 -8.40 -4.20 -40.74
CA VAL B 1310 -8.32 -4.00 -42.19
C VAL B 1310 -6.85 -4.09 -42.60
N MET B 1311 -6.58 -4.83 -43.67
CA MET B 1311 -5.25 -4.90 -44.26
C MET B 1311 -5.29 -4.25 -45.65
N PRO B 1312 -4.80 -3.03 -45.80
CA PRO B 1312 -4.77 -2.40 -47.12
C PRO B 1312 -3.77 -3.09 -48.03
N PRO B 1313 -3.83 -2.86 -49.33
CA PRO B 1313 -2.84 -3.47 -50.24
C PRO B 1313 -1.43 -3.01 -49.90
N LYS B 1314 -0.50 -3.97 -49.91
CA LYS B 1314 0.90 -3.73 -49.56
C LYS B 1314 1.05 -3.19 -48.15
N LYS B 1315 0.16 -3.61 -47.25
CA LYS B 1315 0.20 -3.17 -45.86
C LYS B 1315 -0.13 -4.38 -44.98
N SER B 1316 -0.33 -4.12 -43.69
CA SER B 1316 -0.62 -5.16 -42.71
C SER B 1316 -1.96 -4.87 -42.03
N TRP B 1317 -2.30 -5.70 -41.05
CA TRP B 1317 -3.56 -5.53 -40.32
C TRP B 1317 -3.48 -4.33 -39.40
N ARG B 1318 -4.48 -3.45 -39.48
CA ARG B 1318 -4.56 -2.28 -38.63
C ARG B 1318 -6.00 -2.08 -38.18
N ASN B 1319 -6.16 -1.41 -37.05
CA ASN B 1319 -7.48 -1.14 -36.51
C ASN B 1319 -8.19 -0.08 -37.36
N ILE B 1320 -9.51 0.00 -37.18
CA ILE B 1320 -10.31 0.95 -37.94
C ILE B 1320 -10.09 2.38 -37.46
N THR B 1321 -9.53 2.56 -36.26
CA THR B 1321 -9.35 3.90 -35.72
C THR B 1321 -8.05 4.55 -36.18
N ASN B 1322 -7.05 3.77 -36.58
CA ASN B 1322 -5.76 4.30 -37.00
C ASN B 1322 -5.57 4.26 -38.51
N LEU B 1323 -6.64 4.49 -39.27
CA LEU B 1323 -6.59 4.53 -40.73
C LEU B 1323 -6.98 5.92 -41.21
N SER B 1324 -7.03 6.07 -42.54
CA SER B 1324 -7.41 7.32 -43.17
C SER B 1324 -8.89 7.29 -43.54
N GLY B 1325 -9.37 8.40 -44.10
CA GLY B 1325 -10.77 8.48 -44.47
C GLY B 1325 -11.13 7.55 -45.62
N GLY B 1326 -10.20 7.35 -46.56
CA GLY B 1326 -10.48 6.51 -47.71
C GLY B 1326 -10.75 5.07 -47.32
N GLU B 1327 -9.86 4.49 -46.51
CA GLU B 1327 -10.07 3.13 -46.06
C GLU B 1327 -11.33 3.01 -45.20
N LYS B 1328 -11.62 4.06 -44.42
CA LYS B 1328 -12.82 4.05 -43.59
C LYS B 1328 -14.08 3.99 -44.44
N THR B 1329 -14.19 4.86 -45.45
CA THR B 1329 -15.38 4.84 -46.28
C THR B 1329 -15.44 3.60 -47.17
N LEU B 1330 -14.27 3.05 -47.54
CA LEU B 1330 -14.27 1.79 -48.28
C LEU B 1330 -14.83 0.66 -47.44
N SER B 1331 -14.37 0.55 -46.19
CA SER B 1331 -14.91 -0.47 -45.29
C SER B 1331 -16.40 -0.25 -45.03
N SER B 1332 -16.82 1.02 -44.94
CA SER B 1332 -18.23 1.31 -44.69
C SER B 1332 -19.10 0.91 -45.88
N LEU B 1333 -18.65 1.22 -47.11
CA LEU B 1333 -19.43 0.83 -48.28
C LEU B 1333 -19.43 -0.69 -48.45
N ALA B 1334 -18.32 -1.35 -48.14
CA ALA B 1334 -18.31 -2.81 -48.18
C ALA B 1334 -19.29 -3.39 -47.17
N LEU B 1335 -19.35 -2.80 -45.97
CA LEU B 1335 -20.28 -3.29 -44.94
C LEU B 1335 -21.73 -3.07 -45.36
N VAL B 1336 -22.05 -1.91 -45.91
CA VAL B 1336 -23.43 -1.66 -46.30
C VAL B 1336 -23.81 -2.51 -47.51
N PHE B 1337 -22.84 -2.83 -48.39
CA PHE B 1337 -23.13 -3.74 -49.49
C PHE B 1337 -23.38 -5.16 -48.98
N ALA B 1338 -22.61 -5.59 -47.99
CA ALA B 1338 -22.85 -6.90 -47.37
C ALA B 1338 -24.22 -6.94 -46.70
N LEU B 1339 -24.61 -5.83 -46.06
CA LEU B 1339 -25.92 -5.77 -45.43
C LEU B 1339 -27.04 -5.82 -46.47
N HIS B 1340 -26.86 -5.11 -47.59
CA HIS B 1340 -27.85 -5.15 -48.66
C HIS B 1340 -27.96 -6.55 -49.25
N LYS B 1341 -26.82 -7.25 -49.40
CA LYS B 1341 -26.86 -8.62 -49.89
C LYS B 1341 -27.50 -9.57 -48.87
N TYR B 1342 -27.37 -9.26 -47.59
CA TYR B 1342 -27.99 -10.09 -46.56
C TYR B 1342 -29.49 -9.89 -46.50
N LYS B 1343 -29.93 -8.64 -46.42
CA LYS B 1343 -31.36 -8.31 -46.38
C LYS B 1343 -31.66 -7.34 -47.52
N PRO B 1344 -32.50 -7.72 -48.48
CA PRO B 1344 -32.78 -6.81 -49.60
C PRO B 1344 -33.58 -5.61 -49.17
N THR B 1345 -33.39 -4.51 -49.90
CA THR B 1345 -34.12 -3.26 -49.65
C THR B 1345 -34.29 -2.51 -50.97
N PRO B 1346 -35.51 -2.15 -51.36
CA PRO B 1346 -35.72 -1.50 -52.66
C PRO B 1346 -35.31 -0.05 -52.69
N LEU B 1347 -35.04 0.59 -51.54
CA LEU B 1347 -34.67 1.99 -51.50
C LEU B 1347 -33.31 2.16 -50.85
N TYR B 1348 -32.51 3.07 -51.40
CA TYR B 1348 -31.19 3.39 -50.87
C TYR B 1348 -30.82 4.81 -51.26
N VAL B 1349 -30.42 5.61 -50.28
CA VAL B 1349 -30.05 7.00 -50.51
C VAL B 1349 -28.73 7.29 -49.84
N MET B 1350 -27.95 8.18 -50.45
CA MET B 1350 -26.66 8.60 -49.92
C MET B 1350 -26.40 10.04 -50.34
N ASP B 1351 -25.38 10.64 -49.73
CA ASP B 1351 -25.04 12.03 -50.04
C ASP B 1351 -23.55 12.25 -49.73
N GLU B 1352 -22.74 12.26 -50.79
CA GLU B 1352 -21.30 12.57 -50.70
C GLU B 1352 -20.60 11.63 -49.72
N ILE B 1353 -20.70 10.33 -49.99
CA ILE B 1353 -20.01 9.36 -49.15
C ILE B 1353 -18.62 9.06 -49.69
N ASP B 1354 -18.47 9.01 -51.02
CA ASP B 1354 -17.18 8.73 -51.65
C ASP B 1354 -16.44 10.00 -52.04
N ALA B 1355 -16.65 11.10 -51.32
CA ALA B 1355 -16.01 12.37 -51.64
C ALA B 1355 -14.54 12.34 -51.23
N ALA B 1356 -13.68 12.92 -52.08
CA ALA B 1356 -12.24 12.99 -51.86
C ALA B 1356 -11.63 11.59 -51.78
N LEU B 1357 -11.79 10.83 -52.85
CA LEU B 1357 -11.16 9.52 -53.00
C LEU B 1357 -10.49 9.41 -54.35
N ASP B 1358 -10.03 8.20 -54.69
CA ASP B 1358 -9.46 7.93 -56.01
C ASP B 1358 -10.55 7.54 -56.98
N PHE B 1359 -10.35 7.89 -58.26
CA PHE B 1359 -11.36 7.62 -59.27
C PHE B 1359 -11.57 6.13 -59.50
N ARG B 1360 -10.56 5.31 -59.19
CA ARG B 1360 -10.66 3.87 -59.41
C ARG B 1360 -11.78 3.26 -58.58
N ASN B 1361 -11.78 3.54 -57.27
CA ASN B 1361 -12.83 2.98 -56.41
C ASN B 1361 -14.20 3.55 -56.75
N VAL B 1362 -14.27 4.81 -57.20
CA VAL B 1362 -15.55 5.38 -57.59
C VAL B 1362 -16.09 4.66 -58.81
N SER B 1363 -15.24 4.42 -59.81
CA SER B 1363 -15.68 3.67 -60.99
C SER B 1363 -16.07 2.25 -60.61
N ILE B 1364 -15.35 1.65 -59.66
CA ILE B 1364 -15.66 0.30 -59.21
C ILE B 1364 -17.05 0.23 -58.61
N VAL B 1365 -17.33 1.12 -57.65
CA VAL B 1365 -18.64 1.09 -57.00
C VAL B 1365 -19.73 1.50 -57.99
N ALA B 1366 -19.40 2.35 -58.97
CA ALA B 1366 -20.38 2.73 -59.98
C ALA B 1366 -20.80 1.54 -60.82
N ASN B 1367 -19.82 0.82 -61.38
CA ASN B 1367 -20.17 -0.35 -62.18
C ASN B 1367 -20.78 -1.46 -61.33
N TYR B 1368 -20.43 -1.51 -60.04
CA TYR B 1368 -21.04 -2.50 -59.15
C TYR B 1368 -22.51 -2.20 -58.95
N ILE B 1369 -22.86 -0.95 -58.65
CA ILE B 1369 -24.25 -0.58 -58.46
C ILE B 1369 -25.01 -0.56 -59.78
N LYS B 1370 -24.30 -0.49 -60.91
CA LYS B 1370 -24.97 -0.50 -62.20
C LYS B 1370 -25.29 -1.92 -62.67
N GLU B 1371 -24.33 -2.84 -62.54
CA GLU B 1371 -24.49 -4.20 -63.04
C GLU B 1371 -24.93 -5.19 -61.99
N ARG B 1372 -24.21 -5.27 -60.86
CA ARG B 1372 -24.48 -6.29 -59.86
C ARG B 1372 -25.76 -6.04 -59.08
N THR B 1373 -26.35 -4.85 -59.18
CA THR B 1373 -27.59 -4.52 -58.47
C THR B 1373 -28.64 -4.14 -59.51
N LYS B 1374 -29.71 -4.93 -59.58
CA LYS B 1374 -30.79 -4.70 -60.54
C LYS B 1374 -32.19 -4.76 -59.94
N ASN B 1375 -32.36 -5.33 -58.74
CA ASN B 1375 -33.67 -5.50 -58.13
C ASN B 1375 -33.96 -4.47 -57.04
N ALA B 1376 -33.45 -3.25 -57.19
CA ALA B 1376 -33.66 -2.20 -56.21
C ALA B 1376 -33.39 -0.86 -56.86
N GLN B 1377 -33.83 0.20 -56.18
CA GLN B 1377 -33.61 1.57 -56.62
C GLN B 1377 -32.59 2.25 -55.71
N PHE B 1378 -31.67 2.99 -56.31
CA PHE B 1378 -30.58 3.63 -55.58
C PHE B 1378 -30.48 5.10 -55.97
N ILE B 1379 -29.98 5.90 -55.04
CA ILE B 1379 -29.77 7.34 -55.24
C ILE B 1379 -28.36 7.67 -54.76
N VAL B 1380 -27.54 8.18 -55.67
CA VAL B 1380 -26.14 8.51 -55.38
C VAL B 1380 -25.93 10.00 -55.62
N ILE B 1381 -25.20 10.63 -54.70
CA ILE B 1381 -24.87 12.05 -54.79
C ILE B 1381 -23.36 12.19 -54.61
N SER B 1382 -22.69 12.70 -55.64
CA SER B 1382 -21.25 12.90 -55.58
C SER B 1382 -20.84 13.88 -56.67
N LEU B 1383 -19.55 14.24 -56.67
CA LEU B 1383 -18.99 15.15 -57.65
C LEU B 1383 -18.07 14.47 -58.65
N ARG B 1384 -17.71 13.20 -58.40
CA ARG B 1384 -16.76 12.51 -59.26
C ARG B 1384 -17.33 12.33 -60.66
N ASN B 1385 -16.42 12.17 -61.63
CA ASN B 1385 -16.83 12.06 -63.04
C ASN B 1385 -17.46 10.70 -63.33
N ASN B 1386 -16.89 9.63 -62.76
CA ASN B 1386 -17.36 8.27 -63.06
C ASN B 1386 -18.72 7.96 -62.46
N MET B 1387 -19.36 8.89 -61.78
CA MET B 1387 -20.66 8.62 -61.17
C MET B 1387 -21.80 8.78 -62.18
N PHE B 1388 -21.95 9.98 -62.74
CA PHE B 1388 -23.05 10.24 -63.66
C PHE B 1388 -22.84 9.63 -65.04
N GLU B 1389 -21.65 9.06 -65.31
CA GLU B 1389 -21.42 8.41 -66.60
C GLU B 1389 -22.20 7.10 -66.73
N LEU B 1390 -22.62 6.50 -65.62
CA LEU B 1390 -23.39 5.27 -65.64
C LEU B 1390 -24.80 5.43 -65.11
N ALA B 1391 -25.19 6.65 -64.72
CA ALA B 1391 -26.52 6.90 -64.18
C ALA B 1391 -27.54 6.94 -65.32
N GLN B 1392 -28.56 6.08 -65.23
CA GLN B 1392 -29.57 6.04 -66.28
C GLN B 1392 -30.50 7.24 -66.22
N GLN B 1393 -30.78 7.75 -65.03
CA GLN B 1393 -31.67 8.89 -64.83
C GLN B 1393 -30.90 10.00 -64.14
N LEU B 1394 -30.78 11.15 -64.81
CA LEU B 1394 -30.07 12.31 -64.27
C LEU B 1394 -31.09 13.33 -63.78
N VAL B 1395 -31.09 13.58 -62.47
CA VAL B 1395 -31.99 14.55 -61.86
C VAL B 1395 -31.12 15.71 -61.38
N GLY B 1396 -31.00 16.75 -62.20
CA GLY B 1396 -30.16 17.87 -61.87
C GLY B 1396 -30.94 18.98 -61.19
N VAL B 1397 -30.44 19.42 -60.04
CA VAL B 1397 -31.05 20.53 -59.30
C VAL B 1397 -30.22 21.78 -59.53
N TYR B 1398 -30.90 22.92 -59.73
CA TYR B 1398 -30.22 24.18 -60.00
C TYR B 1398 -30.91 25.30 -59.23
N LYS B 1399 -30.10 26.21 -58.71
CA LYS B 1399 -30.57 27.32 -57.86
C LYS B 1399 -30.38 28.62 -58.62
N ARG B 1400 -31.50 29.20 -59.08
CA ARG B 1400 -31.50 30.50 -59.73
C ARG B 1400 -32.33 31.46 -58.90
N ASP B 1401 -31.76 32.63 -58.61
CA ASP B 1401 -32.44 33.68 -57.83
C ASP B 1401 -32.93 33.14 -56.49
N ASN B 1402 -32.08 32.37 -55.82
CA ASN B 1402 -32.36 31.75 -54.53
C ASN B 1402 -33.57 30.81 -54.59
N ARG B 1403 -33.93 30.35 -55.78
CA ARG B 1403 -35.02 29.40 -55.96
C ARG B 1403 -34.47 28.16 -56.66
N THR B 1404 -34.69 26.99 -56.06
CA THR B 1404 -34.18 25.74 -56.58
C THR B 1404 -35.24 25.01 -57.38
N LYS B 1405 -34.82 24.43 -58.51
CA LYS B 1405 -35.70 23.68 -59.38
C LYS B 1405 -34.95 22.45 -59.90
N SER B 1406 -35.69 21.35 -60.07
CA SER B 1406 -35.11 20.07 -60.46
C SER B 1406 -35.61 19.67 -61.84
N THR B 1407 -34.69 19.22 -62.70
CA THR B 1407 -35.01 18.74 -64.03
C THR B 1407 -34.48 17.31 -64.19
N THR B 1408 -35.35 16.42 -64.66
CA THR B 1408 -35.03 15.01 -64.78
C THR B 1408 -34.99 14.62 -66.24
N ILE B 1409 -33.90 13.96 -66.64
CA ILE B 1409 -33.71 13.49 -68.01
C ILE B 1409 -33.15 12.07 -67.98
N LYS B 1410 -33.13 11.44 -69.14
CA LYS B 1410 -32.63 10.08 -69.29
C LYS B 1410 -31.14 10.11 -69.60
N ASN B 1411 -30.58 8.95 -69.95
CA ASN B 1411 -29.17 8.83 -70.30
C ASN B 1411 -28.96 8.63 -71.80
N ILE B 1412 -29.79 9.27 -72.63
CA ILE B 1412 -29.64 9.15 -74.07
C ILE B 1412 -28.38 9.88 -74.53
N ASP B 1413 -27.85 9.45 -75.67
CA ASP B 1413 -26.65 10.06 -76.24
C ASP B 1413 -26.78 10.20 -77.75
N SER C 25 -16.09 9.96 86.80
CA SER C 25 -14.84 10.59 87.22
C SER C 25 -14.73 12.01 86.66
N THR C 26 -13.53 12.57 86.72
CA THR C 26 -13.31 13.91 86.20
C THR C 26 -13.40 13.91 84.68
N MET C 27 -14.08 14.92 84.14
CA MET C 27 -14.24 15.02 82.69
C MET C 27 -12.92 15.32 82.00
N MET C 28 -12.05 16.10 82.63
CA MET C 28 -10.78 16.43 82.01
C MET C 28 -9.86 15.21 81.92
N ALA C 29 -9.93 14.30 82.89
CA ALA C 29 -9.11 13.11 82.85
C ALA C 29 -9.46 12.24 81.64
N ASN C 30 -10.75 11.92 81.47
CA ASN C 30 -11.16 11.15 80.30
C ASN C 30 -10.93 11.93 79.01
N PHE C 31 -11.06 13.25 79.06
CA PHE C 31 -10.81 14.08 77.89
C PHE C 31 -9.37 13.93 77.40
N GLU C 32 -8.40 14.15 78.30
CA GLU C 32 -7.00 14.00 77.93
C GLU C 32 -6.64 12.56 77.62
N GLU C 33 -7.31 11.59 78.25
CA GLU C 33 -7.06 10.20 77.92
C GLU C 33 -7.49 9.88 76.50
N TRP C 34 -8.67 10.36 76.10
CA TRP C 34 -9.12 10.15 74.73
C TRP C 34 -8.23 10.89 73.74
N ILE C 35 -7.78 12.09 74.10
CA ILE C 35 -6.86 12.83 73.22
C ILE C 35 -5.57 12.05 73.01
N LYS C 36 -5.01 11.50 74.09
CA LYS C 36 -3.77 10.74 73.98
C LYS C 36 -3.99 9.44 73.20
N MET C 37 -5.15 8.80 73.38
CA MET C 37 -5.43 7.57 72.63
C MET C 37 -5.63 7.85 71.14
N ALA C 38 -6.18 9.01 70.80
CA ALA C 38 -6.39 9.35 69.39
C ALA C 38 -5.09 9.80 68.74
N THR C 39 -4.25 10.53 69.47
CA THR C 39 -3.01 11.05 68.89
C THR C 39 -1.94 9.96 68.77
N ASP C 40 -1.81 9.11 69.79
CA ASP C 40 -0.79 8.06 69.81
C ASP C 40 -1.26 6.77 69.15
N ASN C 41 -2.36 6.82 68.38
CA ASN C 41 -2.92 5.67 67.68
C ASN C 41 -3.26 4.52 68.62
N LYS C 42 -3.57 4.82 69.88
CA LYS C 42 -3.93 3.77 70.82
C LYS C 42 -5.31 3.21 70.54
N ILE C 43 -6.22 4.04 70.04
CA ILE C 43 -7.57 3.59 69.72
C ILE C 43 -7.51 2.60 68.57
N ASN C 44 -8.14 1.44 68.75
CA ASN C 44 -8.15 0.40 67.74
C ASN C 44 -9.58 0.17 67.24
N SER C 45 -9.75 -0.84 66.38
CA SER C 45 -11.04 -1.10 65.77
C SER C 45 -12.03 -1.75 66.73
N ARG C 46 -11.58 -2.26 67.88
CA ARG C 46 -12.46 -2.92 68.82
C ARG C 46 -13.08 -1.95 69.82
N ASN C 47 -12.25 -1.14 70.48
CA ASN C 47 -12.73 -0.19 71.48
C ASN C 47 -13.18 1.14 70.87
N SER C 48 -13.45 1.18 69.57
CA SER C 48 -13.90 2.42 68.94
C SER C 48 -15.27 2.84 69.45
N TRP C 49 -16.09 1.88 69.87
CA TRP C 49 -17.40 2.19 70.41
C TRP C 49 -17.30 2.62 71.87
N ASN C 50 -18.40 3.20 72.38
CA ASN C 50 -18.53 3.62 73.76
C ASN C 50 -17.54 4.74 74.10
N PHE C 51 -16.81 5.23 73.11
CA PHE C 51 -15.85 6.31 73.29
C PHE C 51 -16.23 7.54 72.47
N ALA C 52 -17.53 7.73 72.21
CA ALA C 52 -18.00 8.87 71.45
C ALA C 52 -17.99 10.11 72.33
N LEU C 53 -17.14 11.07 72.01
CA LEU C 53 -17.03 12.33 72.76
C LEU C 53 -18.06 13.36 72.33
N ILE C 54 -19.11 12.94 71.60
CA ILE C 54 -20.16 13.88 71.22
C ILE C 54 -20.94 14.34 72.46
N ASP C 55 -20.99 13.51 73.49
CA ASP C 55 -21.64 13.93 74.73
C ASP C 55 -20.92 15.11 75.36
N TYR C 56 -19.59 15.17 75.24
CA TYR C 56 -18.85 16.33 75.72
C TYR C 56 -19.05 17.53 74.79
N PHE C 57 -19.28 17.29 73.51
CA PHE C 57 -19.57 18.38 72.59
C PHE C 57 -20.93 19.01 72.87
N TYR C 58 -21.89 18.21 73.33
CA TYR C 58 -23.23 18.72 73.59
C TYR C 58 -23.22 19.79 74.68
N ASP C 59 -22.79 19.43 75.89
CA ASP C 59 -22.78 20.37 76.99
C ASP C 59 -21.58 21.30 76.91
N LEU C 60 -21.82 22.57 77.21
CA LEU C 60 -20.76 23.59 77.17
C LEU C 60 -20.13 23.78 78.54
N ASP C 61 -19.63 22.70 79.14
CA ASP C 61 -18.98 22.77 80.44
C ASP C 61 -17.61 22.12 80.40
N VAL C 62 -17.45 21.11 79.54
CA VAL C 62 -16.16 20.43 79.44
C VAL C 62 -15.24 21.17 78.47
N LEU C 63 -15.78 21.62 77.34
CA LEU C 63 -14.97 22.32 76.34
C LEU C 63 -15.02 23.83 76.50
N LYS C 64 -16.11 24.37 77.04
CA LYS C 64 -16.27 25.81 77.18
C LYS C 64 -15.67 26.30 78.49
N ASP C 65 -14.99 27.44 78.43
CA ASP C 65 -14.39 28.04 79.61
C ASP C 65 -15.38 29.00 80.26
N GLY C 66 -14.91 29.81 81.21
CA GLY C 66 -15.76 30.77 81.88
C GLY C 66 -16.07 32.03 81.11
N GLU C 67 -15.52 32.19 79.91
CA GLU C 67 -15.76 33.36 79.08
C GLU C 67 -16.49 33.03 77.78
N ASN C 68 -16.96 31.80 77.63
CA ASN C 68 -17.69 31.36 76.42
C ASN C 68 -16.84 31.55 75.16
N ASN C 69 -15.55 31.22 75.26
CA ASN C 69 -14.63 31.33 74.14
C ASN C 69 -13.70 30.12 74.17
N ILE C 70 -13.82 29.25 73.18
CA ILE C 70 -13.07 28.01 73.13
C ILE C 70 -11.92 28.16 72.14
N ASN C 71 -10.72 27.82 72.57
CA ASN C 71 -9.57 27.86 71.68
C ASN C 71 -9.71 26.84 70.55
N PHE C 72 -9.08 27.14 69.42
CA PHE C 72 -9.20 26.28 68.25
C PHE C 72 -8.21 25.13 68.24
N GLN C 73 -7.20 25.14 69.13
CA GLN C 73 -6.26 24.02 69.19
C GLN C 73 -6.93 22.77 69.75
N LYS C 74 -7.59 22.92 70.90
CA LYS C 74 -8.35 21.79 71.46
C LYS C 74 -9.47 21.37 70.53
N ALA C 75 -10.10 22.33 69.82
CA ALA C 75 -11.13 21.98 68.86
C ALA C 75 -10.56 21.15 67.71
N SER C 76 -9.37 21.52 67.22
CA SER C 76 -8.71 20.75 66.18
C SER C 76 -8.38 19.34 66.68
N ALA C 77 -7.85 19.24 67.89
CA ALA C 77 -7.55 17.94 68.47
C ALA C 77 -8.80 17.07 68.57
N THR C 78 -9.90 17.66 69.03
CA THR C 78 -11.14 16.90 69.20
C THR C 78 -11.72 16.47 67.87
N LEU C 79 -11.69 17.34 66.86
CA LEU C 79 -12.21 16.95 65.56
C LEU C 79 -11.36 15.86 64.92
N ASP C 80 -10.04 15.97 65.06
CA ASP C 80 -9.17 14.90 64.58
C ASP C 80 -9.47 13.58 65.29
N GLY C 81 -9.67 13.64 66.61
CA GLY C 81 -9.96 12.42 67.35
C GLY C 81 -11.28 11.78 66.97
N CYS C 82 -12.33 12.60 66.81
CA CYS C 82 -13.63 12.03 66.44
C CYS C 82 -13.61 11.52 65.02
N ILE C 83 -12.89 12.18 64.11
CA ILE C 83 -12.77 11.66 62.75
C ILE C 83 -12.00 10.34 62.75
N LYS C 84 -10.97 10.23 63.60
CA LYS C 84 -10.21 8.99 63.68
C LYS C 84 -11.07 7.85 64.23
N ILE C 85 -11.86 8.12 65.27
CA ILE C 85 -12.70 7.05 65.82
C ILE C 85 -13.84 6.72 64.85
N TYR C 86 -14.29 7.69 64.06
CA TYR C 86 -15.29 7.39 63.03
C TYR C 86 -14.72 6.51 61.94
N SER C 87 -13.48 6.78 61.52
CA SER C 87 -12.83 5.92 60.54
C SER C 87 -12.59 4.53 61.13
N SER C 88 -12.28 4.46 62.42
CA SER C 88 -12.10 3.16 63.07
C SER C 88 -13.41 2.38 63.08
N ARG C 89 -14.52 3.05 63.38
CA ARG C 89 -15.82 2.38 63.35
C ARG C 89 -16.20 1.95 61.93
N VAL C 90 -15.82 2.76 60.94
CA VAL C 90 -16.06 2.38 59.54
C VAL C 90 -15.27 1.12 59.19
N ASP C 91 -14.00 1.07 59.59
CA ASP C 91 -13.20 -0.13 59.35
C ASP C 91 -13.79 -1.33 60.09
N SER C 92 -14.30 -1.11 61.30
CA SER C 92 -14.89 -2.20 62.06
C SER C 92 -16.13 -2.76 61.37
N VAL C 93 -17.02 -1.88 60.92
CA VAL C 93 -18.23 -2.35 60.25
C VAL C 93 -17.88 -2.96 58.89
N THR C 94 -16.80 -2.49 58.25
CA THR C 94 -16.35 -3.11 57.01
C THR C 94 -15.86 -4.53 57.26
N THR C 95 -15.06 -4.72 58.30
CA THR C 95 -14.62 -6.08 58.65
C THR C 95 -15.79 -6.96 59.04
N GLU C 96 -16.79 -6.41 59.73
CA GLU C 96 -17.96 -7.19 60.09
C GLU C 96 -18.74 -7.62 58.85
N THR C 97 -18.95 -6.70 57.90
CA THR C 97 -19.63 -7.06 56.66
C THR C 97 -18.84 -8.10 55.88
N GLY C 98 -17.52 -7.97 55.86
CA GLY C 98 -16.70 -8.96 55.17
C GLY C 98 -16.80 -10.34 55.82
N LYS C 99 -16.79 -10.38 57.16
CA LYS C 99 -16.94 -11.65 57.86
C LYS C 99 -18.31 -12.26 57.59
N LEU C 100 -19.36 -11.44 57.57
CA LEU C 100 -20.70 -11.96 57.28
C LEU C 100 -20.78 -12.48 55.85
N LEU C 101 -20.15 -11.78 54.90
CA LEU C 101 -20.17 -12.23 53.52
C LEU C 101 -19.39 -13.53 53.34
N SER C 102 -18.27 -13.67 54.06
CA SER C 102 -17.51 -14.92 53.97
C SER C 102 -18.24 -16.07 54.66
N GLY C 103 -19.00 -15.78 55.72
CA GLY C 103 -19.75 -16.83 56.38
C GLY C 103 -20.98 -17.27 55.63
N LEU C 104 -21.66 -16.34 54.95
CA LEU C 104 -22.85 -16.68 54.18
C LEU C 104 -22.52 -17.34 52.85
N ALA C 105 -21.34 -17.08 52.29
CA ALA C 105 -20.96 -17.67 51.02
C ALA C 105 -20.60 -19.15 51.18
N THR C 166 18.69 -26.60 3.34
CA THR C 166 19.86 -26.19 2.57
C THR C 166 19.90 -26.87 1.21
N LEU C 167 20.87 -26.46 0.38
CA LEU C 167 21.03 -27.02 -0.95
C LEU C 167 21.88 -28.28 -0.84
N VAL C 168 21.27 -29.43 -1.16
CA VAL C 168 21.98 -30.70 -1.07
C VAL C 168 22.91 -30.85 -2.26
N GLU C 169 24.22 -30.98 -1.98
CA GLU C 169 25.29 -31.18 -2.94
C GLU C 169 25.14 -30.32 -4.21
N PHE C 170 24.55 -29.13 -4.06
CA PHE C 170 24.44 -28.15 -5.14
C PHE C 170 23.78 -28.74 -6.39
N GLU C 171 22.57 -29.26 -6.23
CA GLU C 171 21.77 -29.72 -7.35
C GLU C 171 20.34 -29.20 -7.36
N THR C 172 19.82 -28.76 -6.21
CA THR C 172 18.46 -28.24 -6.15
C THR C 172 18.33 -26.84 -6.73
N ILE C 173 19.45 -26.19 -7.06
CA ILE C 173 19.40 -24.84 -7.64
C ILE C 173 19.34 -24.86 -9.16
N LYS C 174 19.61 -26.00 -9.79
CA LYS C 174 19.57 -26.09 -11.25
C LYS C 174 18.20 -26.56 -11.72
N ILE C 184 18.92 -13.18 -30.06
CA ILE C 184 18.04 -12.61 -31.09
C ILE C 184 18.88 -12.09 -32.25
N ASP C 185 18.57 -12.58 -33.45
CA ASP C 185 19.30 -12.15 -34.65
C ASP C 185 18.95 -10.71 -34.98
N PRO C 186 19.93 -9.80 -35.02
CA PRO C 186 19.63 -8.41 -35.39
C PRO C 186 19.09 -8.26 -36.81
N LEU C 187 19.38 -9.20 -37.70
CA LEU C 187 18.85 -9.13 -39.06
C LEU C 187 17.33 -9.23 -39.05
N PHE C 188 16.78 -10.12 -38.22
CA PHE C 188 15.33 -10.23 -38.11
C PHE C 188 14.72 -8.96 -37.52
N LYS C 189 15.42 -8.35 -36.55
CA LYS C 189 14.94 -7.09 -35.98
C LYS C 189 14.90 -6.00 -37.04
N LYS C 190 15.95 -5.90 -37.85
CA LYS C 190 15.96 -4.92 -38.94
C LYS C 190 14.86 -5.19 -39.94
N ALA C 191 14.65 -6.47 -40.30
CA ALA C 191 13.63 -6.81 -41.27
C ALA C 191 12.23 -6.52 -40.75
N LEU C 192 12.00 -6.66 -39.44
CA LEU C 192 10.69 -6.34 -38.89
C LEU C 192 10.50 -4.85 -38.64
N VAL C 193 11.58 -4.09 -38.44
CA VAL C 193 11.43 -2.66 -38.21
C VAL C 193 11.37 -1.86 -39.51
N ASP C 194 11.94 -2.38 -40.60
CA ASP C 194 11.86 -1.63 -41.86
C ASP C 194 10.50 -1.83 -42.54
N PHE C 195 9.95 -3.04 -42.46
CA PHE C 195 8.66 -3.33 -43.06
C PHE C 195 7.55 -3.35 -42.02
N GLY C 199 6.41 0.02 -46.06
CA GLY C 199 5.96 0.77 -47.22
C GLY C 199 6.30 0.12 -48.54
N ALA C 200 6.33 -1.22 -48.53
CA ALA C 200 6.65 -2.01 -49.73
C ALA C 200 7.99 -1.64 -50.33
N LYS C 201 8.95 -1.23 -49.48
CA LYS C 201 10.28 -0.87 -49.93
C LYS C 201 11.32 -1.93 -49.64
N SER C 202 11.10 -2.78 -48.65
CA SER C 202 12.03 -3.85 -48.30
C SER C 202 11.45 -5.16 -48.81
N LEU C 203 11.90 -5.57 -49.99
CA LEU C 203 11.44 -6.80 -50.63
C LEU C 203 12.27 -8.01 -50.24
N LEU C 204 12.96 -7.97 -49.10
CA LEU C 204 13.77 -9.06 -48.59
C LEU C 204 14.89 -9.45 -49.55
N LEU C 205 15.22 -8.59 -50.51
CA LEU C 205 16.29 -8.85 -51.46
C LEU C 205 17.41 -7.81 -51.40
N ASN C 206 17.07 -6.53 -51.35
CA ASN C 206 18.09 -5.50 -51.30
C ASN C 206 18.75 -5.43 -49.93
N THR C 207 17.99 -5.65 -48.86
CA THR C 207 18.55 -5.61 -47.52
C THR C 207 19.32 -6.88 -47.17
N LEU C 208 19.05 -7.98 -47.89
CA LEU C 208 19.76 -9.23 -47.65
C LEU C 208 21.02 -9.29 -48.49
N ASN C 209 21.97 -10.11 -48.03
CA ASN C 209 23.27 -10.23 -48.67
C ASN C 209 23.42 -11.60 -49.34
N ILE C 210 24.23 -11.62 -50.39
CA ILE C 210 24.51 -12.84 -51.15
C ILE C 210 25.84 -13.40 -50.68
N ASP C 211 25.96 -14.72 -50.72
CA ASP C 211 27.16 -15.42 -50.29
C ASP C 211 27.98 -15.86 -51.50
N ASN C 212 29.20 -16.31 -51.23
CA ASN C 212 30.09 -16.77 -52.29
C ASN C 212 29.64 -18.09 -52.90
N THR C 213 28.90 -18.91 -52.15
CA THR C 213 28.43 -20.20 -52.63
C THR C 213 27.04 -20.12 -53.27
N ALA C 214 26.65 -18.95 -53.79
CA ALA C 214 25.37 -18.76 -54.46
C ALA C 214 24.19 -19.09 -53.56
N ARG C 215 24.20 -18.50 -52.36
CA ARG C 215 23.10 -18.67 -51.41
C ARG C 215 22.89 -17.36 -50.66
N VAL C 216 21.66 -17.13 -50.25
CA VAL C 216 21.30 -15.90 -49.54
C VAL C 216 21.71 -16.02 -48.09
N ILE C 217 22.40 -15.00 -47.58
CA ILE C 217 22.87 -14.99 -46.19
C ILE C 217 21.69 -14.58 -45.32
N PHE C 218 20.99 -15.56 -44.75
CA PHE C 218 19.87 -15.32 -43.86
C PHE C 218 19.90 -16.13 -42.58
N ASP C 219 20.63 -17.25 -42.54
CA ASP C 219 20.70 -18.10 -41.36
C ASP C 219 21.95 -17.75 -40.57
N ALA C 220 21.80 -17.55 -39.27
CA ALA C 220 22.91 -17.21 -38.40
C ALA C 220 23.75 -18.44 -38.08
N LYS C 643 -9.74 11.07 -64.68
CA LYS C 643 -9.82 11.81 -65.94
C LYS C 643 -10.71 13.04 -65.82
N LYS C 644 -10.09 14.21 -65.75
CA LYS C 644 -10.80 15.47 -65.64
C LYS C 644 -10.74 16.21 -66.97
N VAL C 645 -11.86 16.84 -67.35
CA VAL C 645 -11.96 17.53 -68.62
C VAL C 645 -11.85 19.04 -68.47
N ASP C 646 -11.22 19.51 -67.38
CA ASP C 646 -11.03 20.94 -67.12
C ASP C 646 -12.38 21.66 -67.08
N VAL C 647 -13.14 21.32 -66.03
CA VAL C 647 -14.52 21.79 -65.89
C VAL C 647 -14.61 23.30 -66.05
N ARG C 648 -13.57 24.02 -65.61
CA ARG C 648 -13.56 25.47 -65.79
C ARG C 648 -13.49 25.83 -67.28
N ARG C 649 -12.48 25.32 -67.98
CA ARG C 649 -12.37 25.57 -69.42
C ARG C 649 -13.53 24.94 -70.18
N LEU C 650 -14.07 23.82 -69.69
CA LEU C 650 -15.25 23.23 -70.32
C LEU C 650 -16.44 24.17 -70.23
N LYS C 651 -16.66 24.76 -69.06
CA LYS C 651 -17.75 25.72 -68.91
C LYS C 651 -17.52 26.95 -69.77
N LYS C 652 -16.28 27.42 -69.84
CA LYS C 652 -15.98 28.57 -70.71
C LYS C 652 -16.28 28.24 -72.17
N ASN C 653 -15.90 27.06 -72.63
CA ASN C 653 -16.12 26.68 -74.02
C ASN C 653 -17.61 26.51 -74.32
N VAL C 654 -18.36 25.89 -73.40
CA VAL C 654 -19.78 25.70 -73.67
C VAL C 654 -20.53 27.03 -73.59
N TRP C 655 -20.06 27.97 -72.76
CA TRP C 655 -20.69 29.28 -72.72
C TRP C 655 -20.35 30.09 -73.97
N ARG C 656 -19.15 29.90 -74.52
CA ARG C 656 -18.81 30.54 -75.79
C ARG C 656 -19.66 29.96 -76.93
N SER C 657 -19.88 28.64 -76.90
CA SER C 657 -20.68 28.01 -77.94
C SER C 657 -22.17 28.34 -77.80
N ILE C 658 -22.62 28.63 -76.58
CA ILE C 658 -24.02 29.00 -76.38
C ILE C 658 -24.33 30.33 -77.05
N ASN C 659 -23.35 31.24 -77.12
CA ASN C 659 -23.52 32.55 -77.74
C ASN C 659 -24.63 33.34 -77.04
N ASN C 660 -24.36 33.67 -75.78
CA ASN C 660 -25.27 34.40 -74.91
C ASN C 660 -25.97 35.56 -75.63
N LEU C 661 -25.25 36.26 -76.50
CA LEU C 661 -25.85 37.26 -77.38
C LEU C 661 -26.36 36.53 -78.63
N ILE C 662 -27.52 35.92 -78.49
CA ILE C 662 -28.10 35.13 -79.58
C ILE C 662 -28.49 36.07 -80.71
N GLN C 663 -27.77 35.98 -81.84
CA GLN C 663 -28.07 36.75 -83.04
C GLN C 663 -28.16 35.75 -84.20
N GLU C 664 -29.36 35.20 -84.39
CA GLU C 664 -29.57 34.22 -85.46
C GLU C 664 -29.73 34.90 -86.81
N HIS C 665 -30.71 35.80 -86.92
CA HIS C 665 -30.98 36.52 -88.16
C HIS C 665 -31.56 37.88 -87.80
N ASP C 666 -32.04 38.60 -88.80
CA ASP C 666 -32.60 39.92 -88.58
C ASP C 666 -33.93 39.84 -87.84
N SER C 667 -34.38 40.98 -87.32
CA SER C 667 -35.62 41.06 -86.58
C SER C 667 -36.86 41.06 -87.46
N ARG C 668 -36.70 41.02 -88.78
CA ARG C 668 -37.84 41.02 -89.68
C ARG C 668 -38.33 39.60 -89.93
N LYS C 691 -30.64 24.99 -77.92
CA LYS C 691 -31.16 23.64 -77.85
C LYS C 691 -30.23 22.73 -77.04
N PHE C 692 -30.52 21.42 -77.05
CA PHE C 692 -29.71 20.45 -76.33
C PHE C 692 -28.72 19.71 -77.22
N SER C 693 -28.96 19.66 -78.53
CA SER C 693 -28.09 18.96 -79.45
C SER C 693 -27.09 19.86 -80.15
N ASP C 694 -27.40 21.15 -80.30
CA ASP C 694 -26.49 22.07 -80.97
C ASP C 694 -25.25 22.37 -80.14
N ILE C 695 -25.30 22.14 -78.83
CA ILE C 695 -24.14 22.41 -77.97
C ILE C 695 -23.00 21.46 -78.31
N ILE C 696 -23.33 20.19 -78.58
CA ILE C 696 -22.29 19.22 -78.94
C ILE C 696 -21.65 19.61 -80.27
N GLN C 697 -22.47 20.00 -81.25
CA GLN C 697 -21.93 20.42 -82.54
C GLN C 697 -21.10 21.69 -82.42
N GLY C 698 -21.46 22.58 -81.49
CA GLY C 698 -20.69 23.80 -81.31
C GLY C 698 -19.36 23.56 -80.61
N ILE C 699 -19.35 22.65 -79.63
CA ILE C 699 -18.11 22.35 -78.92
C ILE C 699 -17.21 21.42 -79.72
N SER C 700 -17.76 20.68 -80.70
CA SER C 700 -16.96 19.79 -81.52
C SER C 700 -16.14 20.53 -82.57
N LYS C 701 -16.50 21.78 -82.88
CA LYS C 701 -15.76 22.53 -83.88
C LYS C 701 -14.38 22.97 -83.38
N MET C 702 -14.18 23.01 -82.07
CA MET C 702 -12.91 23.41 -81.49
C MET C 702 -12.25 22.28 -80.70
N TYR C 703 -12.69 21.04 -80.91
CA TYR C 703 -12.14 19.90 -80.20
C TYR C 703 -12.01 18.73 -81.18
N SER C 704 -11.13 17.79 -80.82
CA SER C 704 -10.89 16.61 -81.64
C SER C 704 -11.85 15.49 -81.27
N ASP C 705 -11.80 14.41 -82.04
CA ASP C 705 -12.66 13.26 -81.80
C ASP C 705 -12.27 12.50 -80.54
N ASP C 706 -11.00 12.59 -80.13
CA ASP C 706 -10.57 11.90 -78.91
C ASP C 706 -11.26 12.48 -77.68
N THR C 707 -11.51 13.79 -77.68
CA THR C 707 -12.25 14.40 -76.58
C THR C 707 -13.73 14.09 -76.67
N LEU C 708 -14.27 13.99 -77.88
CA LEU C 708 -15.68 13.66 -78.06
C LEU C 708 -15.97 12.23 -77.63
N LYS C 709 -14.99 11.33 -77.78
CA LYS C 709 -15.20 9.95 -77.35
C LYS C 709 -15.33 9.84 -75.83
N ASP C 710 -14.77 10.79 -75.09
CA ASP C 710 -14.85 10.79 -73.64
C ASP C 710 -15.93 11.73 -73.10
N ILE C 711 -16.45 12.64 -73.93
CA ILE C 711 -17.48 13.58 -73.51
C ILE C 711 -18.85 13.03 -73.92
N SER C 712 -19.75 12.94 -72.95
CA SER C 712 -21.10 12.44 -73.16
C SER C 712 -22.11 13.55 -72.83
N THR C 713 -23.39 13.18 -72.83
CA THR C 713 -24.44 14.16 -72.53
C THR C 713 -24.42 14.58 -71.06
N SER C 714 -23.77 13.80 -70.19
CA SER C 714 -23.68 14.19 -68.78
C SER C 714 -22.85 15.44 -68.60
N PHE C 715 -21.76 15.56 -69.37
CA PHE C 715 -20.95 16.78 -69.32
C PHE C 715 -21.75 17.98 -69.78
N CYS C 716 -22.50 17.84 -70.87
CA CYS C 716 -23.37 18.92 -71.34
C CYS C 716 -24.38 19.31 -70.27
N PHE C 717 -25.01 18.31 -69.63
CA PHE C 717 -25.99 18.58 -68.59
C PHE C 717 -25.35 19.35 -67.45
N ILE C 718 -24.18 18.90 -66.98
CA ILE C 718 -23.58 19.53 -65.81
C ILE C 718 -23.11 20.94 -66.13
N CYS C 719 -22.60 21.17 -67.35
CA CYS C 719 -22.12 22.52 -67.66
C CYS C 719 -23.27 23.48 -67.87
N LEU C 720 -24.36 23.01 -68.53
CA LEU C 720 -25.52 23.89 -68.67
C LEU C 720 -26.15 24.19 -67.33
N LEU C 721 -26.14 23.22 -66.41
CA LEU C 721 -26.66 23.47 -65.07
C LEU C 721 -25.80 24.46 -64.32
N HIS C 722 -24.48 24.33 -64.41
CA HIS C 722 -23.59 25.28 -63.75
C HIS C 722 -23.77 26.69 -64.32
N LEU C 723 -23.93 26.80 -65.64
CA LEU C 723 -24.11 28.12 -66.24
C LEU C 723 -25.47 28.71 -65.92
N ALA C 724 -26.50 27.88 -65.77
CA ALA C 724 -27.80 28.37 -65.35
C ALA C 724 -27.79 28.77 -63.88
N ASN C 725 -26.93 28.15 -63.08
CA ASN C 725 -26.76 28.57 -61.69
C ASN C 725 -25.96 29.86 -61.59
N GLU C 726 -25.02 30.08 -62.50
CA GLU C 726 -24.20 31.29 -62.49
C GLU C 726 -24.82 32.43 -63.29
N HIS C 727 -25.62 32.11 -64.31
CA HIS C 727 -26.26 33.13 -65.14
C HIS C 727 -27.75 32.83 -65.28
N GLY C 728 -28.54 33.89 -65.38
CA GLY C 728 -29.98 33.75 -65.46
C GLY C 728 -30.46 33.08 -66.73
N LEU C 729 -31.00 31.87 -66.60
CA LEU C 729 -31.51 31.12 -67.73
C LEU C 729 -32.86 30.51 -67.36
N GLN C 730 -33.64 30.16 -68.38
CA GLN C 730 -34.95 29.57 -68.21
C GLN C 730 -34.98 28.24 -68.96
N ILE C 731 -34.79 27.14 -68.23
CA ILE C 731 -34.78 25.80 -68.80
C ILE C 731 -35.90 24.99 -68.15
N THR C 732 -36.65 24.26 -68.97
CA THR C 732 -37.75 23.44 -68.49
C THR C 732 -37.79 22.14 -69.28
N HIS C 733 -37.90 21.02 -68.58
CA HIS C 733 -37.93 19.71 -69.23
C HIS C 733 -39.20 19.55 -70.06
N THR C 734 -39.06 18.92 -71.22
CA THR C 734 -40.18 18.67 -72.10
C THR C 734 -40.77 17.28 -71.84
N GLU C 735 -41.89 16.99 -72.50
CA GLU C 735 -42.54 15.70 -72.35
C GLU C 735 -41.77 14.57 -73.01
N ASN C 736 -40.89 14.88 -73.96
CA ASN C 736 -40.10 13.86 -74.64
C ASN C 736 -38.77 13.58 -73.95
N TYR C 737 -38.29 14.50 -73.11
CA TYR C 737 -37.02 14.34 -72.40
C TYR C 737 -35.85 14.09 -73.35
N ASN C 738 -35.88 14.71 -74.52
CA ASN C 738 -34.83 14.58 -75.51
C ASN C 738 -34.19 15.89 -75.92
N ASP C 739 -34.86 17.03 -75.69
CA ASP C 739 -34.32 18.33 -76.04
C ASP C 739 -34.75 19.35 -74.99
N LEU C 740 -33.95 20.39 -74.84
CA LEU C 740 -34.20 21.45 -73.86
C LEU C 740 -34.21 22.79 -74.57
N ILE C 741 -35.31 23.52 -74.41
CA ILE C 741 -35.48 24.84 -75.01
C ILE C 741 -35.10 25.89 -73.97
N VAL C 742 -34.10 26.70 -74.28
CA VAL C 742 -33.60 27.74 -73.38
C VAL C 742 -33.88 29.10 -74.00
N ASN C 743 -34.38 30.02 -73.19
CA ASN C 743 -34.66 31.38 -73.61
C ASN C 743 -33.90 32.37 -72.74
N TYR C 744 -33.91 33.63 -73.16
CA TYR C 744 -33.19 34.69 -72.46
C TYR C 744 -34.01 35.12 -71.25
N GLU C 745 -33.48 34.87 -70.05
CA GLU C 745 -34.13 35.24 -68.80
C GLU C 745 -33.45 36.50 -68.27
N ASP C 746 -34.21 37.59 -68.21
CA ASP C 746 -33.69 38.88 -67.73
C ASP C 746 -33.76 39.01 -66.21
N LEU C 747 -33.96 37.92 -65.49
CA LEU C 747 -34.04 37.97 -64.03
C LEU C 747 -32.65 37.95 -63.42
N UNK C 755 29.30 -30.29 -74.48
CA UNK C 755 28.69 -29.37 -75.42
C UNK C 755 28.56 -27.98 -74.83
N UNK C 756 27.46 -27.76 -74.10
CA UNK C 756 27.18 -26.48 -73.44
C UNK C 756 27.18 -25.33 -74.43
N UNK C 757 26.16 -25.28 -75.28
CA UNK C 757 26.05 -24.23 -76.28
C UNK C 757 24.75 -23.45 -76.11
N UNK C 758 24.63 -22.32 -76.80
CA UNK C 758 23.44 -21.49 -76.72
C UNK C 758 22.31 -22.09 -77.55
N UNK C 759 21.07 -21.88 -77.10
CA UNK C 759 19.90 -22.40 -77.80
C UNK C 759 19.31 -21.34 -78.71
N UNK C 760 20.02 -21.02 -79.78
CA UNK C 760 19.60 -20.02 -80.76
C UNK C 760 19.30 -18.67 -80.10
N UNK C 761 18.37 -17.92 -80.70
CA UNK C 761 17.98 -16.60 -80.20
C UNK C 761 19.16 -15.67 -80.06
N UNK C 762 19.69 -15.21 -81.20
CA UNK C 762 20.84 -14.31 -81.20
C UNK C 762 20.40 -12.86 -80.99
N UNK C 763 21.34 -11.94 -81.12
CA UNK C 763 21.05 -10.51 -80.95
C UNK C 763 20.34 -9.96 -82.18
N UNK C 764 19.04 -10.23 -82.27
CA UNK C 764 18.24 -9.75 -83.39
C UNK C 764 17.62 -8.39 -83.08
N UNK C 765 18.48 -7.37 -82.96
CA UNK C 765 18.02 -6.03 -82.66
C UNK C 765 17.62 -5.91 -81.18
N UNK C 766 18.49 -6.41 -80.31
CA UNK C 766 18.23 -6.37 -78.87
C UNK C 766 18.38 -4.95 -78.33
N UNK C 767 17.31 -4.17 -78.45
CA UNK C 767 17.32 -2.79 -77.98
C UNK C 767 16.27 -2.58 -76.89
N UNK C 768 9.35 4.91 -71.56
CA UNK C 768 9.23 6.37 -71.44
C UNK C 768 10.15 6.90 -70.35
N UNK C 769 10.87 5.99 -69.69
CA UNK C 769 11.81 6.33 -68.63
C UNK C 769 11.13 7.13 -67.52
N UNK C 770 11.28 8.45 -67.58
CA UNK C 770 10.69 9.34 -66.59
C UNK C 770 10.30 10.67 -67.21
N UNK C 771 9.06 10.76 -67.68
CA UNK C 771 8.56 11.98 -68.31
C UNK C 771 8.32 13.06 -67.27
N UNK C 772 8.94 14.23 -67.49
CA UNK C 772 8.83 15.37 -66.59
C UNK C 772 9.21 15.01 -65.16
N UNK C 773 10.39 14.42 -65.00
CA UNK C 773 10.87 14.02 -63.68
C UNK C 773 11.40 15.23 -62.91
N SER D 5 4.92 0.91 56.14
CA SER D 5 3.75 0.84 55.27
C SER D 5 4.16 0.56 53.82
N LEU D 6 5.14 -0.33 53.65
CA LEU D 6 5.61 -0.66 52.31
C LEU D 6 4.57 -1.51 51.57
N SER D 7 4.04 -2.54 52.24
CA SER D 7 3.07 -3.41 51.59
C SER D 7 1.77 -2.67 51.29
N GLU D 8 1.34 -1.80 52.21
CA GLU D 8 0.13 -1.03 51.97
C GLU D 8 0.29 -0.07 50.80
N TYR D 9 1.45 0.61 50.73
CA TYR D 9 1.70 1.52 49.61
C TYR D 9 1.84 0.77 48.29
N LEU D 10 2.38 -0.45 48.33
CA LEU D 10 2.50 -1.24 47.11
C LEU D 10 1.15 -1.75 46.64
N THR D 11 0.27 -2.13 47.57
CA THR D 11 -1.05 -2.61 47.20
C THR D 11 -1.94 -1.47 46.71
N LYS D 12 -1.84 -0.30 47.36
CA LYS D 12 -2.66 0.83 46.94
C LYS D 12 -2.17 1.44 45.63
N PHE D 13 -0.96 1.14 45.21
CA PHE D 13 -0.42 1.67 43.96
C PHE D 13 -1.07 0.98 42.76
N ARG D 29 0.36 26.83 48.24
CA ARG D 29 -0.82 26.76 49.10
C ARG D 29 -0.42 26.42 50.53
N GLU D 30 -1.25 25.63 51.21
CA GLU D 30 -0.96 25.25 52.58
C GLU D 30 0.19 24.26 52.67
N LEU D 31 0.40 23.48 51.61
CA LEU D 31 1.50 22.50 51.62
C LEU D 31 2.85 23.18 51.44
N ASN D 32 2.90 24.30 50.71
CA ASN D 32 4.15 25.00 50.49
C ASN D 32 4.65 25.70 51.75
N VAL D 33 3.78 25.94 52.73
CA VAL D 33 4.19 26.60 53.96
C VAL D 33 5.02 25.69 54.84
N ILE D 34 5.01 24.39 54.59
CA ILE D 34 5.77 23.44 55.40
C ILE D 34 6.74 22.62 54.58
N ILE D 35 6.53 22.44 53.28
CA ILE D 35 7.44 21.66 52.47
C ILE D 35 8.69 22.46 52.14
N ASP D 36 8.53 23.75 51.85
CA ASP D 36 9.65 24.62 51.53
C ASP D 36 10.25 25.31 52.74
N GLN D 37 9.61 25.21 53.90
CA GLN D 37 10.12 25.84 55.11
C GLN D 37 10.50 24.80 56.16
N SER D 48 7.13 15.59 60.78
CA SER D 48 5.87 15.03 61.25
C SER D 48 5.30 14.02 60.26
N PRO D 49 4.88 12.86 60.75
CA PRO D 49 4.32 11.85 59.83
C PRO D 49 2.96 12.24 59.29
N ASP D 50 2.08 12.80 60.13
CA ASP D 50 0.76 13.20 59.65
C ASP D 50 0.85 14.33 58.63
N SER D 51 1.73 15.30 58.86
CA SER D 51 1.89 16.39 57.90
C SER D 51 2.46 15.88 56.58
N LEU D 52 3.42 14.96 56.64
CA LEU D 52 3.98 14.39 55.42
C LEU D 52 2.93 13.60 54.65
N GLU D 53 2.10 12.83 55.37
CA GLU D 53 1.04 12.08 54.71
C GLU D 53 0.02 13.00 54.07
N ALA D 54 -0.34 14.09 54.76
CA ALA D 54 -1.28 15.05 54.20
C ALA D 54 -0.70 15.73 52.96
N LEU D 55 0.59 16.07 52.99
CA LEU D 55 1.22 16.68 51.83
C LEU D 55 1.28 15.71 50.67
N ILE D 56 1.56 14.44 50.94
CA ILE D 56 1.61 13.44 49.87
C ILE D 56 0.23 13.21 49.28
N ASP D 57 -0.81 13.26 50.11
CA ASP D 57 -2.17 13.09 49.61
C ASP D 57 -2.61 14.29 48.80
N LEU D 58 -2.20 15.50 49.21
CA LEU D 58 -2.56 16.70 48.47
C LEU D 58 -1.82 16.78 47.14
N CYS D 59 -0.55 16.35 47.11
CA CYS D 59 0.22 16.38 45.89
C CYS D 59 -0.28 15.37 44.86
N HIS D 60 -0.95 14.31 45.30
CA HIS D 60 -1.46 13.29 44.38
C HIS D 60 -2.80 13.70 43.80
N SER D 79 4.25 24.25 37.06
CA SER D 79 5.17 23.15 37.29
C SER D 79 6.41 23.63 38.06
N SER D 80 6.40 24.90 38.45
CA SER D 80 7.52 25.45 39.22
C SER D 80 7.52 24.91 40.64
N LEU D 81 6.34 24.73 41.24
CA LEU D 81 6.26 24.18 42.58
C LEU D 81 6.80 22.76 42.63
N SER D 82 6.38 21.92 41.68
CA SER D 82 6.91 20.56 41.60
C SER D 82 8.40 20.56 41.32
N ASN D 83 8.88 21.52 40.52
CA ASN D 83 10.31 21.60 40.21
C ASN D 83 11.12 21.91 41.47
N LEU D 84 10.71 22.93 42.22
CA LEU D 84 11.43 23.25 43.46
C LEU D 84 11.29 22.12 44.47
N SER D 85 10.15 21.43 44.50
CA SER D 85 9.98 20.32 45.43
C SER D 85 10.94 19.18 45.10
N LYS D 86 11.02 18.79 43.83
CA LYS D 86 11.95 17.73 43.47
C LYS D 86 13.40 18.17 43.65
N ASP D 87 13.70 19.45 43.44
CA ASP D 87 15.06 19.93 43.67
C ASP D 87 15.45 19.83 45.14
N ILE D 88 14.58 20.31 46.03
CA ILE D 88 14.91 20.27 47.45
C ILE D 88 14.94 18.82 47.94
N LYS D 89 14.05 17.97 47.43
CA LYS D 89 14.09 16.56 47.81
C LYS D 89 15.40 15.91 47.38
N ALA D 90 15.83 16.17 46.14
CA ALA D 90 17.06 15.58 45.63
C ALA D 90 18.27 16.05 46.45
N ASN D 91 18.35 17.35 46.72
CA ASN D 91 19.54 17.82 47.44
C ASN D 91 19.53 17.40 48.90
N LEU D 92 18.36 17.32 49.53
CA LEU D 92 18.32 16.84 50.91
C LEU D 92 18.67 15.36 50.98
N SER D 93 18.21 14.56 50.00
CA SER D 93 18.58 13.15 49.96
C SER D 93 20.07 12.98 49.73
N SER D 94 20.66 13.80 48.85
CA SER D 94 22.09 13.75 48.64
C SER D 94 22.86 14.11 49.90
N ASN D 95 22.41 15.15 50.61
CA ASN D 95 23.07 15.54 51.85
C ASN D 95 22.96 14.42 52.90
N VAL D 96 21.79 13.79 53.00
CA VAL D 96 21.60 12.72 53.97
C VAL D 96 22.50 11.54 53.64
N ASN D 97 22.59 11.17 52.36
CA ASN D 97 23.47 10.09 51.96
C ASN D 97 24.94 10.45 52.19
N PHE D 98 25.28 11.74 52.11
CA PHE D 98 26.66 12.15 52.34
C PHE D 98 27.02 12.10 53.82
N THR D 99 26.08 12.49 54.69
CA THR D 99 26.34 12.46 56.13
C THR D 99 26.01 11.14 56.78
N GLU D 100 25.33 10.24 56.06
CA GLU D 100 24.93 8.94 56.59
C GLU D 100 24.11 9.07 57.86
N GLY D 103 16.78 4.29 62.55
CA GLY D 103 15.50 4.82 62.94
C GLY D 103 14.99 5.93 62.03
N LEU D 104 15.92 6.56 61.33
CA LEU D 104 15.58 7.64 60.40
C LEU D 104 15.36 7.16 58.97
N ILE D 105 15.71 5.92 58.67
CA ILE D 105 15.58 5.37 57.31
C ILE D 105 14.13 5.14 56.88
N PRO D 106 13.19 4.74 57.75
CA PRO D 106 11.83 4.48 57.23
C PRO D 106 11.15 5.72 56.70
N GLN D 107 11.38 6.89 57.30
CA GLN D 107 10.75 8.11 56.82
C GLN D 107 11.20 8.44 55.40
N TRP D 108 12.52 8.44 55.17
CA TRP D 108 13.03 8.71 53.83
C TRP D 108 12.62 7.62 52.85
N LYS D 109 12.52 6.37 53.32
CA LYS D 109 12.07 5.30 52.44
C LYS D 109 10.63 5.53 51.97
N ARG D 110 9.74 5.86 52.90
CA ARG D 110 8.36 6.15 52.52
C ARG D 110 8.29 7.38 51.62
N HIS D 111 9.12 8.40 51.89
CA HIS D 111 9.12 9.59 51.06
C HIS D 111 9.53 9.28 49.63
N LEU D 112 10.63 8.54 49.46
CA LEU D 112 11.06 8.19 48.12
C LEU D 112 10.07 7.27 47.43
N GLU D 113 9.41 6.38 48.18
CA GLU D 113 8.41 5.50 47.57
C GLU D 113 7.22 6.31 47.05
N GLU D 114 6.69 7.24 47.86
CA GLU D 114 5.54 8.00 47.41
C GLU D 114 5.93 8.96 46.28
N TYR D 115 7.15 9.48 46.31
CA TYR D 115 7.58 10.36 45.22
C TYR D 115 7.75 9.58 43.92
N GLY D 116 8.29 8.36 44.00
CA GLY D 116 8.35 7.52 42.81
C GLY D 116 6.97 7.17 42.29
N TYR D 117 6.03 6.91 43.20
CA TYR D 117 4.66 6.60 42.77
C TYR D 117 4.03 7.79 42.06
N LEU D 118 4.19 9.01 42.60
CA LEU D 118 3.60 10.17 41.96
C LEU D 118 4.28 10.47 40.64
N ILE D 119 5.60 10.26 40.55
CA ILE D 119 6.30 10.44 39.29
C ILE D 119 5.78 9.44 38.25
N GLN D 120 5.53 8.21 38.68
CA GLN D 120 5.01 7.20 37.77
C GLN D 120 3.62 7.57 37.26
N VAL D 121 2.73 8.00 38.16
CA VAL D 121 1.39 8.35 37.72
C VAL D 121 1.41 9.62 36.86
N LEU D 122 2.37 10.52 37.11
CA LEU D 122 2.47 11.73 36.28
C LEU D 122 2.97 11.40 34.89
N LEU D 123 3.96 10.49 34.77
CA LEU D 123 4.47 10.13 33.46
C LEU D 123 3.47 9.27 32.69
N THR D 124 2.65 8.47 33.39
CA THR D 124 1.64 7.69 32.71
C THR D 124 0.44 8.54 32.31
N PHE D 125 0.13 9.59 33.08
CA PHE D 125 -0.98 10.46 32.70
C PHE D 125 -0.62 11.33 31.51
N LEU D 126 0.65 11.72 31.38
CA LEU D 126 1.09 12.55 30.26
C LEU D 126 1.38 11.69 29.03
N GLN D 163 9.44 21.22 30.71
CA GLN D 163 8.64 20.49 31.70
C GLN D 163 9.20 19.09 31.93
N MET D 164 9.44 18.37 30.84
CA MET D 164 9.99 17.02 30.95
C MET D 164 11.48 17.04 31.26
N GLU D 165 12.21 18.04 30.75
CA GLU D 165 13.64 18.12 31.00
C GLU D 165 13.93 18.28 32.48
N ASN D 166 13.11 19.06 33.19
CA ASN D 166 13.32 19.28 34.61
C ASN D 166 13.15 17.98 35.41
N LEU D 167 12.08 17.25 35.13
CA LEU D 167 11.86 15.99 35.85
C LEU D 167 12.91 14.95 35.48
N LEU D 168 13.36 14.93 34.22
CA LEU D 168 14.42 13.99 33.85
C LEU D 168 15.74 14.34 34.53
N GLU D 169 16.04 15.64 34.66
CA GLU D 169 17.25 16.04 35.38
C GLU D 169 17.13 15.68 36.86
N SER D 170 15.95 15.84 37.45
CA SER D 170 15.75 15.43 38.84
C SER D 170 15.91 13.94 39.00
N ILE D 171 15.44 13.16 38.02
CA ILE D 171 15.61 11.71 38.09
C ILE D 171 17.08 11.33 37.99
N THR D 172 17.83 12.00 37.10
CA THR D 172 19.27 11.75 37.02
C THR D 172 19.96 12.12 38.33
N LYS D 173 19.49 13.18 38.99
CA LYS D 173 20.08 13.58 40.27
C LYS D 173 19.80 12.56 41.36
N LEU D 174 18.56 12.08 41.45
CA LEU D 174 18.19 11.15 42.52
C LEU D 174 18.68 9.73 42.26
N LEU D 175 18.97 9.37 41.00
CA LEU D 175 19.41 8.02 40.71
C LEU D 175 20.89 7.82 41.00
N GLU D 176 21.69 8.88 40.89
CA GLU D 176 23.12 8.78 41.17
C GLU D 176 23.43 8.79 42.66
N ILE D 177 22.42 8.83 43.52
CA ILE D 177 22.62 8.84 44.96
C ILE D 177 22.70 7.43 45.52
N ASN D 178 21.83 6.54 45.04
CA ASN D 178 21.78 5.14 45.49
C ASN D 178 21.61 5.04 47.01
N PRO D 187 13.99 -6.78 49.46
CA PRO D 187 14.06 -5.37 49.88
C PRO D 187 13.17 -4.46 49.05
N GLU D 188 13.20 -3.16 49.35
CA GLU D 188 12.38 -2.20 48.63
C GLU D 188 13.04 -1.72 47.33
N LYS D 189 14.35 -1.91 47.19
CA LYS D 189 15.03 -1.46 45.98
C LYS D 189 14.58 -2.27 44.75
N ASP D 190 14.19 -3.52 44.95
CA ASP D 190 13.69 -4.33 43.83
C ASP D 190 12.43 -3.73 43.25
N LEU D 191 11.42 -3.49 44.08
CA LEU D 191 10.21 -2.84 43.61
C LEU D 191 10.50 -1.42 43.11
N PHE D 192 11.47 -0.74 43.73
CA PHE D 192 11.87 0.59 43.29
C PHE D 192 12.30 0.57 41.81
N ILE D 193 13.28 -0.26 41.49
CA ILE D 193 13.75 -0.32 40.10
C ILE D 193 12.67 -0.90 39.19
N GLY D 194 11.84 -1.81 39.70
CA GLY D 194 10.77 -2.35 38.87
C GLY D 194 9.79 -1.28 38.42
N LEU D 195 9.28 -0.49 39.37
CA LEU D 195 8.35 0.58 39.03
C LEU D 195 9.04 1.81 38.46
N PHE D 196 10.38 1.85 38.43
CA PHE D 196 11.07 2.89 37.69
C PHE D 196 11.38 2.50 36.25
N THR D 197 11.50 1.22 35.95
CA THR D 197 11.78 0.79 34.58
C THR D 197 10.53 0.41 33.81
N ARG D 198 9.62 -0.37 34.41
CA ARG D 198 8.46 -0.84 33.66
C ARG D 198 7.59 0.29 33.13
N PRO D 199 7.18 1.29 33.92
CA PRO D 199 6.43 2.40 33.33
C PRO D 199 7.24 3.20 32.33
N LEU D 200 8.55 3.32 32.54
CA LEU D 200 9.40 4.00 31.56
C LEU D 200 9.46 3.22 30.26
N PHE D 201 9.49 1.89 30.33
CA PHE D 201 9.46 1.07 29.12
C PHE D 201 8.10 1.15 28.43
N VAL D 202 7.02 1.26 29.20
CA VAL D 202 5.69 1.40 28.60
C VAL D 202 5.56 2.74 27.91
N LEU D 203 6.12 3.79 28.51
CA LEU D 203 6.03 5.12 27.92
C LEU D 203 6.76 5.19 26.59
N LEU D 204 7.99 4.67 26.55
CA LEU D 204 8.80 4.69 25.34
C LEU D 204 8.20 3.79 24.26
N LYS D 216 17.33 13.22 22.59
CA LYS D 216 16.87 12.01 23.24
C LYS D 216 17.94 11.46 24.18
N MET D 217 18.97 12.26 24.44
CA MET D 217 20.04 11.85 25.34
C MET D 217 19.59 11.82 26.79
N PHE D 218 18.55 12.57 27.14
CA PHE D 218 18.07 12.57 28.51
C PHE D 218 17.48 11.21 28.90
N ILE D 219 16.70 10.60 28.02
CA ILE D 219 16.19 9.26 28.27
C ILE D 219 17.33 8.27 28.36
N GLN D 220 18.39 8.47 27.56
CA GLN D 220 19.56 7.62 27.68
C GLN D 220 20.21 7.77 29.05
N ARG D 221 20.27 8.99 29.57
CA ARG D 221 20.82 9.19 30.91
C ARG D 221 19.96 8.54 31.98
N ILE D 222 18.63 8.61 31.82
CA ILE D 222 17.73 7.92 32.75
C ILE D 222 18.00 6.42 32.73
N LEU D 223 18.09 5.84 31.54
CA LEU D 223 18.31 4.40 31.44
C LEU D 223 19.72 4.00 31.89
N ALA D 224 20.67 4.94 31.85
CA ALA D 224 22.02 4.65 32.29
C ALA D 224 22.15 4.73 33.81
N MET D 225 21.43 5.65 34.44
CA MET D 225 21.51 5.83 35.89
C MET D 225 20.60 4.89 36.66
N CYS D 226 19.91 3.98 35.98
CA CYS D 226 19.01 3.04 36.64
C CYS D 226 19.53 1.61 36.64
N VAL D 227 20.71 1.36 36.09
CA VAL D 227 21.28 0.02 36.04
C VAL D 227 22.30 -0.20 37.16
N LYS D 228 22.28 0.63 38.19
CA LYS D 228 23.21 0.53 39.31
C LYS D 228 22.80 -0.53 40.33
N ASN D 229 21.75 -1.29 40.06
CA ASN D 229 21.30 -2.31 41.01
C ASN D 229 22.28 -3.47 41.04
N HIS D 230 22.53 -3.97 42.25
CA HIS D 230 23.43 -5.11 42.47
C HIS D 230 22.62 -6.30 42.94
N GLY D 231 22.81 -7.44 42.27
CA GLY D 231 22.09 -8.66 42.61
C GLY D 231 20.70 -8.75 42.03
N GLN D 232 20.22 -7.72 41.34
CA GLN D 232 18.88 -7.70 40.75
C GLN D 232 18.91 -8.01 39.26
N SER D 233 19.80 -8.92 38.83
CA SER D 233 19.90 -9.24 37.41
C SER D 233 18.63 -9.90 36.89
N SER D 234 17.92 -10.65 37.75
CA SER D 234 16.71 -11.32 37.30
C SER D 234 15.63 -10.32 36.91
N SER D 235 15.47 -9.25 37.69
CA SER D 235 14.43 -8.27 37.40
C SER D 235 14.70 -7.54 36.09
N ILE D 236 15.94 -7.06 35.90
CA ILE D 236 16.27 -6.36 34.67
C ILE D 236 16.21 -7.30 33.48
N GLN D 237 16.60 -8.57 33.66
CA GLN D 237 16.50 -9.53 32.57
C GLN D 237 15.05 -9.78 32.18
N SER D 238 14.16 -9.92 33.16
CA SER D 238 12.75 -10.11 32.87
C SER D 238 12.17 -8.88 32.17
N SER D 239 12.56 -7.68 32.62
CA SER D 239 12.04 -6.47 31.99
C SER D 239 12.51 -6.35 30.54
N LEU D 240 13.79 -6.63 30.28
CA LEU D 240 14.26 -6.55 28.89
C LEU D 240 13.66 -7.65 28.04
N MET D 241 13.41 -8.83 28.61
CA MET D 241 12.74 -9.89 27.85
C MET D 241 11.32 -9.47 27.47
N THR D 242 10.59 -8.88 28.42
CA THR D 242 9.26 -8.36 28.10
C THR D 242 9.33 -7.26 27.07
N ASN D 243 10.38 -6.44 27.10
CA ASN D 243 10.54 -5.40 26.09
C ASN D 243 10.73 -5.99 24.71
N LEU D 244 11.62 -6.98 24.58
CA LEU D 244 11.84 -7.60 23.28
C LEU D 244 10.62 -8.38 22.80
N THR D 245 9.85 -8.96 23.72
CA THR D 245 8.68 -9.73 23.32
C THR D 245 7.44 -8.88 23.10
N TYR D 246 7.44 -7.63 23.54
CA TYR D 246 6.30 -6.74 23.39
C TYR D 246 6.58 -5.52 22.51
N PHE D 247 7.69 -4.83 22.75
CA PHE D 247 8.04 -3.64 21.99
C PHE D 247 8.96 -4.01 20.83
N LEU D 248 8.93 -3.17 19.80
CA LEU D 248 9.70 -3.40 18.58
C LEU D 248 10.77 -2.35 18.35
N HIS D 249 10.40 -1.07 18.38
CA HIS D 249 11.34 0.01 18.12
C HIS D 249 12.23 0.33 19.31
N LEU D 250 11.95 -0.25 20.47
CA LEU D 250 12.74 -0.01 21.67
C LEU D 250 13.91 -0.98 21.81
N SER D 251 13.82 -2.17 21.19
CA SER D 251 14.86 -3.18 21.35
C SER D 251 16.22 -2.64 20.94
N VAL D 252 16.27 -1.95 19.80
CA VAL D 252 17.54 -1.36 19.36
C VAL D 252 18.08 -0.40 20.41
N PHE D 253 17.19 0.39 21.03
CA PHE D 253 17.61 1.27 22.11
C PHE D 253 18.25 0.47 23.24
N ASN D 254 17.66 -0.69 23.57
CA ASN D 254 18.26 -1.56 24.56
C ASN D 254 19.70 -1.92 24.20
N ALA D 255 19.96 -2.13 22.91
CA ALA D 255 21.32 -2.36 22.45
C ALA D 255 22.24 -1.23 22.88
N GLU D 256 21.82 0.01 22.66
CA GLU D 256 22.59 1.16 23.10
C GLU D 256 22.85 1.09 24.60
N LEU D 257 21.86 0.62 25.37
CA LEU D 257 22.06 0.43 26.80
C LEU D 257 23.23 -0.51 27.05
N LEU D 258 23.24 -1.66 26.38
CA LEU D 258 24.37 -2.57 26.50
C LEU D 258 25.67 -1.85 26.17
N LYS D 259 25.64 -0.95 25.19
CA LYS D 259 26.81 -0.16 24.86
C LYS D 259 27.29 0.63 26.07
N LEU D 260 26.38 1.36 26.73
CA LEU D 260 26.78 2.11 27.91
C LEU D 260 27.16 1.21 29.08
N LEU D 261 26.88 -0.09 28.98
CA LEU D 261 27.36 -1.05 29.97
C LEU D 261 28.66 -1.73 29.54
N ASN D 262 29.00 -1.66 28.25
CA ASN D 262 30.16 -2.39 27.74
C ASN D 262 31.46 -1.64 28.00
N ASP D 263 31.58 -0.43 27.44
CA ASP D 263 32.83 0.32 27.49
C ASP D 263 32.77 1.58 28.33
N GLU D 264 31.60 2.23 28.42
CA GLU D 264 31.51 3.48 29.17
C GLU D 264 31.65 3.25 30.67
N TYR D 265 31.03 2.19 31.20
CA TYR D 265 31.13 1.88 32.61
C TYR D 265 32.17 0.81 32.93
N ASN D 266 32.51 -0.04 31.97
CA ASN D 266 33.54 -1.07 32.12
C ASN D 266 33.20 -2.01 33.29
N TYR D 267 32.07 -2.71 33.13
CA TYR D 267 31.62 -3.70 34.10
C TYR D 267 31.27 -4.96 33.33
N PRO D 268 32.24 -5.84 33.08
CA PRO D 268 31.97 -7.01 32.23
C PRO D 268 31.06 -8.05 32.87
N GLN D 269 30.86 -8.00 34.19
CA GLN D 269 30.03 -8.99 34.86
C GLN D 269 28.59 -8.91 34.36
N LEU D 270 27.98 -7.73 34.46
CA LEU D 270 26.59 -7.57 34.02
C LEU D 270 26.45 -7.80 32.53
N THR D 271 27.46 -7.39 31.74
CA THR D 271 27.39 -7.59 30.30
C THR D 271 27.38 -9.08 29.96
N GLU D 272 28.30 -9.85 30.54
CA GLU D 272 28.33 -11.28 30.26
C GLU D 272 27.10 -11.99 30.82
N ASP D 273 26.55 -11.49 31.94
CA ASP D 273 25.32 -12.08 32.47
C ASP D 273 24.16 -11.86 31.51
N ILE D 274 23.98 -10.64 31.02
CA ILE D 274 22.92 -10.37 30.05
C ILE D 274 23.14 -11.18 28.78
N LEU D 275 24.40 -11.30 28.35
CA LEU D 275 24.69 -12.07 27.15
C LEU D 275 24.32 -13.54 27.31
N LYS D 276 24.67 -14.13 28.45
CA LYS D 276 24.37 -15.55 28.65
C LYS D 276 22.88 -15.79 28.83
N GLU D 277 22.18 -14.85 29.50
CA GLU D 277 20.73 -15.02 29.63
C GLU D 277 19.99 -14.75 28.32
N ILE D 278 20.60 -14.00 27.39
CA ILE D 278 19.99 -13.82 26.08
C ILE D 278 20.29 -15.03 25.18
N SER D 279 21.48 -15.61 25.31
CA SER D 279 21.85 -16.74 24.48
C SER D 279 21.30 -18.07 25.00
N THR D 280 20.85 -18.12 26.25
CA THR D 280 20.32 -19.35 26.82
C THR D 280 18.80 -19.43 26.79
N ARG D 281 18.11 -18.32 26.60
CA ARG D 281 16.65 -18.34 26.56
C ARG D 281 16.16 -19.00 25.27
N VAL D 282 15.00 -19.64 25.37
CA VAL D 282 14.41 -20.34 24.23
C VAL D 282 13.69 -19.34 23.34
N PHE D 283 13.83 -19.52 22.02
CA PHE D 283 13.18 -18.68 21.03
C PHE D 283 12.19 -19.49 20.22
N ASN D 284 11.13 -18.81 19.77
CA ASN D 284 10.08 -19.45 18.99
C ASN D 284 9.92 -18.73 17.65
N ALA D 285 9.52 -19.48 16.63
CA ALA D 285 9.32 -18.93 15.30
C ALA D 285 7.92 -18.41 15.07
N LYS D 286 6.97 -18.72 15.96
CA LYS D 286 5.60 -18.26 15.81
C LYS D 286 5.39 -16.82 16.28
N ASP D 287 6.43 -16.18 16.82
CA ASP D 287 6.29 -14.81 17.29
C ASP D 287 6.18 -13.85 16.11
N THR D 288 5.24 -12.91 16.20
CA THR D 288 5.04 -11.91 15.16
C THR D 288 5.83 -10.66 15.50
N THR D 289 6.66 -10.20 14.55
CA THR D 289 7.53 -9.04 14.68
C THR D 289 8.51 -9.16 15.83
N GLY D 290 8.67 -10.36 16.41
CA GLY D 290 9.61 -10.59 17.48
C GLY D 290 10.99 -10.96 17.00
N PRO D 291 11.10 -12.00 16.16
CA PRO D 291 12.41 -12.35 15.60
C PRO D 291 13.05 -11.21 14.82
N LYS D 292 12.26 -10.38 14.13
CA LYS D 292 12.83 -9.24 13.43
C LYS D 292 13.44 -8.24 14.42
N ALA D 293 12.75 -7.98 15.53
CA ALA D 293 13.27 -7.07 16.54
C ALA D 293 14.54 -7.63 17.17
N ILE D 294 14.57 -8.94 17.44
CA ILE D 294 15.76 -9.56 18.02
C ILE D 294 16.91 -9.49 17.02
N SER D 295 16.64 -9.69 15.73
CA SER D 295 17.68 -9.60 14.73
C SER D 295 18.24 -8.20 14.64
N ASN D 296 17.37 -7.19 14.68
CA ASN D 296 17.84 -5.80 14.69
C ASN D 296 18.66 -5.51 15.94
N PHE D 297 18.25 -6.06 17.08
CA PHE D 297 19.00 -5.88 18.32
C PHE D 297 20.42 -6.43 18.20
N LEU D 298 20.54 -7.68 17.73
CA LEU D 298 21.86 -8.26 17.56
C LEU D 298 22.68 -7.52 16.49
N ILE D 299 22.01 -7.03 15.44
CA ILE D 299 22.73 -6.30 14.39
C ILE D 299 23.32 -5.01 14.96
N LYS D 300 22.53 -4.28 15.74
CA LYS D 300 23.05 -3.06 16.37
C LYS D 300 24.14 -3.38 17.38
N LEU D 301 23.99 -4.46 18.15
CA LEU D 301 25.01 -4.85 19.11
C LEU D 301 26.33 -5.16 18.40
N SER D 302 26.26 -5.82 17.25
CA SER D 302 27.48 -6.13 16.51
C SER D 302 28.05 -4.91 15.80
N GLU D 303 27.20 -3.98 15.38
CA GLU D 303 27.68 -2.81 14.66
C GLU D 303 28.33 -1.78 15.59
N LEU D 304 27.81 -1.64 16.82
CA LEU D 304 28.37 -0.65 17.73
C LEU D 304 29.47 -1.22 18.62
N SER D 305 29.35 -2.48 19.05
CA SER D 305 30.37 -3.08 19.91
C SER D 305 30.34 -4.59 19.83
N PRO D 306 31.04 -5.19 18.87
CA PRO D 306 31.06 -6.65 18.74
C PRO D 306 32.15 -7.36 19.53
N GLY D 307 32.84 -6.68 20.45
CA GLY D 307 33.94 -7.30 21.15
C GLY D 307 33.53 -8.14 22.34
N ILE D 308 32.48 -7.73 23.05
CA ILE D 308 32.05 -8.48 24.24
C ILE D 308 31.22 -9.69 23.84
N MET D 309 30.44 -9.59 22.76
CA MET D 309 29.68 -10.74 22.27
C MET D 309 30.57 -11.82 21.67
N LEU D 310 31.89 -11.60 21.62
CA LEU D 310 32.82 -12.59 21.11
C LEU D 310 33.24 -13.59 22.18
N ARG D 311 33.33 -13.16 23.44
CA ARG D 311 33.84 -14.04 24.50
C ARG D 311 32.93 -15.23 24.71
N GLN D 312 31.64 -15.10 24.42
CA GLN D 312 30.68 -16.19 24.59
C GLN D 312 30.28 -16.83 23.26
N MET D 313 31.21 -16.89 22.30
CA MET D 313 30.92 -17.51 21.01
C MET D 313 30.71 -19.02 21.13
N ASN D 314 31.27 -19.65 22.17
CA ASN D 314 31.08 -21.08 22.39
C ASN D 314 29.68 -21.40 22.92
N LEU D 315 28.90 -20.40 23.32
CA LEU D 315 27.54 -20.60 23.81
C LEU D 315 26.49 -20.26 22.76
N VAL D 316 26.81 -19.38 21.81
CA VAL D 316 25.86 -18.98 20.76
C VAL D 316 25.69 -20.05 19.70
N ILE D 317 26.37 -21.19 19.83
CA ILE D 317 26.25 -22.26 18.84
C ILE D 317 24.81 -22.73 18.70
N THR D 318 24.03 -22.67 19.79
CA THR D 318 22.62 -23.04 19.70
C THR D 318 21.84 -22.05 18.85
N LEU D 319 22.20 -20.77 18.90
CA LEU D 319 21.55 -19.75 18.08
C LEU D 319 22.02 -19.77 16.64
N LEU D 320 23.11 -20.47 16.33
CA LEU D 320 23.61 -20.53 14.96
C LEU D 320 22.85 -21.52 14.10
N ASN D 321 22.02 -22.36 14.70
CA ASN D 321 21.24 -23.36 13.99
C ASN D 321 19.74 -23.03 14.01
N ASN D 322 19.42 -21.75 13.90
CA ASN D 322 18.02 -21.33 13.91
C ASN D 322 17.35 -21.68 12.59
N SER D 323 16.04 -21.95 12.66
CA SER D 323 15.29 -22.33 11.47
C SER D 323 14.83 -21.11 10.67
N SER D 324 14.61 -19.98 11.34
CA SER D 324 14.17 -18.78 10.65
C SER D 324 15.34 -18.12 9.93
N ILE D 325 15.01 -17.10 9.13
CA ILE D 325 16.03 -16.43 8.32
C ILE D 325 16.52 -15.14 8.96
N THR D 326 15.68 -14.48 9.76
CA THR D 326 16.07 -13.20 10.35
C THR D 326 17.23 -13.39 11.33
N LEU D 327 17.12 -14.38 12.22
CA LEU D 327 18.21 -14.64 13.17
C LEU D 327 19.47 -15.12 12.45
N ARG D 328 19.32 -15.85 11.35
CA ARG D 328 20.49 -16.29 10.60
C ARG D 328 21.21 -15.09 9.98
N CYS D 329 20.46 -14.19 9.35
CA CYS D 329 21.07 -12.97 8.81
C CYS D 329 21.72 -12.15 9.92
N SER D 330 21.06 -12.05 11.06
CA SER D 330 21.62 -11.29 12.17
C SER D 330 22.92 -11.90 12.67
N VAL D 331 22.98 -13.22 12.77
CA VAL D 331 24.19 -13.84 13.32
C VAL D 331 25.33 -13.83 12.29
N VAL D 332 25.02 -13.91 11.00
CA VAL D 332 26.09 -13.81 10.01
C VAL D 332 26.64 -12.38 9.96
N GLU D 333 25.76 -11.37 10.06
CA GLU D 333 26.25 -10.00 10.18
C GLU D 333 27.03 -9.80 11.46
N ALA D 334 26.63 -10.48 12.54
CA ALA D 334 27.34 -10.36 13.81
C ALA D 334 28.75 -10.90 13.71
N CYS D 335 28.91 -12.11 13.16
CA CYS D 335 30.25 -12.66 13.03
C CYS D 335 31.08 -11.89 12.01
N GLY D 336 30.43 -11.31 10.99
CA GLY D 336 31.17 -10.44 10.08
C GLY D 336 31.73 -9.22 10.77
N ASN D 337 30.90 -8.52 11.54
CA ASN D 337 31.39 -7.38 12.31
C ASN D 337 32.44 -7.81 13.33
N ILE D 338 32.30 -9.02 13.89
CA ILE D 338 33.27 -9.50 14.88
C ILE D 338 34.63 -9.71 14.23
N VAL D 339 34.66 -10.39 13.08
CA VAL D 339 35.95 -10.62 12.42
C VAL D 339 36.51 -9.31 11.87
N ALA D 340 35.65 -8.36 11.50
CA ALA D 340 36.14 -7.05 11.09
C ALA D 340 36.86 -6.35 12.24
N GLU D 341 36.22 -6.32 13.41
CA GLU D 341 36.84 -5.71 14.58
C GLU D 341 38.11 -6.46 15.00
N LEU D 342 38.12 -7.78 14.82
CA LEU D 342 39.29 -8.56 15.19
C LEU D 342 40.46 -8.34 14.24
N ALA D 343 40.19 -8.11 12.96
CA ALA D 343 41.25 -7.82 12.01
C ALA D 343 41.65 -6.35 12.03
N GLN D 344 40.83 -5.48 12.61
CA GLN D 344 41.15 -4.07 12.69
C GLN D 344 41.93 -3.69 13.94
N ASP D 345 41.72 -4.43 15.02
CA ASP D 345 42.51 -4.20 16.25
C ASP D 345 43.24 -5.52 16.45
N PRO D 346 44.22 -5.85 15.58
CA PRO D 346 44.57 -7.26 15.31
C PRO D 346 44.63 -7.91 16.69
N GLN D 347 45.26 -7.23 17.66
CA GLN D 347 45.39 -7.73 19.03
C GLN D 347 45.94 -9.16 19.05
N THR D 348 46.01 -9.80 17.88
CA THR D 348 46.69 -11.08 17.69
C THR D 348 46.35 -12.10 18.79
N MET D 349 45.08 -12.49 18.84
CA MET D 349 44.62 -13.50 19.77
C MET D 349 44.49 -14.85 19.07
N GLU D 350 44.94 -15.91 19.75
CA GLU D 350 44.88 -17.25 19.18
C GLU D 350 43.48 -17.85 19.33
N HIS D 351 42.84 -17.65 20.48
CA HIS D 351 41.48 -18.14 20.67
C HIS D 351 40.51 -17.41 19.75
N TYR D 352 40.69 -16.09 19.60
CA TYR D 352 39.86 -15.35 18.66
C TYR D 352 40.14 -15.77 17.22
N LYS D 353 41.38 -16.16 16.92
CA LYS D 353 41.68 -16.67 15.59
C LYS D 353 40.98 -18.00 15.33
N GLN D 354 40.96 -18.89 16.33
CA GLN D 354 40.24 -20.14 16.19
C GLN D 354 38.74 -19.89 16.03
N GLN D 355 38.21 -18.90 16.76
CA GLN D 355 36.81 -18.54 16.60
C GLN D 355 36.53 -18.01 15.20
N ILE D 356 37.44 -17.18 14.67
CA ILE D 356 37.31 -16.70 13.30
C ILE D 356 37.29 -17.87 12.33
N ALA D 357 38.18 -18.84 12.53
CA ALA D 357 38.25 -19.98 11.64
C ALA D 357 36.96 -20.81 11.68
N VAL D 358 36.45 -21.09 12.87
CA VAL D 358 35.27 -21.93 12.97
C VAL D 358 34.04 -21.20 12.44
N LEU D 359 33.94 -19.89 12.67
CA LEU D 359 32.80 -19.15 12.13
C LEU D 359 32.91 -19.02 10.61
N ILE D 360 34.12 -18.93 10.07
CA ILE D 360 34.28 -18.94 8.62
C ILE D 360 33.84 -20.29 8.05
N GLU D 361 34.15 -21.38 8.75
CA GLU D 361 33.64 -22.69 8.34
C GLU D 361 32.12 -22.72 8.37
N LEU D 362 31.51 -22.12 9.40
CA LEU D 362 30.05 -22.06 9.45
C LEU D 362 29.48 -21.26 8.30
N LEU D 363 30.14 -20.15 7.93
CA LEU D 363 29.67 -19.36 6.78
C LEU D 363 29.81 -20.15 5.48
N GLU D 364 30.91 -20.90 5.34
CA GLU D 364 31.07 -21.73 4.14
C GLU D 364 30.00 -22.82 4.08
N GLU D 365 29.60 -23.35 5.24
CA GLU D 365 28.55 -24.35 5.26
C GLU D 365 27.18 -23.74 4.98
N ARG D 366 26.98 -22.49 5.40
CA ARG D 366 25.69 -21.82 5.20
C ARG D 366 25.57 -21.15 3.84
N PHE D 367 26.67 -21.02 3.09
CA PHE D 367 26.62 -20.40 1.77
C PHE D 367 25.66 -21.12 0.83
N GLN D 368 25.32 -22.38 1.10
CA GLN D 368 24.40 -23.15 0.27
C GLN D 368 23.05 -23.34 0.96
N ASP D 369 22.59 -22.32 1.69
CA ASP D 369 21.31 -22.38 2.35
C ASP D 369 20.17 -22.22 1.34
N SER D 370 19.01 -22.72 1.72
CA SER D 370 17.82 -22.68 0.86
C SER D 370 17.00 -21.42 1.07
N ASN D 371 17.65 -20.26 0.96
CA ASN D 371 16.98 -18.98 1.11
C ASN D 371 17.83 -17.86 0.51
N PRO D 372 17.22 -16.96 -0.27
CA PRO D 372 18.02 -15.90 -0.90
C PRO D 372 18.45 -14.80 0.07
N TYR D 373 17.63 -14.52 1.10
CA TYR D 373 17.96 -13.43 2.02
C TYR D 373 19.21 -13.74 2.81
N VAL D 374 19.31 -14.94 3.37
CA VAL D 374 20.48 -15.31 4.15
C VAL D 374 21.72 -15.39 3.26
N ARG D 375 21.54 -15.85 2.01
CA ARG D 375 22.66 -15.90 1.08
C ARG D 375 23.18 -14.50 0.77
N THR D 376 22.27 -13.56 0.51
CA THR D 376 22.68 -12.19 0.21
C THR D 376 23.31 -11.53 1.44
N LYS D 377 22.81 -11.83 2.64
CA LYS D 377 23.40 -11.25 3.85
C LYS D 377 24.80 -11.81 4.10
N ALA D 378 24.99 -13.11 3.88
CA ALA D 378 26.33 -13.68 4.00
C ALA D 378 27.26 -13.13 2.93
N ILE D 379 26.74 -12.86 1.73
CA ILE D 379 27.54 -12.26 0.67
C ILE D 379 27.97 -10.86 1.08
N GLN D 380 27.05 -10.07 1.62
CA GLN D 380 27.39 -8.73 2.10
C GLN D 380 28.43 -8.79 3.21
N GLY D 381 28.28 -9.74 4.13
CA GLY D 381 29.25 -9.86 5.21
C GLY D 381 30.65 -10.23 4.71
N CYS D 382 30.73 -11.23 3.83
CA CYS D 382 32.03 -11.62 3.32
C CYS D 382 32.64 -10.54 2.44
N SER D 383 31.81 -9.74 1.75
CA SER D 383 32.35 -8.65 0.96
C SER D 383 32.86 -7.51 1.85
N LYS D 384 32.21 -7.29 2.99
CA LYS D 384 32.66 -6.26 3.91
C LYS D 384 33.84 -6.71 4.77
N ILE D 385 34.09 -8.02 4.86
CA ILE D 385 35.21 -8.52 5.65
C ILE D 385 36.36 -9.05 4.79
N CYS D 386 36.22 -9.04 3.46
CA CYS D 386 37.34 -9.49 2.63
C CYS D 386 38.35 -8.38 2.36
N ASP D 387 37.93 -7.11 2.48
CA ASP D 387 38.80 -5.97 2.21
C ASP D 387 39.53 -5.48 3.46
N LEU D 388 39.76 -6.35 4.43
CA LEU D 388 40.44 -5.97 5.66
C LEU D 388 41.95 -6.01 5.44
N SER D 389 42.71 -5.84 6.51
CA SER D 389 44.18 -5.83 6.44
C SER D 389 44.69 -7.18 6.93
N SER D 390 44.75 -8.15 6.00
CA SER D 390 45.23 -9.49 6.31
C SER D 390 45.58 -10.18 5.00
N LYS D 391 46.20 -11.36 5.12
CA LYS D 391 46.56 -12.15 3.95
C LYS D 391 45.46 -13.15 3.59
N PHE D 392 45.16 -14.06 4.51
CA PHE D 392 44.11 -15.06 4.35
C PHE D 392 44.25 -15.81 3.02
N ASN D 393 45.38 -16.51 2.88
CA ASN D 393 45.65 -17.25 1.66
C ASN D 393 44.61 -18.34 1.42
N LYS D 394 44.52 -19.31 2.34
CA LYS D 394 43.57 -20.39 2.17
C LYS D 394 42.13 -19.90 2.27
N SER D 395 41.88 -18.88 3.08
CA SER D 395 40.52 -18.33 3.20
C SER D 395 40.04 -17.75 1.87
N LYS D 396 40.84 -16.86 1.27
CA LYS D 396 40.47 -16.31 -0.02
C LYS D 396 40.46 -17.37 -1.11
N ALA D 397 41.35 -18.36 -1.02
CA ALA D 397 41.36 -19.44 -2.01
C ALA D 397 40.05 -20.21 -1.99
N LYS D 398 39.60 -20.64 -0.80
CA LYS D 398 38.34 -21.38 -0.72
C LYS D 398 37.15 -20.48 -1.04
N PHE D 399 37.22 -19.20 -0.68
CA PHE D 399 36.17 -18.26 -1.04
C PHE D 399 36.00 -18.19 -2.56
N THR D 400 37.12 -18.05 -3.28
CA THR D 400 37.06 -17.97 -4.74
C THR D 400 36.59 -19.29 -5.34
N SER D 401 37.09 -20.41 -4.82
CA SER D 401 36.73 -21.70 -5.40
C SER D 401 35.28 -22.06 -5.14
N LEU D 402 34.68 -21.52 -4.07
CA LEU D 402 33.27 -21.77 -3.81
C LEU D 402 32.36 -20.71 -4.42
N ALA D 403 32.88 -19.53 -4.75
CA ALA D 403 32.07 -18.54 -5.44
C ALA D 403 32.10 -18.74 -6.96
N VAL D 404 33.14 -19.38 -7.48
CA VAL D 404 33.21 -19.65 -8.91
C VAL D 404 32.23 -20.74 -9.33
N ARG D 405 31.79 -21.58 -8.39
CA ARG D 405 30.86 -22.65 -8.70
C ARG D 405 29.41 -22.32 -8.35
N SER D 406 29.18 -21.30 -7.52
CA SER D 406 27.85 -20.94 -7.09
C SER D 406 27.30 -19.69 -7.78
N LEU D 407 27.98 -19.22 -8.83
CA LEU D 407 27.49 -18.04 -9.54
C LEU D 407 26.31 -18.37 -10.44
N GLN D 408 26.21 -19.61 -10.91
CA GLN D 408 25.11 -20.03 -11.77
C GLN D 408 23.93 -20.46 -10.91
N ASP D 409 23.30 -19.46 -10.30
CA ASP D 409 22.15 -19.66 -9.42
C ASP D 409 20.87 -19.57 -10.23
N ARG D 410 19.73 -19.53 -9.54
CA ARG D 410 18.42 -19.43 -10.19
C ARG D 410 17.65 -18.16 -9.84
N SER D 411 18.04 -17.45 -8.79
CA SER D 411 17.36 -16.23 -8.38
C SER D 411 17.98 -15.03 -9.10
N SER D 412 17.56 -13.83 -8.72
CA SER D 412 18.00 -12.60 -9.36
C SER D 412 18.99 -11.81 -8.52
N LEU D 413 18.64 -11.50 -7.27
CA LEU D 413 19.52 -10.67 -6.44
C LEU D 413 20.75 -11.43 -5.99
N VAL D 414 20.64 -12.75 -5.80
CA VAL D 414 21.81 -13.53 -5.43
C VAL D 414 22.83 -13.55 -6.56
N ARG D 415 22.36 -13.57 -7.81
CA ARG D 415 23.27 -13.56 -8.95
C ARG D 415 24.06 -12.25 -9.01
N ARG D 416 23.37 -11.11 -8.89
CA ARG D 416 24.06 -9.83 -8.94
C ARG D 416 24.97 -9.65 -7.72
N ASN D 417 24.57 -10.18 -6.56
CA ASN D 417 25.45 -10.14 -5.40
C ASN D 417 26.71 -10.98 -5.63
N SER D 418 26.58 -12.11 -6.31
CA SER D 418 27.75 -12.93 -6.62
C SER D 418 28.66 -12.23 -7.61
N VAL D 419 28.09 -11.57 -8.62
CA VAL D 419 28.92 -10.80 -9.56
C VAL D 419 29.64 -9.67 -8.84
N LYS D 420 28.95 -9.00 -7.90
CA LYS D 420 29.60 -7.98 -7.10
C LYS D 420 30.73 -8.56 -6.27
N LEU D 421 30.54 -9.76 -5.73
CA LEU D 421 31.60 -10.45 -4.99
C LEU D 421 32.81 -10.69 -5.88
N LEU D 422 32.58 -11.21 -7.09
CA LEU D 422 33.69 -11.46 -8.00
C LEU D 422 34.42 -10.17 -8.35
N SER D 423 33.67 -9.09 -8.62
CA SER D 423 34.31 -7.83 -8.95
C SER D 423 35.12 -7.29 -7.77
N LYS D 424 34.59 -7.44 -6.54
CA LYS D 424 35.29 -6.92 -5.38
C LYS D 424 36.55 -7.73 -5.08
N LEU D 425 36.50 -9.04 -5.27
CA LEU D 425 37.71 -9.84 -5.06
C LEU D 425 38.69 -9.68 -6.21
N LEU D 426 38.23 -9.23 -7.38
CA LEU D 426 39.13 -9.00 -8.50
C LEU D 426 39.85 -7.66 -8.39
N LEU D 427 39.15 -6.62 -7.93
CA LEU D 427 39.77 -5.31 -7.83
C LEU D 427 40.83 -5.25 -6.73
N LYS D 428 40.77 -6.16 -5.76
CA LYS D 428 41.72 -6.21 -4.66
C LYS D 428 42.33 -7.59 -4.54
N HIS D 429 42.76 -8.14 -5.67
CA HIS D 429 43.38 -9.46 -5.67
C HIS D 429 44.75 -9.40 -5.02
N PRO D 430 45.10 -10.38 -4.17
CA PRO D 430 46.42 -10.35 -3.52
C PRO D 430 47.59 -10.62 -4.46
N PHE D 431 47.33 -10.95 -5.73
CA PHE D 431 48.38 -11.25 -6.69
C PHE D 431 48.98 -9.96 -7.26
N LYS D 432 49.62 -9.19 -6.37
CA LYS D 432 50.26 -7.93 -6.74
C LYS D 432 51.72 -7.87 -6.31
N ALA D 433 52.33 -9.03 -6.04
CA ALA D 433 53.73 -9.04 -5.60
C ALA D 433 54.66 -8.72 -6.76
N ILE D 434 54.60 -9.51 -7.83
CA ILE D 434 55.44 -9.33 -9.01
C ILE D 434 54.55 -8.91 -10.17
N HIS D 435 54.94 -7.83 -10.85
CA HIS D 435 54.23 -7.26 -12.00
C HIS D 435 52.72 -7.20 -11.73
N GLY D 436 52.36 -6.40 -10.74
CA GLY D 436 50.97 -6.24 -10.35
C GLY D 436 50.13 -5.66 -11.48
N SER D 437 48.81 -5.76 -11.29
CA SER D 437 47.82 -5.33 -12.27
C SER D 437 48.01 -6.04 -13.61
N GLN D 438 48.51 -7.27 -13.58
CA GLN D 438 48.75 -8.06 -14.77
C GLN D 438 48.37 -9.50 -14.48
N LEU D 439 47.43 -10.04 -15.26
CA LEU D 439 46.94 -11.40 -15.08
C LEU D 439 47.07 -12.19 -16.37
N ARG D 440 48.22 -12.08 -17.02
CA ARG D 440 48.47 -12.81 -18.26
C ARG D 440 48.67 -14.28 -17.95
N LEU D 441 47.84 -15.14 -18.55
CA LEU D 441 47.96 -16.57 -18.31
C LEU D 441 49.27 -17.11 -18.87
N SER D 442 49.73 -16.58 -20.00
CA SER D 442 50.99 -17.05 -20.58
C SER D 442 52.18 -16.72 -19.69
N GLU D 443 52.16 -15.55 -19.04
CA GLU D 443 53.27 -15.17 -18.17
C GLU D 443 53.37 -16.11 -16.97
N TRP D 444 52.24 -16.35 -16.29
CA TRP D 444 52.24 -17.29 -15.18
C TRP D 444 52.59 -18.70 -15.62
N GLU D 445 52.13 -19.12 -16.80
CA GLU D 445 52.45 -20.46 -17.30
C GLU D 445 53.93 -20.61 -17.56
N GLU D 446 54.56 -19.63 -18.22
CA GLU D 446 55.98 -19.73 -18.49
C GLU D 446 56.80 -19.60 -17.21
N TYR D 447 56.33 -18.82 -16.24
CA TYR D 447 57.02 -18.74 -14.95
C TYR D 447 56.96 -20.08 -14.22
N LEU D 448 55.79 -20.72 -14.22
CA LEU D 448 55.68 -22.03 -13.58
C LEU D 448 56.54 -23.07 -14.30
N LYS D 449 56.59 -23.01 -15.63
CA LYS D 449 57.43 -23.92 -16.38
C LYS D 449 58.90 -23.72 -16.05
N GLY D 450 59.35 -22.46 -15.99
CA GLY D 450 60.73 -22.19 -15.61
C GLY D 450 61.06 -22.66 -14.21
N SER D 451 60.14 -22.45 -13.26
CA SER D 451 60.38 -22.89 -11.90
C SER D 451 60.46 -24.40 -11.80
N GLU D 452 59.53 -25.11 -12.46
CA GLU D 452 59.56 -26.57 -12.40
C GLU D 452 60.72 -27.16 -13.19
N SER D 453 61.26 -26.41 -14.17
CA SER D 453 62.45 -26.89 -14.87
C SER D 453 63.72 -26.64 -14.05
N GLN D 454 63.75 -25.54 -13.29
CA GLN D 454 64.92 -25.26 -12.45
C GLN D 454 64.91 -26.12 -11.18
N LEU D 455 63.73 -26.58 -10.74
CA LEU D 455 63.66 -27.41 -9.55
C LEU D 455 64.34 -28.75 -9.77
N ASN D 456 64.00 -29.43 -10.87
CA ASN D 456 64.58 -30.74 -11.16
C ASN D 456 65.98 -30.65 -11.73
N SER D 457 66.43 -29.46 -12.12
CA SER D 457 67.77 -29.29 -12.68
C SER D 457 68.63 -28.40 -11.80
N THR D 517 69.47 -23.57 3.28
CA THR D 517 68.31 -24.10 2.58
C THR D 517 67.29 -23.00 2.30
N SER D 518 67.72 -21.74 2.45
CA SER D 518 66.81 -20.61 2.22
C SER D 518 66.39 -20.54 0.76
N VAL D 519 67.29 -20.89 -0.17
CA VAL D 519 66.94 -20.87 -1.58
C VAL D 519 65.87 -21.91 -1.89
N LEU D 520 65.91 -23.06 -1.20
CA LEU D 520 64.87 -24.07 -1.40
C LEU D 520 63.52 -23.56 -0.93
N MET D 521 63.48 -22.92 0.25
CA MET D 521 62.23 -22.35 0.74
C MET D 521 61.71 -21.27 -0.21
N LYS D 522 62.61 -20.42 -0.72
CA LYS D 522 62.15 -19.35 -1.60
C LYS D 522 61.64 -19.89 -2.92
N LEU D 523 62.28 -20.91 -3.47
CA LEU D 523 61.80 -21.48 -4.73
C LEU D 523 60.49 -22.22 -4.53
N LYS D 524 60.32 -22.90 -3.39
CA LYS D 524 59.08 -23.62 -3.15
C LYS D 524 57.93 -22.65 -2.90
N LEU D 525 58.20 -21.53 -2.23
CA LEU D 525 57.12 -20.54 -2.03
C LEU D 525 56.78 -19.85 -3.35
N MET D 526 57.78 -19.60 -4.20
CA MET D 526 57.49 -19.07 -5.53
C MET D 526 56.67 -20.06 -6.34
N ILE D 527 56.95 -21.35 -6.21
CA ILE D 527 56.21 -22.37 -6.94
C ILE D 527 54.76 -22.43 -6.48
N VAL D 528 54.55 -22.41 -5.15
CA VAL D 528 53.18 -22.47 -4.66
C VAL D 528 52.43 -21.17 -4.98
N TYR D 529 53.14 -20.05 -5.03
CA TYR D 529 52.50 -18.80 -5.42
C TYR D 529 52.09 -18.83 -6.88
N TYR D 530 52.95 -19.37 -7.76
CA TYR D 530 52.57 -19.53 -9.16
C TYR D 530 51.41 -20.50 -9.32
N LYS D 531 51.36 -21.55 -8.49
CA LYS D 531 50.23 -22.47 -8.54
C LYS D 531 48.93 -21.78 -8.13
N ASP D 532 48.98 -20.99 -7.06
CA ASP D 532 47.80 -20.22 -6.66
C ASP D 532 47.38 -19.25 -7.75
N ALA D 533 48.37 -18.60 -8.40
CA ALA D 533 48.06 -17.65 -9.46
C ALA D 533 47.40 -18.33 -10.65
N ILE D 534 47.91 -19.49 -11.07
CA ILE D 534 47.33 -20.17 -12.22
C ILE D 534 45.96 -20.75 -11.87
N SER D 535 45.76 -21.18 -10.62
CA SER D 535 44.42 -21.61 -10.21
C SER D 535 43.45 -20.45 -10.22
N PHE D 536 43.87 -19.27 -9.75
CA PHE D 536 43.00 -18.10 -9.78
C PHE D 536 42.69 -17.68 -11.21
N ILE D 537 43.67 -17.80 -12.11
CA ILE D 537 43.44 -17.38 -13.49
C ILE D 537 42.51 -18.36 -14.21
N LYS D 538 42.64 -19.65 -13.92
CA LYS D 538 41.70 -20.60 -14.50
C LYS D 538 40.30 -20.44 -13.91
N GLU D 539 40.22 -20.06 -12.62
CA GLU D 539 38.93 -19.82 -12.01
C GLU D 539 38.24 -18.60 -12.63
N ILE D 540 38.97 -17.50 -12.82
CA ILE D 540 38.36 -16.32 -13.40
C ILE D 540 38.00 -16.58 -14.87
N HIS D 541 38.83 -17.36 -15.58
CA HIS D 541 38.49 -17.71 -16.96
C HIS D 541 37.21 -18.52 -17.03
N LYS D 542 37.09 -19.56 -16.20
CA LYS D 542 35.88 -20.38 -16.24
C LYS D 542 34.66 -19.61 -15.76
N SER D 543 34.82 -18.69 -14.81
CA SER D 543 33.67 -17.89 -14.37
C SER D 543 33.22 -16.93 -15.46
N ILE D 544 34.18 -16.34 -16.19
CA ILE D 544 33.83 -15.52 -17.33
C ILE D 544 33.10 -16.35 -18.38
N GLU D 545 33.56 -17.59 -18.60
CA GLU D 545 32.88 -18.46 -19.56
C GLU D 545 31.44 -18.73 -19.13
N LEU D 546 31.23 -19.09 -17.86
CA LEU D 546 29.88 -19.37 -17.38
C LEU D 546 28.99 -18.14 -17.47
N ILE D 547 29.49 -16.98 -17.05
CA ILE D 547 28.65 -15.79 -17.08
C ILE D 547 28.34 -15.39 -18.52
N SER D 548 29.26 -15.63 -19.46
CA SER D 548 29.01 -15.27 -20.84
C SER D 548 28.01 -16.22 -21.49
N ASN D 549 28.05 -17.50 -21.12
CA ASN D 549 27.10 -18.44 -21.70
C ASN D 549 25.75 -18.44 -20.98
N LEU D 550 25.66 -17.86 -19.78
CA LEU D 550 24.36 -17.75 -19.11
C LEU D 550 23.68 -16.41 -19.33
N LEU D 551 24.44 -15.33 -19.53
CA LEU D 551 23.82 -14.03 -19.76
C LEU D 551 23.12 -13.97 -21.12
N PHE D 552 23.56 -14.79 -22.07
CA PHE D 552 22.94 -14.84 -23.39
C PHE D 552 21.92 -15.97 -23.46
N ASN D 555 16.07 -10.06 -16.51
CA ASN D 555 16.26 -8.95 -15.57
C ASN D 555 17.32 -7.99 -16.09
N ARG D 556 16.93 -6.72 -16.26
CA ARG D 556 17.86 -5.71 -16.75
C ARG D 556 18.83 -5.23 -15.68
N ASN D 557 18.47 -5.38 -14.41
CA ASN D 557 19.37 -4.96 -13.33
C ASN D 557 20.67 -5.76 -13.36
N GLU D 558 20.56 -7.08 -13.51
CA GLU D 558 21.76 -7.91 -13.62
C GLU D 558 22.58 -7.56 -14.84
N VAL D 559 21.93 -7.12 -15.92
CA VAL D 559 22.66 -6.75 -17.13
C VAL D 559 23.41 -5.44 -16.92
N LEU D 560 22.79 -4.47 -16.25
CA LEU D 560 23.44 -3.18 -16.05
C LEU D 560 24.46 -3.19 -14.93
N GLU D 561 24.36 -4.12 -13.97
CA GLU D 561 25.30 -4.13 -12.85
C GLU D 561 26.52 -5.00 -13.10
N SER D 562 26.38 -6.06 -13.89
CA SER D 562 27.46 -7.02 -14.07
C SER D 562 28.51 -6.57 -15.09
N MET D 563 28.30 -5.43 -15.75
CA MET D 563 29.24 -5.00 -16.79
C MET D 563 30.60 -4.65 -16.19
N ASP D 564 30.61 -3.95 -15.05
CA ASP D 564 31.87 -3.50 -14.46
C ASP D 564 32.80 -4.65 -14.13
N PHE D 565 32.24 -5.80 -13.71
CA PHE D 565 33.08 -6.94 -13.32
C PHE D 565 33.94 -7.41 -14.48
N LEU D 566 33.30 -7.82 -15.59
CA LEU D 566 34.08 -8.33 -16.71
C LEU D 566 34.80 -7.21 -17.47
N VAL D 567 34.35 -5.96 -17.36
CA VAL D 567 35.12 -4.86 -17.91
C VAL D 567 36.45 -4.73 -17.20
N LEU D 568 36.43 -4.78 -15.86
CA LEU D 568 37.67 -4.76 -15.09
C LEU D 568 38.51 -6.01 -15.36
N ALA D 569 37.84 -7.15 -15.56
CA ALA D 569 38.57 -8.37 -15.88
C ALA D 569 39.32 -8.24 -17.20
N ASP D 570 38.67 -7.66 -18.22
CA ASP D 570 39.32 -7.44 -19.51
C ASP D 570 40.34 -6.31 -19.45
N ALA D 571 40.22 -5.40 -18.47
CA ALA D 571 41.22 -4.36 -18.31
C ALA D 571 42.60 -4.95 -18.03
N PHE D 572 42.65 -6.06 -17.30
CA PHE D 572 43.89 -6.79 -17.09
C PHE D 572 44.14 -7.69 -18.29
N ASP D 573 45.37 -7.66 -18.81
CA ASP D 573 45.70 -8.44 -19.99
C ASP D 573 45.58 -9.93 -19.71
N ILE D 574 44.70 -10.61 -20.46
CA ILE D 574 44.45 -12.03 -20.29
C ILE D 574 44.31 -12.65 -21.69
N GLU D 575 44.46 -13.98 -21.73
CA GLU D 575 44.37 -14.69 -23.01
C GLU D 575 42.97 -14.65 -23.61
N LEU D 576 41.95 -14.33 -22.81
CA LEU D 576 40.57 -14.25 -23.29
C LEU D 576 40.16 -12.80 -23.59
N SER D 577 41.10 -11.99 -24.07
CA SER D 577 40.80 -10.59 -24.34
C SER D 577 39.92 -10.46 -25.59
N GLU D 578 40.40 -10.96 -26.72
CA GLU D 578 39.63 -10.85 -27.96
C GLU D 578 38.37 -11.72 -27.91
N PHE D 579 38.47 -12.92 -27.36
CA PHE D 579 37.28 -13.76 -27.21
C PHE D 579 36.29 -13.16 -26.24
N GLY D 580 36.79 -12.57 -25.14
CA GLY D 580 35.90 -11.91 -24.21
C GLY D 580 35.19 -10.72 -24.83
N ILE D 581 35.91 -9.93 -25.64
CA ILE D 581 35.29 -8.81 -26.32
C ILE D 581 34.25 -9.29 -27.33
N LYS D 582 34.56 -10.36 -28.05
CA LYS D 582 33.59 -10.92 -28.99
C LYS D 582 32.33 -11.37 -28.28
N LYS D 583 32.49 -12.05 -27.13
CA LYS D 583 31.32 -12.49 -26.38
C LYS D 583 30.53 -11.31 -25.82
N MET D 584 31.22 -10.28 -25.35
CA MET D 584 30.54 -9.08 -24.86
C MET D 584 29.71 -8.44 -25.97
N LEU D 585 30.29 -8.31 -27.16
CA LEU D 585 29.56 -7.71 -28.27
C LEU D 585 28.39 -8.59 -28.70
N HIS D 586 28.58 -9.90 -28.75
CA HIS D 586 27.48 -10.79 -29.09
C HIS D 586 26.38 -10.77 -28.03
N LEU D 587 26.72 -10.43 -26.79
CA LEU D 587 25.74 -10.39 -25.71
C LEU D 587 24.97 -9.07 -25.65
N VAL D 588 25.64 -7.94 -25.88
CA VAL D 588 24.99 -6.64 -25.69
C VAL D 588 23.83 -6.39 -26.65
N TRP D 589 23.72 -7.18 -27.72
CA TRP D 589 22.58 -7.03 -28.63
C TRP D 589 21.71 -8.30 -28.61
N ILE D 600 20.33 1.45 -19.41
CA ILE D 600 20.73 0.21 -20.07
C ILE D 600 21.72 0.51 -21.19
N SER D 601 21.26 1.25 -22.20
CA SER D 601 22.15 1.59 -23.31
C SER D 601 23.19 2.62 -22.90
N VAL D 602 22.82 3.53 -21.99
CA VAL D 602 23.76 4.56 -21.56
C VAL D 602 24.96 3.93 -20.86
N HIS D 603 24.72 2.90 -20.05
CA HIS D 603 25.81 2.24 -19.34
C HIS D 603 26.78 1.57 -20.30
N LEU D 604 26.24 0.85 -21.30
CA LEU D 604 27.11 0.16 -22.24
C LEU D 604 27.88 1.14 -23.10
N ILE D 605 27.23 2.23 -23.55
CA ILE D 605 27.96 3.19 -24.37
C ILE D 605 29.01 3.93 -23.54
N GLU D 606 28.75 4.18 -22.25
CA GLU D 606 29.75 4.90 -21.46
C GLU D 606 30.93 4.00 -21.13
N CYS D 607 30.70 2.72 -20.84
CA CYS D 607 31.83 1.84 -20.59
C CYS D 607 32.60 1.56 -21.88
N TYR D 608 31.92 1.59 -23.03
CA TYR D 608 32.64 1.46 -24.30
C TYR D 608 33.48 2.70 -24.59
N LYS D 609 32.96 3.88 -24.28
CA LYS D 609 33.77 5.09 -24.42
C LYS D 609 34.95 5.08 -23.47
N GLN D 610 34.78 4.52 -22.27
CA GLN D 610 35.87 4.49 -21.30
C GLN D 610 36.93 3.45 -21.68
N LEU D 611 36.51 2.31 -22.24
CA LEU D 611 37.42 1.23 -22.56
C LEU D 611 37.92 1.27 -23.99
N PHE D 612 37.00 1.27 -24.96
CA PHE D 612 37.42 1.23 -26.36
C PHE D 612 38.05 2.55 -26.80
N LEU D 613 37.53 3.68 -26.30
CA LEU D 613 38.03 5.00 -26.66
C LEU D 613 38.94 5.57 -25.58
N THR D 614 39.73 4.72 -24.93
CA THR D 614 40.63 5.19 -23.88
C THR D 614 41.75 6.02 -24.48
N ALA D 615 42.34 6.88 -23.66
CA ALA D 615 43.41 7.77 -24.10
C ALA D 615 44.44 7.95 -22.99
N PRO D 616 45.59 7.30 -23.08
CA PRO D 616 46.62 7.49 -22.05
C PRO D 616 47.25 8.87 -22.14
N ASP D 617 47.56 9.44 -20.97
CA ASP D 617 48.14 10.77 -20.92
C ASP D 617 49.63 10.78 -21.26
N SER D 618 50.28 9.62 -21.27
CA SER D 618 51.70 9.59 -21.60
C SER D 618 51.95 9.81 -23.08
N CYS D 619 51.07 9.28 -23.93
CA CYS D 619 51.22 9.43 -25.36
C CYS D 619 50.64 10.77 -25.83
N ASN D 620 50.97 11.13 -27.07
CA ASN D 620 50.51 12.38 -27.66
C ASN D 620 49.20 12.14 -28.40
N MET D 621 48.75 13.14 -29.17
CA MET D 621 47.50 13.01 -29.91
C MET D 621 47.63 12.03 -31.07
N GLN D 622 48.74 12.10 -31.81
CA GLN D 622 48.93 11.19 -32.93
C GLN D 622 49.09 9.75 -32.46
N GLU D 623 49.83 9.54 -31.37
CA GLU D 623 49.98 8.20 -30.83
C GLU D 623 48.65 7.65 -30.32
N LYS D 624 47.83 8.51 -29.68
CA LYS D 624 46.52 8.07 -29.23
C LYS D 624 45.62 7.71 -30.41
N ALA D 625 45.67 8.51 -31.48
CA ALA D 625 44.87 8.20 -32.66
C ALA D 625 45.31 6.88 -33.29
N ALA D 626 46.63 6.65 -33.37
CA ALA D 626 47.14 5.40 -33.92
C ALA D 626 46.73 4.21 -33.05
N HIS D 627 46.76 4.38 -31.73
CA HIS D 627 46.35 3.30 -30.83
C HIS D 627 44.87 2.99 -31.00
N ILE D 628 44.03 4.02 -31.09
CA ILE D 628 42.60 3.81 -31.29
C ILE D 628 42.35 3.14 -32.63
N ALA D 629 43.10 3.53 -33.66
CA ALA D 629 42.96 2.91 -34.98
C ALA D 629 43.33 1.44 -34.93
N LYS D 630 44.45 1.11 -34.29
CA LYS D 630 44.84 -0.29 -34.16
C LYS D 630 43.81 -1.09 -33.37
N ASN D 631 43.24 -0.48 -32.32
CA ASN D 631 42.22 -1.16 -31.52
C ASN D 631 41.00 -1.48 -32.38
N LEU D 632 40.46 -0.47 -33.08
CA LEU D 632 39.28 -0.71 -33.89
C LEU D 632 39.56 -1.69 -35.04
N ILE D 633 40.79 -1.68 -35.57
CA ILE D 633 41.13 -2.62 -36.63
C ILE D 633 41.15 -4.05 -36.09
N ASN D 634 41.79 -4.26 -34.94
CA ASN D 634 41.87 -5.61 -34.41
C ASN D 634 40.57 -6.10 -33.79
N LEU D 635 39.63 -5.20 -33.48
CA LEU D 635 38.33 -5.64 -32.98
C LEU D 635 37.27 -5.73 -34.06
N SER D 636 37.50 -5.13 -35.23
CA SER D 636 36.49 -5.12 -36.29
C SER D 636 36.81 -6.08 -37.43
N ILE D 637 38.03 -6.63 -37.49
CA ILE D 637 38.43 -7.49 -38.59
C ILE D 637 38.38 -8.98 -38.19
N GLY D 638 37.66 -9.30 -37.12
CA GLY D 638 37.59 -10.68 -36.66
C GLY D 638 36.18 -11.15 -36.38
N ALA D 639 35.23 -10.73 -37.19
CA ALA D 639 33.83 -11.10 -36.99
C ALA D 639 33.16 -11.37 -38.33
N SER D 640 31.94 -11.91 -38.25
CA SER D 640 31.15 -12.22 -39.43
C SER D 640 30.43 -10.96 -39.92
N ILE D 641 29.44 -11.14 -40.80
CA ILE D 641 28.71 -9.99 -41.33
C ILE D 641 27.64 -9.52 -40.35
N ALA D 642 26.96 -10.44 -39.67
CA ALA D 642 25.83 -10.07 -38.83
C ALA D 642 26.28 -9.34 -37.58
N ASP D 643 27.30 -9.85 -36.90
CA ASP D 643 27.78 -9.18 -35.69
C ASP D 643 28.41 -7.83 -36.01
N LEU D 644 29.10 -7.72 -37.16
CA LEU D 644 29.63 -6.41 -37.57
C LEU D 644 28.51 -5.44 -37.91
N ALA D 645 27.42 -5.95 -38.52
CA ALA D 645 26.28 -5.07 -38.79
C ALA D 645 25.64 -4.56 -37.50
N SER D 646 25.47 -5.45 -36.52
CA SER D 646 24.92 -5.01 -35.24
C SER D 646 25.88 -4.06 -34.53
N LEU D 647 27.20 -4.28 -34.65
CA LEU D 647 28.15 -3.40 -34.00
C LEU D 647 28.15 -2.01 -34.64
N GLU D 648 28.04 -1.95 -35.98
CA GLU D 648 27.97 -0.65 -36.64
C GLU D 648 26.65 0.04 -36.36
N GLN D 649 25.57 -0.71 -36.19
CA GLN D 649 24.31 -0.10 -35.76
C GLN D 649 24.45 0.52 -34.37
N LEU D 650 25.04 -0.22 -33.43
CA LEU D 650 25.28 0.32 -32.10
C LEU D 650 26.21 1.53 -32.15
N LEU D 651 27.21 1.53 -33.04
CA LEU D 651 28.12 2.65 -33.14
C LEU D 651 27.43 3.88 -33.71
N GLY D 652 26.58 3.69 -34.73
CA GLY D 652 25.80 4.80 -35.25
C GLY D 652 24.80 5.33 -34.23
N MET D 653 24.34 4.47 -33.32
CA MET D 653 23.47 4.94 -32.25
C MET D 653 24.23 5.73 -31.18
N MET D 654 25.56 5.74 -31.22
CA MET D 654 26.37 6.49 -30.28
C MET D 654 27.35 7.43 -30.97
N TYR D 655 27.15 7.69 -32.27
CA TYR D 655 28.02 8.57 -33.03
C TYR D 655 27.54 10.01 -33.04
N GLU D 656 26.36 10.30 -32.49
CA GLU D 656 25.83 11.65 -32.50
C GLU D 656 26.61 12.59 -31.59
N GLN D 657 27.41 12.06 -30.67
CA GLN D 657 28.21 12.90 -29.78
C GLN D 657 29.52 13.36 -30.42
N LYS D 658 29.83 12.90 -31.63
CA LYS D 658 31.06 13.26 -32.34
C LYS D 658 32.29 12.92 -31.49
N LEU D 659 32.45 11.62 -31.22
CA LEU D 659 33.57 11.16 -30.40
C LEU D 659 34.88 11.17 -31.18
N ILE D 660 34.87 10.59 -32.38
CA ILE D 660 36.07 10.53 -33.20
C ILE D 660 36.37 11.94 -33.71
N ASP D 661 37.49 12.50 -33.27
CA ASP D 661 37.86 13.85 -33.66
C ASP D 661 38.36 13.86 -35.11
N GLN D 662 38.72 15.07 -35.57
CA GLN D 662 39.19 15.22 -36.95
C GLN D 662 40.57 14.62 -37.14
N HIS D 663 41.40 14.62 -36.10
CA HIS D 663 42.75 14.05 -36.22
C HIS D 663 42.69 12.55 -36.48
N VAL D 664 41.78 11.85 -35.80
CA VAL D 664 41.64 10.41 -36.03
C VAL D 664 41.12 10.14 -37.44
N ILE D 665 40.20 10.98 -37.92
CA ILE D 665 39.71 10.82 -39.30
C ILE D 665 40.84 11.02 -40.29
N ASN D 666 41.68 12.04 -40.06
CA ASN D 666 42.80 12.28 -40.96
C ASN D 666 43.80 11.12 -40.91
N ILE D 667 44.07 10.58 -39.73
CA ILE D 667 45.05 9.51 -39.64
C ILE D 667 44.51 8.21 -40.26
N LEU D 668 43.20 7.96 -40.16
CA LEU D 668 42.66 6.77 -40.81
C LEU D 668 42.61 6.95 -42.32
N TRP D 669 42.33 8.17 -42.80
CA TRP D 669 42.40 8.42 -44.24
C TRP D 669 43.82 8.23 -44.75
N ALA D 670 44.82 8.67 -43.98
CA ALA D 670 46.21 8.48 -44.38
C ALA D 670 46.58 7.00 -44.38
N ILE D 671 46.10 6.24 -43.39
CA ILE D 671 46.35 4.80 -43.35
C ILE D 671 45.72 4.13 -44.57
N TYR D 672 44.51 4.52 -44.93
CA TYR D 672 43.86 3.96 -46.10
C TYR D 672 44.60 4.31 -47.38
N ASN D 673 45.09 5.54 -47.48
CA ASN D 673 45.84 5.96 -48.67
C ASN D 673 47.16 5.22 -48.77
N SER D 674 47.81 4.93 -47.63
CA SER D 674 49.06 4.19 -47.63
C SER D 674 48.87 2.69 -47.78
N ALA D 675 47.62 2.21 -47.76
CA ALA D 675 47.33 0.78 -47.89
C ALA D 675 47.28 0.32 -49.34
N SER D 676 47.67 1.17 -50.29
CA SER D 676 47.64 0.78 -51.69
C SER D 676 48.72 -0.24 -52.01
N LYS D 677 49.99 0.11 -51.73
CA LYS D 677 51.13 -0.77 -51.96
C LYS D 677 51.20 -1.23 -53.42
N GLY D 694 52.29 -2.70 -41.12
CA GLY D 694 52.04 -4.01 -40.55
C GLY D 694 50.67 -4.56 -40.89
N PHE D 695 50.46 -4.86 -42.18
CA PHE D 695 49.19 -5.40 -42.67
C PHE D 695 49.52 -6.59 -43.57
N SER D 696 49.61 -7.78 -42.96
CA SER D 696 49.93 -9.00 -43.70
C SER D 696 48.65 -9.74 -44.07
N LYS D 697 47.78 -9.04 -44.81
CA LYS D 697 46.50 -9.51 -45.33
C LYS D 697 45.42 -9.66 -44.27
N GLU D 698 45.74 -9.48 -42.99
CA GLU D 698 44.72 -9.55 -41.95
C GLU D 698 44.14 -8.19 -41.60
N GLN D 699 44.77 -7.10 -42.04
CA GLN D 699 44.27 -5.75 -41.78
C GLN D 699 44.04 -4.93 -43.04
N ILE D 700 44.56 -5.37 -44.20
CA ILE D 700 44.30 -4.66 -45.45
C ILE D 700 42.80 -4.59 -45.73
N HIS D 701 42.12 -5.73 -45.59
CA HIS D 701 40.67 -5.75 -45.74
C HIS D 701 39.99 -5.05 -44.56
N GLY D 702 40.54 -5.19 -43.36
CA GLY D 702 39.92 -4.58 -42.19
C GLY D 702 39.88 -3.08 -42.22
N SER D 703 40.86 -2.45 -42.88
CA SER D 703 40.87 -1.00 -43.00
C SER D 703 39.64 -0.51 -43.77
N ILE D 704 39.43 -1.05 -44.97
CA ILE D 704 38.27 -0.65 -45.75
C ILE D 704 36.98 -1.15 -45.10
N ILE D 705 37.05 -2.24 -44.34
CA ILE D 705 35.88 -2.72 -43.61
C ILE D 705 35.43 -1.68 -42.59
N ILE D 706 36.36 -1.19 -41.77
CA ILE D 706 35.99 -0.19 -40.78
C ILE D 706 35.68 1.14 -41.45
N LEU D 707 36.24 1.40 -42.63
CA LEU D 707 35.87 2.60 -43.38
C LEU D 707 34.39 2.56 -43.76
N GLY D 708 33.97 1.51 -44.45
CA GLY D 708 32.56 1.34 -44.78
C GLY D 708 31.69 1.17 -43.56
N MET D 709 32.27 0.77 -42.43
CA MET D 709 31.53 0.61 -41.19
C MET D 709 31.23 1.95 -40.53
N LEU D 710 32.21 2.86 -40.52
CA LEU D 710 32.01 4.18 -39.96
C LEU D 710 31.26 5.11 -40.91
N SER D 711 31.30 4.86 -42.22
CA SER D 711 30.56 5.71 -43.15
C SER D 711 29.05 5.53 -43.05
N LEU D 712 28.59 4.48 -42.35
CA LEU D 712 27.17 4.25 -42.15
C LEU D 712 26.56 5.14 -41.08
N ALA D 713 27.35 5.97 -40.41
CA ALA D 713 26.83 6.87 -39.37
C ALA D 713 26.56 8.27 -39.87
N ASP D 714 27.40 8.79 -40.78
CA ASP D 714 27.23 10.13 -41.32
C ASP D 714 27.46 10.11 -42.82
N ASN D 715 26.76 10.98 -43.54
CA ASN D 715 26.87 11.07 -44.99
C ASN D 715 28.00 11.99 -45.44
N GLU D 716 28.33 13.01 -44.65
CA GLU D 716 29.38 13.94 -45.05
C GLU D 716 30.77 13.31 -45.01
N ILE D 717 30.93 12.17 -44.33
CA ILE D 717 32.22 11.51 -44.28
C ILE D 717 32.53 10.86 -45.62
N ALA D 718 31.52 10.26 -46.27
CA ALA D 718 31.73 9.60 -47.54
C ALA D 718 31.65 10.56 -48.72
N LEU D 719 31.02 11.72 -48.54
CA LEU D 719 30.92 12.68 -49.63
C LEU D 719 32.27 13.33 -49.94
N LYS D 720 33.08 13.57 -48.90
CA LYS D 720 34.39 14.17 -49.07
C LYS D 720 35.45 13.10 -49.24
N GLY D 721 36.53 13.46 -49.93
CA GLY D 721 37.62 12.54 -50.17
C GLY D 721 37.28 11.45 -51.17
N LEU D 722 36.69 11.83 -52.29
CA LEU D 722 36.35 10.85 -53.31
C LEU D 722 37.59 10.38 -54.07
N GLU D 723 38.58 11.26 -54.27
CA GLU D 723 39.80 10.87 -54.95
C GLU D 723 40.60 9.84 -54.16
N SER D 724 40.40 9.76 -52.84
CA SER D 724 41.09 8.75 -52.05
C SER D 724 40.59 7.35 -52.41
N LEU D 725 39.29 7.22 -52.68
CA LEU D 725 38.73 5.94 -53.08
C LEU D 725 38.76 5.71 -54.58
N LEU D 726 38.97 6.77 -55.38
CA LEU D 726 39.01 6.61 -56.83
C LEU D 726 40.25 5.84 -57.26
N ASN D 727 41.42 6.23 -56.76
CA ASN D 727 42.67 5.60 -57.16
C ASN D 727 42.97 4.31 -56.40
N ILE D 728 42.15 3.95 -55.42
CA ILE D 728 42.38 2.74 -54.64
C ILE D 728 41.25 1.74 -54.88
N GLY D 729 40.02 2.16 -54.56
CA GLY D 729 38.89 1.28 -54.75
C GLY D 729 38.54 1.05 -56.21
N LEU D 730 38.86 2.00 -57.07
CA LEU D 730 38.58 1.90 -58.50
C LEU D 730 39.83 2.04 -59.35
N GLY D 731 41.00 2.10 -58.75
CA GLY D 731 42.27 2.29 -59.46
C GLY D 731 42.97 0.98 -59.72
N ALA D 732 44.31 1.03 -59.65
CA ALA D 732 45.11 -0.16 -59.91
C ALA D 732 44.99 -1.19 -58.79
N VAL D 733 44.64 -0.75 -57.58
CA VAL D 733 44.45 -1.69 -56.47
C VAL D 733 43.22 -2.55 -56.71
N GLY D 734 42.25 -2.05 -57.47
CA GLY D 734 41.03 -2.76 -57.75
C GLY D 734 41.17 -3.99 -58.64
N LEU D 735 42.39 -4.35 -59.02
CA LEU D 735 42.63 -5.52 -59.84
C LEU D 735 43.27 -6.68 -59.07
N LYS D 736 43.57 -6.48 -57.79
CA LYS D 736 44.22 -7.51 -56.99
C LYS D 736 43.19 -8.34 -56.22
N ASP D 737 42.38 -7.69 -55.38
CA ASP D 737 41.37 -8.36 -54.57
C ASP D 737 40.02 -7.75 -54.83
N LEU D 738 39.01 -8.60 -55.04
CA LEU D 738 37.67 -8.12 -55.31
C LEU D 738 36.89 -7.76 -54.05
N THR D 739 37.31 -8.27 -52.89
CA THR D 739 36.66 -7.87 -51.64
C THR D 739 36.90 -6.38 -51.36
N LEU D 740 38.11 -5.89 -51.65
CA LEU D 740 38.36 -4.46 -51.52
C LEU D 740 37.45 -3.66 -52.45
N CYS D 741 37.23 -4.15 -53.67
CA CYS D 741 36.33 -3.48 -54.59
C CYS D 741 34.90 -3.46 -54.03
N ARG D 742 34.44 -4.58 -53.48
CA ARG D 742 33.10 -4.64 -52.92
C ARG D 742 32.95 -3.65 -51.75
N TYR D 743 33.94 -3.61 -50.87
CA TYR D 743 33.85 -2.73 -49.71
C TYR D 743 33.92 -1.27 -50.12
N SER D 744 34.76 -0.93 -51.11
CA SER D 744 34.79 0.43 -51.62
C SER D 744 33.48 0.80 -52.30
N CYS D 745 32.83 -0.16 -52.97
CA CYS D 745 31.53 0.12 -53.57
C CYS D 745 30.48 0.36 -52.50
N LEU D 746 30.53 -0.40 -51.40
CA LEU D 746 29.69 -0.09 -50.25
C LEU D 746 29.93 1.34 -49.76
N ALA D 747 31.20 1.71 -49.61
CA ALA D 747 31.53 3.02 -49.08
C ALA D 747 31.03 4.14 -49.99
N LEU D 748 31.17 3.98 -51.31
CA LEU D 748 30.71 5.00 -52.23
C LEU D 748 29.20 5.01 -52.36
N GLU D 749 28.53 3.87 -52.14
CA GLU D 749 27.08 3.84 -52.22
C GLU D 749 26.42 4.54 -51.05
N ARG D 750 27.11 4.64 -49.91
CA ARG D 750 26.58 5.27 -48.71
C ARG D 750 26.80 6.78 -48.68
N MET D 751 27.09 7.40 -49.82
CA MET D 751 27.31 8.85 -49.84
C MET D 751 26.00 9.61 -49.65
N VAL D 752 25.01 9.33 -50.48
CA VAL D 752 23.71 9.99 -50.40
C VAL D 752 22.86 9.29 -49.33
N PRO D 753 22.38 10.02 -48.32
CA PRO D 753 21.57 9.44 -47.24
C PRO D 753 20.16 9.08 -47.72
N GLN D 765 30.74 15.91 -56.84
CA GLN D 765 30.82 15.60 -58.27
C GLN D 765 29.46 15.74 -58.94
N GLU D 766 29.44 16.43 -60.08
CA GLU D 766 28.21 16.62 -60.84
C GLU D 766 28.03 15.53 -61.90
N LEU D 767 28.16 14.28 -61.47
CA LEU D 767 28.02 13.11 -62.35
C LEU D 767 28.93 13.22 -63.57
N GLU D 768 30.12 13.80 -63.39
CA GLU D 768 31.06 13.99 -64.48
C GLU D 768 32.44 13.42 -64.18
N ASP D 769 32.65 12.83 -63.01
CA ASP D 769 33.95 12.29 -62.65
C ASP D 769 34.20 10.96 -63.35
N VAL D 770 35.33 10.33 -63.04
CA VAL D 770 35.73 9.07 -63.65
C VAL D 770 35.20 7.93 -62.77
N ALA D 771 34.45 8.29 -61.73
CA ALA D 771 33.91 7.28 -60.82
C ALA D 771 33.00 6.31 -61.55
N VAL D 772 32.01 6.82 -62.27
CA VAL D 772 31.11 5.95 -63.03
C VAL D 772 31.86 5.27 -64.17
N LYS D 773 32.85 5.95 -64.75
CA LYS D 773 33.64 5.35 -65.82
C LYS D 773 34.47 4.18 -65.29
N LYS D 774 35.15 4.38 -64.15
CA LYS D 774 35.93 3.30 -63.56
C LYS D 774 35.02 2.15 -63.12
N LEU D 775 33.83 2.47 -62.62
CA LEU D 775 32.90 1.42 -62.20
C LEU D 775 32.45 0.60 -63.40
N TYR D 776 32.10 1.26 -64.51
CA TYR D 776 31.73 0.54 -65.71
C TYR D 776 32.90 -0.26 -66.28
N ALA D 777 34.12 0.24 -66.11
CA ALA D 777 35.28 -0.53 -66.53
C ALA D 777 35.49 -1.77 -65.66
N ILE D 778 35.15 -1.67 -64.37
CA ILE D 778 35.24 -2.85 -63.51
C ILE D 778 34.09 -3.82 -63.79
N ILE D 779 32.98 -3.31 -64.34
CA ILE D 779 31.83 -4.15 -64.66
C ILE D 779 32.18 -5.28 -65.63
N ILE D 780 33.28 -5.14 -66.39
CA ILE D 780 33.65 -6.13 -67.39
C ILE D 780 33.78 -7.52 -66.73
N ASN D 781 33.55 -8.56 -67.53
CA ASN D 781 33.51 -9.93 -67.05
C ASN D 781 34.81 -10.30 -66.33
N TYR D 782 34.68 -10.72 -65.08
CA TYR D 782 35.81 -11.20 -64.28
C TYR D 782 35.54 -12.63 -63.84
N THR D 783 35.13 -13.48 -64.77
CA THR D 783 34.68 -14.83 -64.45
C THR D 783 35.86 -15.75 -64.17
N LYS D 784 35.61 -17.05 -64.13
CA LYS D 784 36.60 -18.07 -63.80
C LYS D 784 37.11 -17.91 -62.37
N ASP D 785 36.21 -17.60 -61.45
CA ASP D 785 36.54 -17.46 -60.04
C ASP D 785 35.27 -17.50 -59.22
N ASN D 786 35.37 -18.01 -58.00
CA ASN D 786 34.21 -18.11 -57.13
C ASN D 786 33.75 -16.73 -56.63
N GLU D 787 34.63 -15.75 -56.65
CA GLU D 787 34.29 -14.40 -56.20
C GLU D 787 33.60 -13.64 -57.34
N TYR D 788 33.49 -12.32 -57.19
CA TYR D 788 32.89 -11.36 -58.12
C TYR D 788 31.36 -11.37 -58.08
N TYR D 789 30.73 -12.27 -57.31
CA TYR D 789 29.27 -12.23 -57.21
C TYR D 789 28.80 -11.02 -56.40
N PRO D 790 29.13 -10.88 -55.11
CA PRO D 790 28.59 -9.74 -54.36
C PRO D 790 29.16 -8.41 -54.83
N MET D 791 30.37 -8.40 -55.37
CA MET D 791 30.95 -7.17 -55.92
C MET D 791 30.04 -6.59 -57.00
N CYS D 792 29.67 -7.41 -57.99
CA CYS D 792 28.78 -6.92 -59.04
C CYS D 792 27.37 -6.69 -58.49
N GLU D 793 26.92 -7.54 -57.56
CA GLU D 793 25.60 -7.37 -56.96
C GLU D 793 25.43 -5.98 -56.37
N GLN D 794 26.46 -5.48 -55.68
CA GLN D 794 26.39 -4.16 -55.09
C GLN D 794 26.79 -3.06 -56.07
N ALA D 795 27.65 -3.37 -57.05
CA ALA D 795 28.10 -2.36 -58.00
C ALA D 795 26.96 -1.92 -58.92
N LEU D 796 26.14 -2.87 -59.36
CA LEU D 796 25.00 -2.51 -60.21
C LEU D 796 24.04 -1.59 -59.46
N SER D 797 23.79 -1.88 -58.18
CA SER D 797 22.93 -1.02 -57.38
C SER D 797 23.56 0.35 -57.18
N ALA D 798 24.86 0.39 -56.88
CA ALA D 798 25.53 1.68 -56.70
C ALA D 798 25.54 2.50 -57.98
N LEU D 799 25.52 1.85 -59.13
CA LEU D 799 25.46 2.56 -60.40
C LEU D 799 24.04 3.02 -60.72
N PHE D 800 23.02 2.25 -60.31
CA PHE D 800 21.65 2.58 -60.70
C PHE D 800 20.97 3.55 -59.75
N THR D 801 21.11 3.38 -58.43
CA THR D 801 20.37 4.24 -57.49
C THR D 801 20.82 5.68 -57.55
N ILE D 802 22.09 5.94 -57.90
CA ILE D 802 22.61 7.30 -58.01
C ILE D 802 23.25 7.43 -59.39
N SER D 803 22.55 8.09 -60.31
CA SER D 803 23.02 8.32 -61.66
C SER D 803 22.10 9.34 -62.32
N SER D 804 22.50 9.78 -63.51
CA SER D 804 21.68 10.72 -64.28
C SER D 804 20.49 10.00 -64.91
N LYS D 805 20.76 8.96 -65.69
CA LYS D 805 19.71 8.15 -66.32
C LYS D 805 20.15 6.70 -66.31
N PRO D 806 19.65 5.90 -65.36
CA PRO D 806 20.07 4.49 -65.29
C PRO D 806 19.53 3.63 -66.43
N ASP D 807 18.52 4.11 -67.17
CA ASP D 807 17.92 3.28 -68.22
C ASP D 807 18.87 3.09 -69.39
N ILE D 808 19.49 4.18 -69.86
CA ILE D 808 20.42 4.06 -70.98
C ILE D 808 21.65 3.26 -70.58
N LEU D 809 22.10 3.40 -69.33
CA LEU D 809 23.24 2.62 -68.87
C LEU D 809 22.88 1.14 -68.77
N ALA D 810 21.67 0.83 -68.32
CA ALA D 810 21.23 -0.56 -68.26
C ALA D 810 21.13 -1.16 -69.66
N THR D 811 20.61 -0.39 -70.62
CA THR D 811 20.55 -0.88 -71.99
C THR D 811 21.93 -1.12 -72.56
N ASP D 812 22.86 -0.19 -72.31
CA ASP D 812 24.24 -0.36 -72.78
C ASP D 812 24.86 -1.61 -72.17
N LEU D 813 24.62 -1.84 -70.87
CA LEU D 813 25.18 -3.00 -70.21
C LEU D 813 24.62 -4.30 -70.78
N ILE D 814 23.29 -4.38 -70.92
CA ILE D 814 22.69 -5.61 -71.43
C ILE D 814 22.98 -5.80 -72.91
N ARG D 815 23.39 -4.75 -73.62
CA ARG D 815 23.79 -4.92 -75.01
C ARG D 815 25.24 -5.38 -75.13
N GLU D 816 26.13 -4.83 -74.30
CA GLU D 816 27.54 -5.19 -74.37
C GLU D 816 27.85 -6.50 -73.64
N LYS D 817 26.95 -6.99 -72.80
CA LYS D 817 27.19 -8.20 -72.04
C LYS D 817 26.77 -9.46 -72.78
N THR D 818 25.66 -9.40 -73.54
CA THR D 818 25.16 -10.56 -74.26
C THR D 818 25.97 -10.92 -75.50
N MET D 819 27.09 -10.24 -75.78
CA MET D 819 27.90 -10.58 -76.94
C MET D 819 28.60 -11.92 -76.80
N MET D 820 28.74 -12.43 -75.58
CA MET D 820 29.39 -13.72 -75.36
C MET D 820 28.37 -14.81 -75.09
N VAL D 840 32.78 -21.64 -69.04
CA VAL D 840 32.03 -21.20 -70.22
C VAL D 840 30.61 -20.82 -69.83
N VAL D 841 29.95 -21.70 -69.08
CA VAL D 841 28.58 -21.43 -68.65
C VAL D 841 28.53 -20.37 -67.56
N SER D 842 29.64 -20.13 -66.86
CA SER D 842 29.67 -19.10 -65.83
C SER D 842 29.39 -17.72 -66.41
N LEU D 843 29.76 -17.50 -67.68
CA LEU D 843 29.43 -16.25 -68.35
C LEU D 843 27.92 -16.03 -68.39
N SER D 844 27.19 -17.02 -68.90
CA SER D 844 25.74 -16.91 -68.95
C SER D 844 25.12 -16.85 -67.56
N GLN D 845 25.71 -17.56 -66.58
CA GLN D 845 25.23 -17.48 -65.21
C GLN D 845 25.31 -16.05 -64.69
N LEU D 846 26.48 -15.42 -64.83
CA LEU D 846 26.64 -14.03 -64.38
C LEU D 846 25.75 -13.09 -65.19
N LEU D 847 25.53 -13.38 -66.47
CA LEU D 847 24.66 -12.53 -67.28
C LEU D 847 23.22 -12.58 -66.75
N PHE D 848 22.70 -13.77 -66.48
CA PHE D 848 21.37 -13.88 -65.90
C PHE D 848 21.31 -13.21 -64.54
N ILE D 849 22.37 -13.36 -63.73
CA ILE D 849 22.40 -12.73 -62.41
C ILE D 849 22.29 -11.22 -62.54
N VAL D 850 23.13 -10.62 -63.38
CA VAL D 850 23.15 -9.16 -63.48
C VAL D 850 21.86 -8.66 -64.11
N GLY D 851 21.27 -9.42 -65.04
CA GLY D 851 20.00 -9.01 -65.62
C GLY D 851 18.87 -9.03 -64.60
N GLN D 852 18.80 -10.08 -63.78
CA GLN D 852 17.78 -10.15 -62.74
C GLN D 852 17.95 -9.02 -61.73
N VAL D 853 19.18 -8.79 -61.28
CA VAL D 853 19.40 -7.72 -60.32
C VAL D 853 19.13 -6.36 -60.95
N ALA D 854 19.40 -6.21 -62.25
CA ALA D 854 19.10 -4.96 -62.92
C ALA D 854 17.61 -4.70 -63.00
N ILE D 855 16.81 -5.73 -63.29
CA ILE D 855 15.37 -5.52 -63.34
C ILE D 855 14.82 -5.27 -61.93
N LYS D 856 15.40 -5.90 -60.91
CA LYS D 856 14.96 -5.65 -59.54
C LYS D 856 15.26 -4.21 -59.13
N THR D 857 16.48 -3.74 -59.39
CA THR D 857 16.82 -2.36 -59.08
C THR D 857 16.04 -1.38 -59.94
N LEU D 858 15.65 -1.77 -61.16
CA LEU D 858 14.83 -0.90 -61.98
C LEU D 858 13.43 -0.74 -61.37
N VAL D 859 12.84 -1.83 -60.89
CA VAL D 859 11.58 -1.73 -60.16
C VAL D 859 11.74 -0.86 -58.92
N TYR D 860 12.89 -1.01 -58.23
CA TYR D 860 13.14 -0.21 -57.03
C TYR D 860 13.20 1.28 -57.36
N LEU D 861 13.92 1.65 -58.41
CA LEU D 861 13.99 3.06 -58.80
C LEU D 861 12.65 3.58 -59.29
N GLU D 862 11.87 2.74 -59.98
CA GLU D 862 10.52 3.16 -60.37
C GLU D 862 9.69 3.50 -59.14
N LYS D 863 9.73 2.62 -58.12
CA LYS D 863 8.98 2.87 -56.90
C LYS D 863 9.49 4.12 -56.19
N CYS D 864 10.82 4.31 -56.14
CA CYS D 864 11.37 5.45 -55.41
C CYS D 864 11.04 6.77 -56.10
N GLU D 865 11.14 6.80 -57.43
CA GLU D 865 10.74 8.01 -58.16
C GLU D 865 9.25 8.26 -58.03
N ALA D 866 8.44 7.19 -57.99
CA ALA D 866 7.01 7.36 -57.80
C ALA D 866 6.70 8.02 -56.47
N GLU D 867 7.32 7.51 -55.38
CA GLU D 867 7.03 8.09 -54.07
C GLU D 867 7.67 9.47 -53.91
N PHE D 868 8.77 9.74 -54.61
CA PHE D 868 9.33 11.10 -54.63
C PHE D 868 8.38 12.07 -55.30
N LYS D 869 7.81 11.68 -56.45
CA LYS D 869 6.86 12.55 -57.13
C LYS D 869 5.56 12.68 -56.34
N LYS D 870 5.18 11.65 -55.58
CA LYS D 870 3.98 11.76 -54.74
C LYS D 870 4.23 12.62 -53.52
N ARG D 871 5.47 12.67 -53.02
CA ARG D 871 5.82 13.49 -51.87
C ARG D 871 6.29 14.88 -52.26
N LYS D 872 5.91 15.37 -53.44
CA LYS D 872 6.34 16.69 -53.87
C LYS D 872 5.61 17.78 -53.10
N ILE D 873 4.28 17.72 -53.09
CA ILE D 873 3.43 18.71 -52.41
C ILE D 873 3.72 20.11 -52.91
N ASP D 899 1.91 12.19 -61.42
CA ASP D 899 1.55 10.80 -61.19
C ASP D 899 0.18 10.48 -61.78
N LYS D 900 0.16 9.57 -62.75
CA LYS D 900 -1.08 9.15 -63.42
C LYS D 900 -1.56 7.78 -62.97
N GLU D 901 -0.82 7.12 -62.08
CA GLU D 901 -1.18 5.79 -61.57
C GLU D 901 -1.34 4.76 -62.69
N LEU D 902 -0.58 4.94 -63.78
CA LEU D 902 -0.63 4.03 -64.91
C LEU D 902 0.72 3.46 -65.30
N GLU D 903 1.83 4.13 -64.96
CA GLU D 903 3.16 3.64 -65.30
C GLU D 903 3.79 2.79 -64.21
N MET D 904 3.18 2.73 -63.03
CA MET D 904 3.71 1.92 -61.94
C MET D 904 3.07 0.54 -61.90
N ILE D 905 1.74 0.48 -61.78
CA ILE D 905 1.05 -0.80 -61.75
C ILE D 905 0.95 -1.39 -63.15
N GLY D 906 0.73 -0.55 -64.15
CA GLY D 906 0.64 -1.01 -65.52
C GLY D 906 1.94 -1.01 -66.29
N GLY D 907 3.01 -0.46 -65.72
CA GLY D 907 4.28 -0.41 -66.40
C GLY D 907 5.17 -1.61 -66.10
N THR D 908 4.60 -2.80 -66.19
CA THR D 908 5.35 -4.04 -65.94
C THR D 908 5.25 -5.03 -67.09
N ASN D 909 4.48 -4.73 -68.13
CA ASN D 909 4.32 -5.61 -69.29
C ASN D 909 5.17 -5.14 -70.47
N GLU D 910 6.36 -4.60 -70.20
CA GLU D 910 7.22 -4.07 -71.24
C GLU D 910 8.02 -5.20 -71.89
N ASP D 912 9.03 -4.84 -72.68
CA ASP D 912 9.83 -5.80 -73.40
C ASP D 912 10.85 -6.45 -72.45
N PHE D 913 11.84 -7.13 -73.03
CA PHE D 913 12.88 -7.85 -72.27
C PHE D 913 12.25 -8.95 -71.42
N THR D 914 11.61 -9.90 -72.10
CA THR D 914 10.96 -11.02 -71.44
C THR D 914 12.00 -12.04 -71.00
N ASP D 915 11.54 -13.20 -70.55
CA ASP D 915 12.43 -14.24 -70.02
C ASP D 915 12.29 -15.54 -70.80
N ALA D 916 12.30 -15.45 -72.13
CA ALA D 916 12.13 -16.65 -72.96
C ALA D 916 13.34 -17.56 -72.87
N ILE D 917 14.48 -17.06 -72.40
CA ILE D 917 15.71 -17.84 -72.37
C ILE D 917 16.04 -18.34 -70.96
N GLN D 918 15.43 -17.77 -69.92
CA GLN D 918 15.79 -18.12 -68.55
C GLN D 918 15.17 -19.44 -68.10
N PHE D 919 14.06 -19.86 -68.70
CA PHE D 919 13.38 -21.07 -68.26
C PHE D 919 13.70 -22.29 -69.12
N VAL D 920 14.40 -22.12 -70.24
CA VAL D 920 14.73 -23.27 -71.07
C VAL D 920 15.91 -24.06 -70.53
N LYS D 921 16.63 -23.54 -69.54
CA LYS D 921 17.77 -24.22 -68.96
C LYS D 921 17.37 -25.17 -67.84
N GLU D 922 16.29 -24.87 -67.12
CA GLU D 922 15.85 -25.73 -66.02
C GLU D 922 15.38 -27.08 -66.54
N ASN D 923 14.42 -27.07 -67.45
CA ASN D 923 13.88 -28.31 -68.01
C ASN D 923 14.80 -28.86 -69.09
N MET D 954 25.84 -25.58 -58.90
CA MET D 954 26.52 -24.39 -59.40
C MET D 954 25.98 -24.02 -60.78
N LEU D 955 25.51 -25.01 -61.52
CA LEU D 955 25.00 -24.77 -62.87
C LEU D 955 23.56 -24.28 -62.84
N GLN D 956 22.66 -25.07 -62.24
CA GLN D 956 21.24 -24.72 -62.19
C GLN D 956 20.90 -23.82 -61.00
N ARG D 957 21.87 -23.48 -60.16
CA ARG D 957 21.60 -22.63 -59.00
C ARG D 957 21.06 -21.28 -59.44
N THR D 958 21.85 -20.54 -60.22
CA THR D 958 21.41 -19.23 -60.71
C THR D 958 20.15 -19.35 -61.56
N ALA D 959 19.97 -20.49 -62.25
CA ALA D 959 18.75 -20.70 -63.02
C ALA D 959 17.53 -20.71 -62.11
N THR D 960 17.58 -21.49 -61.02
CA THR D 960 16.47 -21.51 -60.08
C THR D 960 16.28 -20.15 -59.43
N LEU D 961 17.38 -19.46 -59.11
CA LEU D 961 17.27 -18.14 -58.49
C LEU D 961 16.54 -17.15 -59.40
N CYS D 962 16.94 -17.07 -60.67
CA CYS D 962 16.27 -16.13 -61.57
C CYS D 962 14.84 -16.55 -61.87
N LEU D 963 14.60 -17.87 -61.99
CA LEU D 963 13.24 -18.34 -62.27
C LEU D 963 12.30 -18.01 -61.12
N GLU D 964 12.81 -18.05 -59.88
CA GLU D 964 11.98 -17.67 -58.74
C GLU D 964 11.92 -16.17 -58.52
N LYS D 965 12.92 -15.42 -59.01
CA LYS D 965 12.89 -13.98 -58.84
C LYS D 965 12.01 -13.30 -59.88
N LEU D 966 11.81 -13.92 -61.04
CA LEU D 966 10.87 -13.35 -62.01
C LEU D 966 9.42 -13.37 -61.54
N MET D 967 9.14 -13.85 -60.33
CA MET D 967 7.79 -13.89 -59.81
C MET D 967 7.24 -12.51 -59.46
N CYS D 968 8.10 -11.49 -59.39
CA CYS D 968 7.67 -10.13 -59.08
C CYS D 968 7.45 -9.29 -60.33
N LEU D 969 7.34 -9.90 -61.51
CA LEU D 969 7.15 -9.18 -62.76
C LEU D 969 5.67 -9.28 -63.13
N SER D 970 4.90 -8.28 -62.70
CA SER D 970 3.47 -8.15 -62.97
C SER D 970 2.64 -9.29 -62.39
N SER D 971 3.26 -10.16 -61.59
CA SER D 971 2.60 -11.28 -60.92
C SER D 971 1.98 -12.28 -61.90
N LYS D 972 2.27 -12.15 -63.19
CA LYS D 972 1.73 -13.10 -64.17
C LYS D 972 2.56 -14.37 -64.24
N TYR D 973 3.86 -14.29 -63.95
CA TYR D 973 4.69 -15.49 -63.94
C TYR D 973 4.20 -16.51 -62.92
N CYS D 974 3.58 -16.05 -61.84
CA CYS D 974 2.98 -16.98 -60.88
C CYS D 974 1.91 -17.83 -61.55
N GLU D 975 0.83 -17.19 -62.00
CA GLU D 975 -0.25 -17.91 -62.69
C GLU D 975 0.22 -18.62 -63.94
N LYS D 976 1.42 -18.30 -64.44
CA LYS D 976 1.95 -18.97 -65.62
C LYS D 976 2.70 -20.27 -65.29
N SER D 977 3.54 -20.25 -64.25
CA SER D 977 4.43 -21.37 -64.01
C SER D 977 4.56 -21.74 -62.53
N LEU D 978 3.50 -21.57 -61.74
CA LEU D 978 3.54 -22.09 -60.37
C LEU D 978 3.73 -23.60 -60.30
N PRO D 979 2.99 -24.43 -61.05
CA PRO D 979 3.24 -25.88 -60.97
C PRO D 979 4.64 -26.27 -61.39
N LEU D 980 5.19 -25.62 -62.41
CA LEU D 980 6.54 -25.94 -62.88
C LEU D 980 7.57 -25.67 -61.80
N LEU D 981 7.51 -24.48 -61.18
CA LEU D 981 8.46 -24.15 -60.14
C LEU D 981 8.27 -25.04 -58.91
N ILE D 982 7.02 -25.36 -58.58
CA ILE D 982 6.78 -26.27 -57.45
C ILE D 982 7.40 -27.63 -57.72
N THR D 983 7.25 -28.14 -58.95
CA THR D 983 7.81 -29.45 -59.28
C THR D 983 9.33 -29.43 -59.28
N VAL D 984 9.94 -28.37 -59.81
CA VAL D 984 11.40 -28.34 -59.86
C VAL D 984 12.02 -28.02 -58.51
N MET D 985 11.24 -27.45 -57.57
CA MET D 985 11.75 -27.17 -56.24
C MET D 985 11.52 -28.30 -55.26
N GLU D 986 10.45 -29.09 -55.44
CA GLU D 986 10.18 -30.19 -54.54
C GLU D 986 11.19 -31.33 -54.68
N LYS D 987 11.91 -31.39 -55.80
CA LYS D 987 12.90 -32.43 -56.06
C LYS D 987 14.28 -31.82 -56.25
N SER D 988 14.60 -30.80 -55.46
CA SER D 988 15.90 -30.14 -55.54
C SER D 988 16.87 -30.81 -54.59
N PRO D 989 17.92 -31.47 -55.08
CA PRO D 989 18.88 -32.11 -54.16
C PRO D 989 19.74 -31.12 -53.39
N ASP D 990 19.98 -29.93 -53.95
CA ASP D 990 20.83 -28.95 -53.30
C ASP D 990 20.07 -28.29 -52.14
N PRO D 991 20.58 -28.37 -50.91
CA PRO D 991 19.88 -27.71 -49.79
C PRO D 991 19.87 -26.20 -49.90
N THR D 992 20.92 -25.61 -50.48
CA THR D 992 20.94 -24.16 -50.66
C THR D 992 19.82 -23.71 -51.59
N ILE D 993 19.55 -24.48 -52.65
CA ILE D 993 18.48 -24.14 -53.56
C ILE D 993 17.12 -24.27 -52.86
N ARG D 994 16.99 -25.27 -51.99
CA ARG D 994 15.73 -25.42 -51.25
C ARG D 994 15.52 -24.25 -50.28
N SER D 995 16.58 -23.80 -49.61
CA SER D 995 16.46 -22.65 -48.74
C SER D 995 16.13 -21.39 -49.52
N ASN D 996 16.75 -21.21 -50.69
CA ASN D 996 16.41 -20.08 -51.54
C ASN D 996 14.95 -20.14 -51.96
N ALA D 997 14.46 -21.33 -52.29
CA ALA D 997 13.06 -21.47 -52.69
C ALA D 997 12.12 -21.14 -51.55
N VAL D 998 12.40 -21.62 -50.35
CA VAL D 998 11.49 -21.35 -49.24
C VAL D 998 11.53 -19.88 -48.85
N LEU D 999 12.70 -19.23 -48.92
CA LEU D 999 12.75 -17.82 -48.58
C LEU D 999 12.07 -16.96 -49.65
N GLY D 1000 12.21 -17.34 -50.92
CA GLY D 1000 11.49 -16.63 -51.97
C GLY D 1000 9.99 -16.81 -51.86
N LEU D 1001 9.54 -18.01 -51.50
CA LEU D 1001 8.11 -18.23 -51.32
C LEU D 1001 7.58 -17.46 -50.12
N GLY D 1002 8.38 -17.35 -49.06
CA GLY D 1002 7.97 -16.54 -47.92
C GLY D 1002 7.94 -15.05 -48.22
N ASP D 1003 8.86 -14.59 -49.08
CA ASP D 1003 8.86 -13.19 -49.45
C ASP D 1003 7.74 -12.85 -50.43
N MET D 1004 7.36 -13.82 -51.28
CA MET D 1004 6.31 -13.59 -52.27
C MET D 1004 4.92 -13.48 -51.65
N ALA D 1005 4.78 -13.73 -50.35
CA ALA D 1005 3.47 -13.62 -49.71
C ALA D 1005 2.98 -12.18 -49.64
N VAL D 1006 3.89 -11.20 -49.72
CA VAL D 1006 3.46 -9.80 -49.69
C VAL D 1006 2.98 -9.35 -51.06
N CYS D 1007 3.72 -9.69 -52.11
CA CYS D 1007 3.35 -9.32 -53.47
C CYS D 1007 2.93 -10.54 -54.28
N VAL D 1012 -1.45 -10.20 -54.53
CA VAL D 1012 -1.48 -11.18 -53.45
C VAL D 1012 -2.21 -12.44 -53.90
N ASP D 1013 -1.56 -13.59 -53.77
CA ASP D 1013 -2.12 -14.87 -54.15
C ASP D 1013 -2.17 -15.79 -52.93
N GLU D 1014 -3.15 -16.69 -52.92
CA GLU D 1014 -3.33 -17.63 -51.81
C GLU D 1014 -2.60 -18.92 -52.16
N ASN D 1015 -1.31 -18.97 -51.82
CA ASN D 1015 -0.48 -20.14 -52.07
C ASN D 1015 -0.28 -20.98 -50.82
N THR D 1016 -1.30 -21.05 -49.96
CA THR D 1016 -1.21 -21.81 -48.73
C THR D 1016 -1.17 -23.32 -49.03
N ASP D 1017 -0.90 -24.10 -47.98
CA ASP D 1017 -0.83 -25.56 -48.05
C ASP D 1017 0.25 -26.05 -49.00
N TYR D 1018 1.20 -25.19 -49.36
CA TYR D 1018 2.30 -25.57 -50.24
C TYR D 1018 3.67 -25.25 -49.65
N LEU D 1019 3.79 -24.14 -48.93
CA LEU D 1019 5.06 -23.77 -48.31
C LEU D 1019 5.31 -24.53 -47.02
N TYR D 1020 4.26 -25.04 -46.36
CA TYR D 1020 4.40 -25.79 -45.13
C TYR D 1020 4.84 -27.22 -45.35
N ARG D 1021 4.98 -27.66 -46.60
CA ARG D 1021 5.42 -29.02 -46.88
C ARG D 1021 6.92 -29.20 -46.74
N ARG D 1022 7.70 -28.13 -46.86
CA ARG D 1022 9.15 -28.18 -46.74
C ARG D 1022 9.63 -27.80 -45.34
N LEU D 1023 8.75 -27.86 -44.34
CA LEU D 1023 9.15 -27.54 -42.98
C LEU D 1023 10.03 -28.61 -42.36
N HIS D 1024 9.98 -29.83 -42.87
CA HIS D 1024 10.77 -30.95 -42.35
C HIS D 1024 11.62 -31.51 -43.49
N ASP D 1025 12.88 -31.11 -43.54
CA ASP D 1025 13.82 -31.55 -44.56
C ASP D 1025 15.00 -32.25 -43.91
N GLU D 1026 15.88 -32.79 -44.75
CA GLU D 1026 17.05 -33.52 -44.25
C GLU D 1026 18.12 -32.57 -43.71
N ASN D 1027 18.20 -31.35 -44.26
CA ASN D 1027 19.17 -30.38 -43.83
C ASN D 1027 18.59 -29.46 -42.77
N LEU D 1028 19.44 -29.05 -41.82
CA LEU D 1028 18.99 -28.18 -40.75
C LEU D 1028 18.94 -26.71 -41.19
N MET D 1029 19.81 -26.30 -42.11
CA MET D 1029 19.80 -24.92 -42.57
C MET D 1029 18.53 -24.59 -43.33
N VAL D 1030 18.05 -25.52 -44.15
CA VAL D 1030 16.79 -25.30 -44.87
C VAL D 1030 15.63 -25.17 -43.90
N GLN D 1031 15.60 -26.01 -42.86
CA GLN D 1031 14.56 -25.92 -41.84
C GLN D 1031 14.62 -24.58 -41.11
N ARG D 1032 15.83 -24.14 -40.75
CA ARG D 1032 15.99 -22.86 -40.07
C ARG D 1032 15.49 -21.72 -40.94
N THR D 1033 15.87 -21.72 -42.22
CA THR D 1033 15.44 -20.64 -43.12
C THR D 1033 13.93 -20.66 -43.31
N CYS D 1034 13.33 -21.84 -43.48
CA CYS D 1034 11.90 -21.89 -43.73
C CYS D 1034 11.12 -21.47 -42.49
N LEU D 1035 11.54 -21.90 -41.30
CA LEU D 1035 10.86 -21.46 -40.10
C LEU D 1035 11.05 -19.97 -39.86
N MET D 1036 12.21 -19.42 -40.23
CA MET D 1036 12.41 -17.99 -40.10
C MET D 1036 11.46 -17.21 -41.00
N THR D 1037 11.34 -17.64 -42.26
CA THR D 1037 10.42 -16.97 -43.17
C THR D 1037 8.97 -17.14 -42.73
N VAL D 1038 8.64 -18.29 -42.14
CA VAL D 1038 7.29 -18.51 -41.65
C VAL D 1038 6.98 -17.58 -40.49
N THR D 1039 7.92 -17.45 -39.55
CA THR D 1039 7.72 -16.54 -38.42
C THR D 1039 7.73 -15.08 -38.87
N PHE D 1040 8.39 -14.77 -39.99
CA PHE D 1040 8.43 -13.40 -40.47
C PHE D 1040 7.15 -13.02 -41.21
N LEU D 1041 6.60 -13.94 -42.01
CA LEU D 1041 5.41 -13.63 -42.77
C LEU D 1041 4.17 -13.49 -41.90
N ILE D 1042 4.15 -14.14 -40.73
CA ILE D 1042 2.99 -14.05 -39.85
C ILE D 1042 2.88 -12.69 -39.17
N LEU D 1043 3.98 -11.93 -39.14
CA LEU D 1043 3.94 -10.61 -38.50
C LEU D 1043 3.23 -9.60 -39.40
N ALA D 1044 3.45 -9.68 -40.71
CA ALA D 1044 2.83 -8.74 -41.65
C ALA D 1044 2.77 -9.41 -43.02
N GLY D 1045 1.56 -9.62 -43.54
CA GLY D 1045 1.39 -10.24 -44.83
C GLY D 1045 0.71 -11.59 -44.76
N GLN D 1046 -0.09 -11.80 -43.72
CA GLN D 1046 -0.82 -13.06 -43.54
C GLN D 1046 -2.18 -12.82 -42.91
N GLY D 1051 -4.75 -20.92 -39.03
CA GLY D 1051 -4.83 -22.27 -39.55
C GLY D 1051 -3.47 -22.89 -39.82
N GLN D 1052 -3.48 -24.19 -40.14
CA GLN D 1052 -2.29 -25.00 -40.43
C GLN D 1052 -1.12 -24.68 -39.50
N LEU D 1053 -1.40 -24.52 -38.20
CA LEU D 1053 -0.39 -24.24 -37.20
C LEU D 1053 0.00 -25.49 -36.42
N GLY D 1054 0.02 -26.65 -37.07
CA GLY D 1054 0.34 -27.89 -36.41
C GLY D 1054 1.83 -28.18 -36.31
N GLU D 1055 2.54 -28.05 -37.44
CA GLU D 1055 3.97 -28.36 -37.47
C GLU D 1055 4.77 -27.41 -36.61
N MET D 1056 4.28 -26.17 -36.41
CA MET D 1056 4.99 -25.22 -35.57
C MET D 1056 5.03 -25.68 -34.12
N ALA D 1057 4.12 -26.54 -33.70
CA ALA D 1057 4.19 -27.16 -32.38
C ALA D 1057 4.90 -28.50 -32.39
N LYS D 1058 4.97 -29.17 -33.55
CA LYS D 1058 5.70 -30.42 -33.64
C LYS D 1058 7.21 -30.19 -33.67
N CYS D 1059 7.66 -29.07 -34.21
CA CYS D 1059 9.09 -28.76 -34.26
C CYS D 1059 9.64 -28.24 -32.94
N LEU D 1060 8.88 -28.36 -31.84
CA LEU D 1060 9.32 -27.84 -30.56
C LEU D 1060 10.35 -28.74 -29.90
N ASP D 1061 10.21 -30.06 -30.02
CA ASP D 1061 11.10 -31.03 -29.40
C ASP D 1061 12.08 -31.62 -30.41
N ASN D 1062 12.51 -30.82 -31.37
CA ASN D 1062 13.44 -31.23 -32.40
C ASN D 1062 14.88 -30.99 -31.95
N PRO D 1063 15.85 -31.63 -32.61
CA PRO D 1063 17.26 -31.34 -32.29
C PRO D 1063 17.68 -29.96 -32.79
N ASP D 1064 18.97 -29.64 -32.67
CA ASP D 1064 19.49 -28.31 -33.02
C ASP D 1064 18.80 -27.24 -32.17
N GLN D 1065 19.10 -27.30 -30.87
CA GLN D 1065 18.46 -26.51 -29.82
C GLN D 1065 18.22 -25.05 -30.19
N GLY D 1066 19.06 -24.49 -31.06
CA GLY D 1066 18.78 -23.15 -31.56
C GLY D 1066 17.43 -23.04 -32.23
N ILE D 1067 17.02 -24.09 -32.95
CA ILE D 1067 15.70 -24.11 -33.57
C ILE D 1067 14.61 -24.05 -32.51
N SER D 1068 14.75 -24.83 -31.43
CA SER D 1068 13.77 -24.81 -30.36
C SER D 1068 13.74 -23.45 -29.67
N ASP D 1069 14.90 -22.82 -29.50
CA ASP D 1069 14.94 -21.50 -28.89
C ASP D 1069 14.25 -20.46 -29.76
N MET D 1070 14.49 -20.51 -31.07
CA MET D 1070 13.80 -19.59 -31.98
C MET D 1070 12.29 -19.83 -31.97
N CYS D 1071 11.88 -21.10 -31.90
CA CYS D 1071 10.46 -21.40 -31.85
C CYS D 1071 9.82 -20.89 -30.57
N ARG D 1072 10.53 -21.03 -29.43
CA ARG D 1072 10.01 -20.51 -28.17
C ARG D 1072 9.93 -18.99 -28.19
N LEU D 1073 10.93 -18.33 -28.79
CA LEU D 1073 10.90 -16.88 -28.91
C LEU D 1073 9.73 -16.43 -29.78
N PHE D 1074 9.45 -17.17 -30.87
CA PHE D 1074 8.31 -16.83 -31.71
C PHE D 1074 7.00 -17.06 -30.98
N PHE D 1075 6.90 -18.13 -30.20
CA PHE D 1075 5.68 -18.41 -29.44
C PHE D 1075 5.45 -17.36 -28.37
N THR D 1076 6.52 -16.86 -27.75
CA THR D 1076 6.37 -15.83 -26.73
C THR D 1076 6.18 -14.43 -27.32
N GLU D 1077 6.59 -14.22 -28.57
CA GLU D 1077 6.43 -12.91 -29.19
C GLU D 1077 5.01 -12.65 -29.66
N LEU D 1078 4.30 -13.69 -30.11
CA LEU D 1078 2.95 -13.54 -30.60
C LEU D 1078 1.93 -13.26 -29.50
N ALA D 1079 2.31 -13.44 -28.23
CA ALA D 1079 1.40 -13.20 -27.11
C ALA D 1079 1.45 -11.72 -26.73
N SER D 1080 0.97 -10.90 -27.65
CA SER D 1080 0.94 -9.45 -27.44
C SER D 1080 -0.44 -8.88 -27.75
N GLY D 1088 -5.91 -15.16 -30.39
CA GLY D 1088 -6.48 -15.87 -29.25
C GLY D 1088 -5.84 -17.21 -29.00
N PHE D 1089 -5.92 -17.67 -27.76
CA PHE D 1089 -5.34 -18.96 -27.38
C PHE D 1089 -6.31 -20.12 -27.54
N ILE D 1090 -7.62 -19.87 -27.48
CA ILE D 1090 -8.59 -20.96 -27.64
C ILE D 1090 -8.50 -21.55 -29.04
N ASP D 1091 -8.23 -20.72 -30.05
CA ASP D 1091 -8.12 -21.22 -31.42
C ASP D 1091 -6.96 -22.19 -31.56
N ILE D 1092 -5.78 -21.81 -31.08
CA ILE D 1092 -4.62 -22.70 -31.20
C ILE D 1092 -4.78 -23.91 -30.28
N PHE D 1093 -5.48 -23.76 -29.16
CA PHE D 1093 -5.75 -24.92 -28.31
C PHE D 1093 -6.64 -25.94 -29.01
N SER D 1094 -7.70 -25.46 -29.67
CA SER D 1094 -8.54 -26.35 -30.45
C SER D 1094 -7.78 -26.97 -31.62
N ASN D 1095 -6.93 -26.19 -32.28
CA ASN D 1095 -6.12 -26.73 -33.36
C ASN D 1095 -5.21 -27.85 -32.87
N LEU D 1096 -4.58 -27.65 -31.71
CA LEU D 1096 -3.72 -28.69 -31.16
C LEU D 1096 -4.50 -29.91 -30.73
N SER D 1097 -5.67 -29.73 -30.11
CA SER D 1097 -6.47 -30.88 -29.69
C SER D 1097 -7.00 -31.65 -30.89
N SER D 1098 -7.19 -30.98 -32.02
CA SER D 1098 -7.62 -31.66 -33.23
C SER D 1098 -6.47 -32.33 -33.96
N ASP D 1099 -5.28 -31.74 -33.94
CA ASP D 1099 -4.12 -32.31 -34.62
C ASP D 1099 -3.38 -33.34 -33.78
N ASP D 1100 -3.75 -33.49 -32.50
CA ASP D 1100 -3.10 -34.49 -31.65
C ASP D 1100 -3.31 -35.91 -32.17
N LEU D 1101 -4.24 -36.12 -33.09
CA LEU D 1101 -4.51 -37.44 -33.66
C LEU D 1101 -3.61 -37.75 -34.86
N LEU D 1102 -2.45 -37.09 -34.96
CA LEU D 1102 -1.56 -37.33 -36.09
C LEU D 1102 -0.89 -38.69 -36.01
N GLY D 1103 -0.65 -39.19 -34.79
CA GLY D 1103 -0.02 -40.48 -34.62
C GLY D 1103 1.42 -40.54 -35.11
N LYS D 1104 2.12 -39.42 -35.13
CA LYS D 1104 3.50 -39.36 -35.60
C LYS D 1104 4.49 -39.06 -34.49
N GLU D 1105 4.19 -38.08 -33.63
CA GLU D 1105 5.07 -37.70 -32.54
C GLU D 1105 4.83 -38.61 -31.33
N SER D 1106 5.91 -38.94 -30.63
CA SER D 1106 5.84 -39.80 -29.47
C SER D 1106 6.75 -39.24 -28.37
N PHE D 1107 6.24 -39.28 -27.13
CA PHE D 1107 6.95 -38.82 -25.94
C PHE D 1107 7.27 -37.33 -25.97
N LYS D 1108 6.66 -36.56 -26.89
CA LYS D 1108 6.87 -35.13 -26.97
C LYS D 1108 5.57 -34.34 -27.00
N LYS D 1109 4.41 -35.00 -26.85
CA LYS D 1109 3.15 -34.28 -26.83
C LYS D 1109 2.96 -33.52 -25.53
N ILE D 1110 3.29 -34.14 -24.39
CA ILE D 1110 3.15 -33.48 -23.11
C ILE D 1110 4.09 -32.29 -23.00
N ILE D 1111 5.29 -32.42 -23.55
CA ILE D 1111 6.26 -31.32 -23.50
C ILE D 1111 5.73 -30.13 -24.31
N LYS D 1112 5.22 -30.39 -25.50
CA LYS D 1112 4.68 -29.31 -26.32
C LYS D 1112 3.46 -28.68 -25.66
N PHE D 1113 2.61 -29.49 -25.03
CA PHE D 1113 1.43 -28.95 -24.35
C PHE D 1113 1.84 -28.07 -23.18
N LEU D 1114 2.85 -28.49 -22.41
CA LEU D 1114 3.34 -27.65 -21.32
C LEU D 1114 4.01 -26.40 -21.85
N LEU D 1115 4.61 -26.46 -23.03
CA LEU D 1115 5.25 -25.28 -23.61
C LEU D 1115 4.21 -24.26 -24.07
N THR D 1116 3.13 -24.72 -24.69
CA THR D 1116 2.12 -23.79 -25.20
C THR D 1116 1.17 -23.30 -24.12
N PHE D 1117 1.19 -23.88 -22.93
CA PHE D 1117 0.31 -23.48 -21.84
C PHE D 1117 0.95 -22.46 -20.90
N ILE D 1118 2.09 -21.89 -21.29
CA ILE D 1118 2.74 -20.90 -20.43
C ILE D 1118 1.91 -19.61 -20.37
N ASP D 1119 1.39 -19.18 -21.51
CA ASP D 1119 0.58 -17.97 -21.60
C ASP D 1119 -0.89 -18.37 -21.56
N LYS D 1120 -1.58 -17.98 -20.49
CA LYS D 1120 -2.99 -18.29 -20.33
C LYS D 1120 -3.84 -17.37 -21.20
N GLU D 1121 -5.15 -17.59 -21.18
CA GLU D 1121 -6.10 -16.81 -21.96
C GLU D 1121 -6.99 -15.94 -21.08
N ARG D 1122 -6.64 -15.76 -19.81
CA ARG D 1122 -7.22 -14.74 -18.93
C ARG D 1122 -8.66 -15.04 -18.52
N HIS D 1123 -9.24 -16.12 -19.04
CA HIS D 1123 -10.60 -16.51 -18.69
C HIS D 1123 -10.66 -17.80 -17.88
N GLN D 1124 -10.07 -18.88 -18.42
CA GLN D 1124 -10.01 -20.17 -17.72
C GLN D 1124 -11.40 -20.70 -17.36
N LYS D 1125 -12.41 -20.35 -18.16
CA LYS D 1125 -13.78 -20.79 -17.89
C LYS D 1125 -14.44 -21.47 -19.08
N GLN D 1126 -14.16 -21.01 -20.30
CA GLN D 1126 -14.81 -21.57 -21.48
C GLN D 1126 -14.16 -22.88 -21.91
N LEU D 1127 -12.82 -22.90 -21.96
CA LEU D 1127 -12.12 -24.11 -22.37
C LEU D 1127 -12.35 -25.25 -21.38
N ASN D 1128 -12.57 -24.92 -20.11
CA ASN D 1128 -12.84 -25.96 -19.12
C ASN D 1128 -14.11 -26.73 -19.46
N GLU D 1129 -15.23 -26.02 -19.64
CA GLU D 1129 -16.47 -26.70 -20.00
C GLU D 1129 -16.40 -27.29 -21.41
N LYS D 1130 -15.60 -26.69 -22.29
CA LYS D 1130 -15.43 -27.26 -23.63
C LYS D 1130 -14.74 -28.62 -23.56
N LEU D 1131 -13.78 -28.77 -22.65
CA LEU D 1131 -13.09 -30.05 -22.48
C LEU D 1131 -13.93 -31.05 -21.72
N VAL D 1132 -14.71 -30.59 -20.74
CA VAL D 1132 -15.62 -31.49 -20.03
C VAL D 1132 -16.72 -32.00 -20.97
N GLY D 1133 -17.10 -31.19 -21.97
CA GLY D 1133 -18.10 -31.62 -22.92
C GLY D 1133 -17.64 -32.75 -23.83
N ARG D 1134 -16.33 -32.85 -24.04
CA ARG D 1134 -15.77 -33.90 -24.91
C ARG D 1134 -14.35 -34.21 -24.47
N LEU D 1135 -14.15 -35.39 -23.90
CA LEU D 1135 -12.83 -35.83 -23.47
C LEU D 1135 -12.78 -37.35 -23.54
N ARG D 1136 -11.75 -37.89 -24.18
CA ARG D 1136 -11.63 -39.33 -24.39
C ARG D 1136 -10.39 -39.92 -23.74
N LYS D 1137 -9.21 -39.36 -24.01
CA LYS D 1137 -7.96 -39.97 -23.57
C LYS D 1137 -7.68 -39.64 -22.11
N CYS D 1138 -6.73 -40.37 -21.54
CA CYS D 1138 -6.30 -40.13 -20.16
C CYS D 1138 -5.35 -38.95 -20.04
N GLU D 1139 -4.65 -38.60 -21.12
CA GLU D 1139 -3.81 -37.41 -21.09
C GLU D 1139 -4.62 -36.16 -20.83
N THR D 1140 -5.88 -36.14 -21.27
CA THR D 1140 -6.77 -35.01 -20.97
C THR D 1140 -6.94 -34.86 -19.46
N GLN D 1141 -7.25 -35.95 -18.76
CA GLN D 1141 -7.37 -35.88 -17.31
C GLN D 1141 -6.04 -35.49 -16.66
N LYS D 1142 -4.94 -36.10 -17.11
CA LYS D 1142 -3.65 -35.86 -16.46
C LYS D 1142 -3.20 -34.41 -16.63
N GLN D 1143 -3.45 -33.80 -17.79
CA GLN D 1143 -3.08 -32.41 -18.00
C GLN D 1143 -4.13 -31.43 -17.51
N TRP D 1144 -5.36 -31.89 -17.24
CA TRP D 1144 -6.30 -31.07 -16.51
C TRP D 1144 -5.89 -30.96 -15.05
N ASP D 1145 -5.39 -32.06 -14.48
CA ASP D 1145 -4.77 -31.96 -13.16
C ASP D 1145 -3.49 -31.13 -13.22
N ASP D 1146 -2.71 -31.27 -14.29
CA ASP D 1146 -1.46 -30.51 -14.39
C ASP D 1146 -1.72 -29.00 -14.44
N ILE D 1147 -2.27 -28.49 -15.54
CA ILE D 1147 -2.69 -27.10 -15.55
C ILE D 1147 -4.10 -26.91 -16.09
N ALA D 1148 -4.29 -27.13 -17.40
CA ALA D 1148 -5.57 -26.83 -18.03
C ALA D 1148 -6.20 -28.01 -18.76
N PHE D 1149 -5.45 -28.61 -19.67
CA PHE D 1149 -6.01 -29.56 -20.64
C PHE D 1149 -6.24 -30.93 -20.00
N UNK D 1177 -15.40 -27.16 -13.96
CA UNK D 1177 -15.20 -27.10 -12.52
C UNK D 1177 -14.53 -28.36 -12.00
N UNK D 1178 -14.20 -28.37 -10.71
CA UNK D 1178 -13.55 -29.52 -10.09
C UNK D 1178 -14.54 -30.65 -9.86
N UNK D 1179 -15.76 -30.29 -9.46
CA UNK D 1179 -16.81 -31.27 -9.19
C UNK D 1179 -17.19 -32.03 -10.46
N UNK D 1180 -17.32 -31.30 -11.57
CA UNK D 1180 -17.67 -31.90 -12.84
C UNK D 1180 -16.58 -32.85 -13.32
N UNK D 1181 -15.33 -32.45 -13.13
CA UNK D 1181 -14.19 -33.27 -13.52
C UNK D 1181 -14.09 -34.52 -12.65
N UNK D 1182 -14.46 -34.39 -11.39
CA UNK D 1182 -14.43 -35.52 -10.46
C UNK D 1182 -15.55 -36.51 -10.79
N UNK D 1183 -16.70 -35.97 -11.20
CA UNK D 1183 -17.83 -36.79 -11.57
C UNK D 1183 -17.58 -37.53 -12.87
N UNK D 1184 -17.00 -36.83 -13.85
CA UNK D 1184 -16.70 -37.43 -15.15
C UNK D 1184 -15.48 -38.34 -15.05
N UNK D 1185 -14.62 -38.06 -14.08
CA UNK D 1185 -13.40 -38.86 -13.88
C UNK D 1185 -12.94 -38.79 -12.44
#